data_3PU4
#
_entry.id   3PU4
#
_cell.length_a   165.477
_cell.length_b   235.065
_cell.length_c   75.498
_cell.angle_alpha   90.000
_cell.angle_beta   90.000
_cell.angle_gamma   90.000
#
_symmetry.space_group_name_H-M   'P 21 21 2'
#
loop_
_entity.id
_entity.type
_entity.pdbx_description
1 polymer Nucleoprotein
2 polymer 'RNA (45-MER)'
3 non-polymer 'URANYL (VI) ION'
#
loop_
_entity_poly.entity_id
_entity_poly.type
_entity_poly.pdbx_seq_one_letter_code
_entity_poly.pdbx_strand_id
1 'polypeptide(L)'
;SVTVKRIIDNTVIVPKLPANEDPVEYPADYFRKSKEIPLYINTTKSLSDLRGYVYQGLKSGNVSIIHVNSYLYGALKDIR
GKLDKDWSSFGINIGKAGDTIGIFDLVSLKALDGVLPDGVSDASRTSADDKWLPLYLLGLYRVGRTQMPEYRKKLMDGLT
NQCKMINEQFEPLVPEGRDIFDVWGNDSNYTKIVAAVDMFFHMFKKHECASFRYGTIVSRFKDCAALATFGHLCKITGMS
TEDVTTWILNREVADEMVQMMLPGQEIDKADSYMPYLIDFGLSSKSPYSSVKNPAFHFWGQLTALLLRSTRARNARQPDD
IEYTSLTTAGLLYAYAVGSSADLAQQFCVGDNKYTPDDSTGGLTTNAPPQGRDVVEWLGWFEDQNRKPTPDMMQYAKRAV
MSLQGLREKTIGKYAKSEFDK
;
A,B,C,D,E
2 'polyribonucleotide' UUUUUUUUUUUUUUUUUUUUUUUUUUUUUUUUUUUUUUUUUUUUU R
#
loop_
_chem_comp.id
_chem_comp.type
_chem_comp.name
_chem_comp.formula
IUM non-polymer 'URANYL (VI) ION' 'O2 U 2'
U RNA linking URIDINE-5'-MONOPHOSPHATE 'C9 H13 N2 O9 P'
#
# COMPACT_ATOMS: atom_id res chain seq x y z
N SER A 1 -14.47 -33.88 -5.13
CA SER A 1 -13.63 -34.30 -4.00
C SER A 1 -14.38 -34.03 -2.69
N VAL A 2 -15.58 -34.57 -2.57
CA VAL A 2 -16.38 -34.29 -1.39
C VAL A 2 -15.60 -34.62 -0.12
N THR A 3 -14.50 -35.38 -0.27
CA THR A 3 -13.73 -35.84 0.90
C THR A 3 -12.23 -35.60 0.86
N VAL A 4 -11.71 -34.94 1.91
CA VAL A 4 -10.30 -34.58 2.02
C VAL A 4 -9.71 -35.11 3.30
N LYS A 5 -8.62 -35.89 3.22
CA LYS A 5 -7.98 -36.36 4.45
C LYS A 5 -6.61 -35.74 4.60
N ARG A 6 -6.15 -35.64 5.84
CA ARG A 6 -4.81 -35.15 6.12
C ARG A 6 -3.81 -36.30 6.24
N ILE A 7 -2.84 -36.37 5.34
CA ILE A 7 -2.02 -37.57 5.28
C ILE A 7 -1.33 -37.96 6.59
N ILE A 8 -0.69 -37.01 7.26
CA ILE A 8 0.07 -37.35 8.46
C ILE A 8 -0.69 -38.24 9.45
N ASP A 9 -2.02 -38.12 9.52
CA ASP A 9 -2.74 -38.83 10.56
C ASP A 9 -4.14 -39.34 10.15
N ASN A 10 -4.40 -39.36 8.85
CA ASN A 10 -5.65 -39.86 8.31
C ASN A 10 -6.94 -39.32 8.90
N THR A 11 -6.94 -38.08 9.38
CA THR A 11 -8.18 -37.46 9.86
C THR A 11 -8.82 -36.62 8.76
N VAL A 12 -10.14 -36.54 8.77
CA VAL A 12 -10.87 -35.75 7.77
C VAL A 12 -10.91 -34.28 8.15
N ILE A 13 -10.64 -33.43 7.16
CA ILE A 13 -10.83 -31.99 7.29
C ILE A 13 -11.93 -31.60 6.30
N VAL A 14 -12.82 -30.70 6.68
CA VAL A 14 -13.91 -30.34 5.77
C VAL A 14 -13.85 -28.88 5.37
N PRO A 15 -13.12 -28.57 4.31
CA PRO A 15 -12.92 -27.21 3.86
C PRO A 15 -14.25 -26.56 3.58
N LYS A 16 -14.49 -25.44 4.24
CA LYS A 16 -15.70 -24.68 4.00
C LYS A 16 -15.32 -23.22 4.14
N LEU A 17 -16.10 -22.32 3.54
CA LEU A 17 -15.84 -20.89 3.69
C LEU A 17 -17.11 -20.04 3.62
N PRO A 18 -17.10 -18.89 4.31
CA PRO A 18 -18.27 -18.01 4.53
C PRO A 18 -19.23 -17.92 3.36
N ALA A 19 -20.52 -17.88 3.68
CA ALA A 19 -21.57 -17.84 2.69
C ALA A 19 -21.70 -16.44 2.12
N ASN A 20 -21.81 -16.37 0.79
CA ASN A 20 -22.12 -15.12 0.12
C ASN A 20 -23.47 -15.26 -0.55
N GLU A 21 -24.21 -14.15 -0.68
CA GLU A 21 -25.57 -14.25 -1.19
C GLU A 21 -25.85 -13.38 -2.42
N ASP A 22 -26.27 -12.14 -2.18
CA ASP A 22 -26.77 -11.27 -3.24
C ASP A 22 -27.13 -12.04 -4.53
N PRO A 23 -28.25 -12.76 -4.49
CA PRO A 23 -28.83 -13.37 -5.68
C PRO A 23 -29.48 -12.26 -6.48
N VAL A 24 -29.41 -12.34 -7.80
CA VAL A 24 -29.94 -11.27 -8.63
C VAL A 24 -31.45 -11.36 -8.71
N GLU A 25 -32.05 -10.29 -9.18
CA GLU A 25 -33.47 -10.28 -9.37
C GLU A 25 -33.78 -9.79 -10.77
N TYR A 26 -34.42 -10.63 -11.56
CA TYR A 26 -34.78 -10.28 -12.93
C TYR A 26 -36.05 -9.45 -12.99
N PRO A 27 -36.26 -8.78 -14.12
CA PRO A 27 -37.46 -7.95 -14.19
C PRO A 27 -38.70 -8.78 -14.29
N ALA A 28 -38.78 -9.64 -15.28
CA ALA A 28 -39.98 -10.44 -15.43
C ALA A 28 -40.41 -10.99 -14.08
N ASP A 29 -39.55 -11.78 -13.44
CA ASP A 29 -39.86 -12.42 -12.15
C ASP A 29 -40.11 -11.28 -11.13
N TYR A 30 -41.04 -10.39 -11.45
CA TYR A 30 -41.47 -9.29 -10.58
C TYR A 30 -42.87 -8.87 -10.97
N PHE A 31 -43.11 -8.70 -12.26
CA PHE A 31 -44.47 -8.55 -12.75
C PHE A 31 -45.22 -9.88 -12.56
N ARG A 32 -44.61 -10.79 -11.82
CA ARG A 32 -45.34 -11.90 -11.25
C ARG A 32 -46.09 -11.29 -10.10
N LYS A 33 -45.35 -10.80 -9.10
CA LYS A 33 -45.92 -10.12 -7.92
C LYS A 33 -46.94 -9.03 -8.26
N SER A 34 -46.47 -7.80 -8.34
CA SER A 34 -47.34 -6.68 -8.70
C SER A 34 -47.69 -6.71 -10.18
N LYS A 35 -48.57 -5.82 -10.61
CA LYS A 35 -48.84 -5.67 -12.02
C LYS A 35 -48.96 -4.18 -12.31
N GLU A 36 -48.27 -3.38 -11.51
CA GLU A 36 -48.25 -1.94 -11.68
C GLU A 36 -47.01 -1.38 -11.00
N ILE A 37 -46.48 -0.27 -11.52
CA ILE A 37 -45.38 0.37 -10.81
C ILE A 37 -45.87 1.66 -10.09
N PRO A 38 -46.04 1.59 -8.75
CA PRO A 38 -46.60 2.64 -7.93
C PRO A 38 -45.68 3.84 -7.91
N LEU A 39 -46.26 5.02 -8.13
CA LEU A 39 -45.52 6.28 -8.08
C LEU A 39 -46.17 7.19 -7.05
N TYR A 40 -45.64 7.20 -5.83
CA TYR A 40 -46.21 8.01 -4.77
C TYR A 40 -45.85 9.47 -4.90
N ILE A 41 -46.40 10.13 -5.90
CA ILE A 41 -46.40 11.59 -5.96
C ILE A 41 -47.39 12.03 -4.89
N ASN A 42 -46.86 12.67 -3.85
CA ASN A 42 -47.68 12.90 -2.68
C ASN A 42 -48.54 14.15 -2.83
N THR A 43 -48.39 15.06 -1.88
CA THR A 43 -49.23 16.23 -1.83
C THR A 43 -49.69 16.63 -3.24
N THR A 44 -50.92 17.13 -3.29
CA THR A 44 -51.50 17.63 -4.52
C THR A 44 -52.04 19.05 -4.27
N LYS A 45 -51.11 20.00 -4.24
CA LYS A 45 -51.40 21.41 -4.08
C LYS A 45 -51.25 22.10 -5.43
N SER A 46 -51.50 23.40 -5.47
CA SER A 46 -51.45 24.15 -6.72
C SER A 46 -50.09 24.07 -7.42
N LEU A 47 -50.11 24.04 -8.75
CA LEU A 47 -48.87 24.02 -9.51
C LEU A 47 -48.20 25.36 -9.38
N SER A 48 -49.01 26.41 -9.51
CA SER A 48 -48.54 27.79 -9.36
C SER A 48 -47.74 27.95 -8.07
N ASP A 49 -48.21 27.31 -7.01
CA ASP A 49 -47.55 27.35 -5.71
C ASP A 49 -46.23 26.64 -5.80
N LEU A 50 -46.29 25.40 -6.28
CA LEU A 50 -45.13 24.51 -6.39
C LEU A 50 -44.02 25.14 -7.22
N ARG A 51 -44.38 25.65 -8.39
CA ARG A 51 -43.45 26.41 -9.21
C ARG A 51 -42.65 27.39 -8.34
N GLY A 52 -43.34 27.97 -7.36
CA GLY A 52 -42.73 28.84 -6.38
C GLY A 52 -41.78 28.13 -5.44
N TYR A 53 -42.28 27.19 -4.65
CA TYR A 53 -41.45 26.52 -3.65
C TYR A 53 -40.11 26.07 -4.21
N VAL A 54 -40.09 25.66 -5.47
CA VAL A 54 -38.84 25.24 -6.08
C VAL A 54 -38.02 26.44 -6.50
N TYR A 55 -38.57 27.25 -7.41
CA TYR A 55 -37.79 28.36 -7.93
C TYR A 55 -37.09 29.09 -6.78
N GLN A 56 -37.75 29.11 -5.62
CA GLN A 56 -37.15 29.61 -4.38
C GLN A 56 -36.12 28.58 -3.87
N GLY A 57 -36.60 27.45 -3.37
CA GLY A 57 -35.72 26.45 -2.79
C GLY A 57 -34.44 26.21 -3.57
N LEU A 58 -34.52 26.37 -4.89
CA LEU A 58 -33.36 26.19 -5.75
C LEU A 58 -32.38 27.33 -5.53
N LYS A 59 -32.82 28.55 -5.83
CA LYS A 59 -31.98 29.73 -5.65
C LYS A 59 -31.44 29.80 -4.22
N SER A 60 -32.26 29.32 -3.29
CA SER A 60 -31.87 29.24 -1.89
C SER A 60 -30.65 28.33 -1.68
N GLY A 61 -30.82 27.03 -1.93
CA GLY A 61 -29.78 26.08 -1.63
C GLY A 61 -30.37 24.93 -0.83
N ASN A 62 -31.69 24.88 -0.80
CA ASN A 62 -32.40 23.75 -0.25
C ASN A 62 -33.87 23.83 -0.63
N VAL A 63 -34.43 22.67 -0.92
CA VAL A 63 -35.80 22.56 -1.36
C VAL A 63 -36.17 21.10 -1.21
N SER A 64 -37.37 20.85 -0.69
CA SER A 64 -37.76 19.49 -0.39
C SER A 64 -37.84 18.67 -1.65
N ILE A 65 -37.29 17.46 -1.61
CA ILE A 65 -37.46 16.59 -2.72
C ILE A 65 -38.96 16.45 -2.93
N ILE A 66 -39.70 16.19 -1.85
CA ILE A 66 -41.14 15.98 -1.99
C ILE A 66 -41.78 17.02 -2.89
N HIS A 67 -41.30 18.25 -2.79
CA HIS A 67 -41.90 19.34 -3.53
C HIS A 67 -41.59 19.21 -5.01
N VAL A 68 -40.31 19.07 -5.33
CA VAL A 68 -39.91 18.95 -6.74
C VAL A 68 -40.61 17.79 -7.49
N ASN A 69 -40.67 16.62 -6.88
CA ASN A 69 -41.48 15.52 -7.40
C ASN A 69 -42.87 16.01 -7.77
N SER A 70 -43.56 16.59 -6.80
CA SER A 70 -44.91 17.11 -7.01
C SER A 70 -44.97 18.13 -8.15
N TYR A 71 -44.03 19.05 -8.18
CA TYR A 71 -43.98 20.02 -9.27
C TYR A 71 -43.82 19.36 -10.62
N LEU A 72 -42.84 18.46 -10.74
CA LEU A 72 -42.63 17.71 -11.97
C LEU A 72 -43.92 17.04 -12.44
N TYR A 73 -44.50 16.18 -11.61
CA TYR A 73 -45.77 15.58 -11.97
C TYR A 73 -46.71 16.66 -12.50
N GLY A 74 -46.66 17.84 -11.87
CA GLY A 74 -47.50 18.95 -12.26
C GLY A 74 -47.29 19.42 -13.68
N ALA A 75 -46.07 19.84 -14.00
CA ALA A 75 -45.74 20.39 -15.32
C ALA A 75 -45.61 19.33 -16.44
N LEU A 76 -45.60 18.06 -16.06
CA LEU A 76 -45.36 16.99 -17.03
C LEU A 76 -46.59 16.21 -17.45
N LYS A 77 -47.74 16.50 -16.87
CA LYS A 77 -48.93 15.73 -17.22
C LYS A 77 -49.48 16.03 -18.62
N ASP A 78 -48.72 16.79 -19.42
CA ASP A 78 -48.90 16.77 -20.89
C ASP A 78 -49.17 15.32 -21.32
N ILE A 79 -50.41 15.07 -21.74
CA ILE A 79 -50.80 13.75 -22.21
C ILE A 79 -50.47 13.65 -23.71
N ARG A 80 -49.29 14.12 -24.08
CA ARG A 80 -48.90 14.22 -25.49
C ARG A 80 -48.53 12.85 -26.05
N GLY A 81 -48.36 12.77 -27.37
CA GLY A 81 -47.94 11.52 -27.99
C GLY A 81 -49.02 10.51 -28.39
N LYS A 82 -49.10 10.23 -29.69
CA LYS A 82 -50.09 9.32 -30.25
C LYS A 82 -49.44 8.00 -30.66
N LEU A 83 -49.89 6.90 -30.07
CA LEU A 83 -49.30 5.58 -30.32
C LEU A 83 -49.19 5.20 -31.79
N ASP A 84 -47.95 5.13 -32.27
CA ASP A 84 -47.64 4.70 -33.64
C ASP A 84 -48.27 3.33 -33.92
N LYS A 85 -47.73 2.29 -33.28
CA LYS A 85 -48.29 0.94 -33.38
C LYS A 85 -48.94 0.59 -32.05
N ASP A 86 -48.80 -0.65 -31.60
CA ASP A 86 -49.25 -1.01 -30.26
C ASP A 86 -48.12 -0.84 -29.25
N TRP A 87 -48.39 -1.15 -27.97
CA TRP A 87 -47.35 -1.03 -26.93
C TRP A 87 -47.65 -1.82 -25.68
N SER A 88 -46.79 -2.77 -25.37
CA SER A 88 -46.95 -3.58 -24.16
C SER A 88 -45.64 -4.27 -23.76
N SER A 89 -45.49 -4.47 -22.46
CA SER A 89 -44.27 -5.04 -21.91
C SER A 89 -44.62 -5.89 -20.71
N PHE A 90 -44.00 -7.05 -20.61
CA PHE A 90 -44.17 -7.91 -19.45
C PHE A 90 -45.64 -8.14 -19.09
N GLY A 91 -46.50 -8.17 -20.10
CA GLY A 91 -47.90 -8.42 -19.84
C GLY A 91 -48.71 -7.15 -19.69
N ILE A 92 -48.15 -6.14 -19.03
CA ILE A 92 -48.82 -4.85 -18.90
C ILE A 92 -49.11 -4.23 -20.26
N ASN A 93 -50.37 -3.89 -20.52
CA ASN A 93 -50.73 -3.26 -21.78
C ASN A 93 -50.78 -1.75 -21.64
N ILE A 94 -49.68 -1.09 -21.95
CA ILE A 94 -49.52 0.33 -21.69
C ILE A 94 -50.47 1.19 -22.52
N GLY A 95 -50.59 0.85 -23.81
CA GLY A 95 -51.63 1.41 -24.64
C GLY A 95 -51.94 0.53 -25.84
N LYS A 96 -52.11 1.16 -27.00
CA LYS A 96 -52.32 0.43 -28.24
C LYS A 96 -52.49 1.39 -29.41
N ALA A 97 -52.86 0.84 -30.58
CA ALA A 97 -52.94 1.62 -31.80
C ALA A 97 -53.81 2.86 -31.60
N GLY A 98 -53.62 3.86 -32.47
CA GLY A 98 -53.41 5.22 -32.02
C GLY A 98 -54.36 5.61 -30.90
N ASP A 99 -54.20 4.96 -29.76
CA ASP A 99 -54.43 5.61 -28.47
C ASP A 99 -53.59 6.88 -28.29
N THR A 100 -54.06 7.74 -27.39
CA THR A 100 -53.25 8.87 -26.99
C THR A 100 -52.90 8.65 -25.52
N ILE A 101 -51.61 8.72 -25.20
CA ILE A 101 -51.14 8.52 -23.83
C ILE A 101 -50.09 9.55 -23.41
N GLY A 102 -49.90 9.70 -22.11
CA GLY A 102 -48.89 10.60 -21.58
C GLY A 102 -47.94 9.92 -20.61
N ILE A 103 -46.83 10.58 -20.33
CA ILE A 103 -45.77 10.04 -19.48
C ILE A 103 -46.28 9.22 -18.31
N PHE A 104 -47.15 9.79 -17.51
CA PHE A 104 -47.51 9.13 -16.28
C PHE A 104 -48.53 8.04 -16.46
N ASP A 105 -48.58 7.52 -17.68
CA ASP A 105 -49.39 6.33 -17.90
C ASP A 105 -48.56 5.13 -17.45
N LEU A 106 -47.92 5.33 -16.30
CA LEU A 106 -47.20 4.29 -15.57
C LEU A 106 -47.38 4.45 -14.01
N VAL A 107 -48.66 4.56 -13.62
CA VAL A 107 -49.28 4.05 -12.36
C VAL A 107 -49.30 4.88 -11.05
N SER A 108 -50.08 5.97 -11.00
CA SER A 108 -49.97 6.98 -9.92
C SER A 108 -50.80 6.77 -8.62
N LEU A 109 -50.11 6.71 -7.49
CA LEU A 109 -50.76 6.68 -6.18
C LEU A 109 -50.32 7.93 -5.41
N LYS A 110 -51.11 8.34 -4.40
CA LYS A 110 -50.76 9.51 -3.58
C LYS A 110 -50.53 9.08 -2.15
N ALA A 111 -49.87 9.92 -1.35
CA ALA A 111 -49.62 9.51 0.04
C ALA A 111 -49.19 10.60 1.00
N LEU A 112 -48.93 10.17 2.24
CA LEU A 112 -48.50 11.04 3.34
C LEU A 112 -49.28 12.36 3.49
N ASP A 113 -48.79 13.23 4.37
CA ASP A 113 -49.53 14.44 4.73
C ASP A 113 -48.65 15.67 4.99
N GLY A 114 -47.48 15.46 5.58
CA GLY A 114 -46.60 16.55 5.96
C GLY A 114 -45.83 17.22 4.83
N VAL A 115 -45.69 18.55 4.90
CA VAL A 115 -44.94 19.31 3.89
C VAL A 115 -44.02 20.36 4.51
N LEU A 116 -43.87 21.50 3.84
CA LEU A 116 -42.99 22.58 4.32
C LEU A 116 -43.67 23.98 4.34
N PRO A 117 -43.03 25.03 3.76
CA PRO A 117 -43.75 26.32 3.73
C PRO A 117 -45.29 26.24 3.46
N ASP A 118 -46.04 27.23 3.97
CA ASP A 118 -47.51 27.24 3.89
C ASP A 118 -48.06 27.49 2.48
N GLY A 119 -49.21 26.87 2.18
CA GLY A 119 -50.03 27.10 1.00
C GLY A 119 -49.49 27.75 -0.27
N VAL A 120 -48.94 28.96 -0.17
CA VAL A 120 -48.63 29.78 -1.34
C VAL A 120 -47.37 30.68 -1.19
N SER A 121 -46.30 30.33 -1.91
CA SER A 121 -45.04 31.08 -1.83
C SER A 121 -45.05 32.42 -2.58
N ASP A 122 -43.92 32.74 -3.21
CA ASP A 122 -43.74 33.99 -3.95
C ASP A 122 -44.29 33.91 -5.38
N ALA A 123 -45.39 34.63 -5.62
CA ALA A 123 -46.08 34.57 -6.90
C ALA A 123 -45.18 35.02 -8.05
N SER A 124 -44.08 35.67 -7.70
CA SER A 124 -43.15 36.26 -8.67
C SER A 124 -42.95 35.47 -9.98
N ARG A 125 -43.03 34.13 -9.91
CA ARG A 125 -42.72 33.29 -11.06
C ARG A 125 -43.93 32.83 -11.87
N THR A 126 -43.81 32.94 -13.20
CA THR A 126 -44.89 32.64 -14.13
C THR A 126 -44.63 31.34 -14.93
N SER A 127 -45.35 31.19 -16.05
CA SER A 127 -45.19 30.03 -16.93
C SER A 127 -43.93 30.06 -17.81
N ALA A 128 -42.85 30.66 -17.31
CA ALA A 128 -41.51 30.26 -17.71
C ALA A 128 -41.37 28.97 -16.94
N ASP A 129 -42.21 28.03 -17.32
CA ASP A 129 -42.57 26.91 -16.47
C ASP A 129 -42.18 25.62 -17.15
N ASP A 130 -43.19 24.86 -17.59
CA ASP A 130 -42.99 23.63 -18.31
C ASP A 130 -41.74 23.79 -19.16
N LYS A 131 -41.85 24.68 -20.15
CA LYS A 131 -40.73 24.98 -21.04
C LYS A 131 -39.43 24.38 -20.55
N TRP A 132 -38.91 24.89 -19.44
CA TRP A 132 -37.51 24.66 -19.12
C TRP A 132 -37.24 24.19 -17.69
N LEU A 133 -38.07 24.59 -16.74
CA LEU A 133 -37.81 24.26 -15.33
C LEU A 133 -37.73 22.75 -15.10
N PRO A 134 -38.68 21.98 -15.64
CA PRO A 134 -38.57 20.54 -15.43
C PRO A 134 -37.24 20.03 -15.96
N LEU A 135 -36.88 20.39 -17.18
CA LEU A 135 -35.62 19.96 -17.78
C LEU A 135 -34.45 20.12 -16.81
N TYR A 136 -34.41 21.25 -16.12
CA TYR A 136 -33.37 21.50 -15.15
C TYR A 136 -33.41 20.42 -14.07
N LEU A 137 -34.56 20.32 -13.42
CA LEU A 137 -34.77 19.34 -12.37
C LEU A 137 -34.30 17.96 -12.79
N LEU A 138 -34.72 17.52 -13.97
CA LEU A 138 -34.30 16.23 -14.47
C LEU A 138 -32.81 16.22 -14.76
N GLY A 139 -32.34 17.27 -15.45
CA GLY A 139 -30.92 17.40 -15.72
C GLY A 139 -30.05 17.04 -14.53
N LEU A 140 -30.45 17.51 -13.35
CA LEU A 140 -29.62 17.34 -12.19
C LEU A 140 -29.40 15.87 -11.81
N TYR A 141 -30.33 15.00 -12.17
CA TYR A 141 -30.17 13.58 -11.89
C TYR A 141 -28.86 13.02 -12.46
N ARG A 142 -28.58 13.41 -13.70
CA ARG A 142 -27.36 13.00 -14.38
C ARG A 142 -26.16 13.53 -13.63
N VAL A 143 -26.15 14.84 -13.44
CA VAL A 143 -25.09 15.52 -12.74
C VAL A 143 -24.84 14.96 -11.34
N GLY A 144 -25.90 14.46 -10.72
CA GLY A 144 -25.79 13.94 -9.37
C GLY A 144 -25.10 12.59 -9.25
N ARG A 145 -24.72 12.01 -10.39
CA ARG A 145 -24.12 10.67 -10.38
C ARG A 145 -22.59 10.66 -10.40
N THR A 146 -22.01 11.40 -11.34
CA THR A 146 -20.55 11.46 -11.47
C THR A 146 -19.88 12.03 -10.24
N GLN A 147 -18.95 11.26 -9.67
CA GLN A 147 -18.25 11.65 -8.44
C GLN A 147 -17.08 12.62 -8.67
N MET A 148 -16.85 13.01 -9.93
CA MET A 148 -15.62 13.71 -10.30
C MET A 148 -15.88 15.11 -10.87
N PRO A 149 -14.81 15.95 -10.96
CA PRO A 149 -14.87 17.30 -11.53
C PRO A 149 -15.54 17.33 -12.88
N GLU A 150 -15.71 16.16 -13.51
CA GLU A 150 -16.44 16.07 -14.76
C GLU A 150 -17.86 16.58 -14.62
N TYR A 151 -18.35 16.59 -13.38
CA TYR A 151 -19.72 17.04 -13.13
C TYR A 151 -19.93 18.45 -13.67
N ARG A 152 -19.00 19.36 -13.37
CA ARG A 152 -19.07 20.72 -13.89
C ARG A 152 -18.85 20.75 -15.40
N LYS A 153 -18.43 19.62 -15.96
CA LYS A 153 -18.35 19.46 -17.41
C LYS A 153 -19.77 19.27 -17.94
N LYS A 154 -20.55 18.48 -17.22
CA LYS A 154 -21.94 18.22 -17.61
C LYS A 154 -22.85 19.40 -17.33
N LEU A 155 -22.75 19.96 -16.14
CA LEU A 155 -23.57 21.12 -15.76
C LEU A 155 -23.39 22.24 -16.78
N MET A 156 -22.14 22.44 -17.21
CA MET A 156 -21.85 23.41 -18.25
C MET A 156 -22.83 23.20 -19.40
N ASP A 157 -22.72 22.03 -20.04
CA ASP A 157 -23.63 21.65 -21.13
C ASP A 157 -25.07 21.56 -20.60
N GLY A 158 -25.18 21.20 -19.33
CA GLY A 158 -26.47 21.04 -18.69
C GLY A 158 -27.31 22.29 -18.70
N LEU A 159 -26.63 23.43 -18.88
CA LEU A 159 -27.33 24.71 -18.95
C LEU A 159 -27.13 25.36 -20.32
N THR A 160 -25.96 25.19 -20.92
CA THR A 160 -25.77 25.71 -22.27
C THR A 160 -26.73 24.96 -23.18
N ASN A 161 -27.39 23.97 -22.58
CA ASN A 161 -28.64 23.46 -23.12
C ASN A 161 -29.67 24.50 -22.73
N GLN A 162 -30.30 24.29 -21.59
CA GLN A 162 -31.12 25.29 -20.89
C GLN A 162 -31.43 26.65 -21.50
N CYS A 163 -30.39 27.37 -21.91
CA CYS A 163 -30.52 28.80 -22.17
C CYS A 163 -31.69 29.07 -23.13
N LYS A 164 -32.32 28.00 -23.60
CA LYS A 164 -32.96 28.00 -24.91
C LYS A 164 -33.96 29.14 -25.03
N MET A 165 -34.68 29.42 -23.95
CA MET A 165 -36.02 29.99 -24.06
C MET A 165 -36.15 31.20 -23.13
N ILE A 166 -35.28 31.27 -22.13
CA ILE A 166 -35.23 32.42 -21.23
C ILE A 166 -33.84 32.96 -20.97
N ASN A 167 -32.83 32.09 -21.11
CA ASN A 167 -31.46 32.45 -20.77
C ASN A 167 -31.26 32.75 -19.28
N GLU A 168 -31.41 31.74 -18.43
CA GLU A 168 -31.10 31.91 -17.01
C GLU A 168 -29.68 31.44 -16.72
N GLN A 169 -29.42 31.01 -15.49
CA GLN A 169 -28.06 30.61 -15.10
C GLN A 169 -28.08 29.60 -13.96
N PHE A 170 -26.93 29.44 -13.30
CA PHE A 170 -26.75 28.63 -12.09
C PHE A 170 -27.92 28.77 -11.11
N GLU A 171 -28.02 27.85 -10.16
CA GLU A 171 -29.03 27.95 -9.11
C GLU A 171 -28.43 27.65 -7.73
N PRO A 172 -27.82 26.47 -7.56
CA PRO A 172 -27.06 26.32 -6.32
C PRO A 172 -25.75 27.08 -6.43
N LEU A 173 -24.86 26.87 -5.46
CA LEU A 173 -23.53 27.47 -5.51
C LEU A 173 -22.56 26.36 -5.14
N VAL A 174 -22.99 25.54 -4.18
CA VAL A 174 -22.19 24.45 -3.62
C VAL A 174 -21.92 23.35 -4.65
N PRO A 175 -20.62 23.12 -4.93
CA PRO A 175 -20.04 22.14 -5.87
C PRO A 175 -20.91 20.91 -6.12
N GLU A 176 -20.79 19.91 -5.25
CA GLU A 176 -21.57 18.67 -5.29
C GLU A 176 -20.59 17.69 -4.62
N GLY A 177 -20.67 16.41 -4.98
CA GLY A 177 -19.79 15.38 -4.46
C GLY A 177 -20.67 14.67 -3.44
N ARG A 178 -21.97 14.93 -3.54
CA ARG A 178 -22.96 14.35 -2.63
C ARG A 178 -23.27 15.21 -1.38
N ASP A 179 -24.42 15.88 -1.43
CA ASP A 179 -24.93 16.70 -0.35
C ASP A 179 -26.05 17.58 -0.87
N ILE A 180 -25.84 18.18 -2.03
CA ILE A 180 -26.74 19.20 -2.59
C ILE A 180 -28.10 18.70 -3.11
N PHE A 181 -28.13 18.34 -4.40
CA PHE A 181 -29.26 17.65 -5.03
C PHE A 181 -28.76 16.26 -5.40
N ASP A 182 -27.46 16.10 -5.30
CA ASP A 182 -26.75 14.87 -5.58
C ASP A 182 -27.37 13.66 -4.87
N VAL A 183 -28.36 13.92 -4.02
CA VAL A 183 -29.00 12.86 -3.24
C VAL A 183 -30.44 12.65 -3.65
N TRP A 184 -30.91 13.44 -4.60
CA TRP A 184 -32.24 13.21 -5.14
C TRP A 184 -32.34 11.78 -5.66
N GLY A 185 -31.26 11.28 -6.23
CA GLY A 185 -31.27 9.94 -6.78
C GLY A 185 -31.62 8.89 -5.74
N ASN A 186 -31.64 9.27 -4.48
CA ASN A 186 -31.91 8.31 -3.43
C ASN A 186 -33.41 8.23 -3.13
N ASP A 187 -34.19 9.08 -3.82
CA ASP A 187 -35.63 9.14 -3.61
C ASP A 187 -36.37 8.25 -4.60
N SER A 188 -36.82 7.08 -4.12
CA SER A 188 -37.42 6.07 -4.99
C SER A 188 -38.48 6.65 -5.91
N ASN A 189 -39.09 7.75 -5.50
CA ASN A 189 -40.15 8.38 -6.28
C ASN A 189 -39.62 9.31 -7.35
N TYR A 190 -38.48 9.93 -7.08
CA TYR A 190 -37.82 10.81 -8.04
C TYR A 190 -37.39 9.98 -9.24
N THR A 191 -36.55 8.97 -8.99
CA THR A 191 -36.06 8.10 -10.05
C THR A 191 -37.21 7.57 -10.89
N LYS A 192 -38.29 7.14 -10.25
CA LYS A 192 -39.42 6.59 -11.00
C LYS A 192 -39.93 7.59 -12.04
N ILE A 193 -39.78 8.86 -11.75
CA ILE A 193 -40.21 9.87 -12.69
C ILE A 193 -39.21 9.99 -13.81
N VAL A 194 -37.93 10.03 -13.45
CA VAL A 194 -36.86 10.08 -14.44
C VAL A 194 -36.99 8.93 -15.42
N ALA A 195 -37.17 7.72 -14.91
CA ALA A 195 -37.35 6.57 -15.77
C ALA A 195 -38.58 6.72 -16.66
N ALA A 196 -39.71 7.06 -16.06
CA ALA A 196 -40.93 7.20 -16.84
C ALA A 196 -40.75 8.20 -17.99
N VAL A 197 -40.15 9.34 -17.70
CA VAL A 197 -39.86 10.31 -18.75
C VAL A 197 -38.94 9.77 -19.84
N ASP A 198 -37.82 9.15 -19.46
CA ASP A 198 -36.92 8.63 -20.47
C ASP A 198 -37.61 7.55 -21.28
N MET A 199 -38.27 6.63 -20.61
CA MET A 199 -38.91 5.56 -21.35
C MET A 199 -39.94 6.12 -22.30
N PHE A 200 -40.52 7.23 -21.91
CA PHE A 200 -41.57 7.80 -22.70
C PHE A 200 -41.03 8.44 -23.95
N PHE A 201 -40.01 9.27 -23.80
CA PHE A 201 -39.49 9.95 -24.97
C PHE A 201 -38.61 9.04 -25.82
N HIS A 202 -38.19 7.91 -25.27
CA HIS A 202 -37.49 6.95 -26.10
C HIS A 202 -38.45 6.42 -27.13
N MET A 203 -39.75 6.44 -26.79
CA MET A 203 -40.78 5.94 -27.70
C MET A 203 -41.22 7.02 -28.66
N PHE A 204 -41.51 8.20 -28.13
CA PHE A 204 -41.89 9.29 -28.99
C PHE A 204 -40.68 10.13 -29.34
N LYS A 205 -39.64 9.47 -29.83
CA LYS A 205 -38.36 10.09 -30.11
C LYS A 205 -38.53 11.50 -30.65
N LYS A 206 -39.52 11.66 -31.53
CA LYS A 206 -39.79 12.94 -32.15
C LYS A 206 -40.93 13.68 -31.44
N HIS A 207 -40.57 14.68 -30.65
CA HIS A 207 -41.57 15.39 -29.86
C HIS A 207 -40.94 16.64 -29.28
N GLU A 208 -41.63 17.77 -29.43
CA GLU A 208 -41.04 19.07 -29.06
C GLU A 208 -40.34 18.99 -27.71
N CYS A 209 -40.96 18.26 -26.78
CA CYS A 209 -40.46 18.17 -25.42
C CYS A 209 -39.46 17.02 -25.20
N ALA A 210 -39.25 16.20 -26.21
CA ALA A 210 -38.31 15.09 -26.09
C ALA A 210 -36.90 15.55 -25.76
N SER A 211 -36.66 16.86 -25.71
CA SER A 211 -35.36 17.35 -25.31
C SER A 211 -35.07 17.00 -23.84
N PHE A 212 -36.14 16.73 -23.08
CA PHE A 212 -36.02 16.38 -21.65
C PHE A 212 -35.14 15.17 -21.43
N ARG A 213 -34.95 14.39 -22.49
CA ARG A 213 -34.11 13.20 -22.41
C ARG A 213 -32.72 13.53 -21.91
N TYR A 214 -32.20 14.71 -22.23
CA TYR A 214 -30.93 15.11 -21.67
C TYR A 214 -30.98 14.74 -20.20
N GLY A 215 -29.89 14.18 -19.67
CA GLY A 215 -29.86 13.93 -18.24
C GLY A 215 -30.84 12.90 -17.70
N THR A 216 -31.94 12.66 -18.40
CA THR A 216 -32.82 11.55 -18.03
C THR A 216 -32.34 10.23 -18.68
N ILE A 217 -31.37 10.33 -19.57
CA ILE A 217 -30.96 9.18 -20.33
C ILE A 217 -30.05 8.24 -19.55
N VAL A 218 -29.31 8.76 -18.59
CA VAL A 218 -28.35 7.89 -17.92
C VAL A 218 -29.07 7.00 -16.97
N SER A 219 -30.38 6.93 -17.10
CA SER A 219 -31.12 5.96 -16.31
C SER A 219 -31.38 4.68 -17.10
N ARG A 220 -31.37 4.80 -18.42
CA ARG A 220 -31.59 3.68 -19.31
C ARG A 220 -30.39 2.74 -19.35
N PHE A 221 -30.61 1.51 -18.90
CA PHE A 221 -29.55 0.52 -18.75
C PHE A 221 -28.62 0.81 -17.58
N LYS A 222 -29.04 1.68 -16.68
CA LYS A 222 -28.33 1.91 -15.44
C LYS A 222 -28.06 0.56 -14.79
N ASP A 223 -26.83 0.35 -14.37
CA ASP A 223 -26.41 -0.92 -13.77
C ASP A 223 -26.59 -2.14 -14.69
N CYS A 224 -26.41 -1.95 -16.00
CA CYS A 224 -26.40 -3.02 -16.99
C CYS A 224 -25.17 -2.99 -17.85
N ALA A 225 -24.00 -2.80 -17.24
CA ALA A 225 -22.78 -2.63 -18.02
C ALA A 225 -22.41 -3.87 -18.80
N ALA A 226 -22.61 -5.05 -18.21
CA ALA A 226 -22.16 -6.26 -18.86
C ALA A 226 -22.82 -6.39 -20.23
N LEU A 227 -24.13 -6.19 -20.29
CA LEU A 227 -24.81 -6.20 -21.58
C LEU A 227 -24.13 -5.28 -22.56
N ALA A 228 -23.70 -4.12 -22.08
CA ALA A 228 -23.08 -3.16 -22.97
C ALA A 228 -21.74 -3.68 -23.42
N THR A 229 -20.98 -4.29 -22.51
CA THR A 229 -19.64 -4.66 -22.92
C THR A 229 -19.72 -5.78 -23.93
N PHE A 230 -20.75 -6.61 -23.83
CA PHE A 230 -20.97 -7.69 -24.77
C PHE A 230 -21.28 -7.13 -26.15
N GLY A 231 -22.11 -6.10 -26.17
CA GLY A 231 -22.43 -5.39 -27.39
C GLY A 231 -21.19 -4.81 -28.03
N HIS A 232 -20.33 -4.16 -27.25
CA HIS A 232 -19.13 -3.58 -27.79
C HIS A 232 -18.19 -4.64 -28.35
N LEU A 233 -18.09 -5.74 -27.63
CA LEU A 233 -17.25 -6.85 -28.07
C LEU A 233 -17.62 -7.30 -29.45
N CYS A 234 -18.91 -7.39 -29.74
CA CYS A 234 -19.33 -7.84 -31.05
C CYS A 234 -18.95 -6.82 -32.07
N LYS A 235 -19.28 -5.57 -31.77
CA LYS A 235 -19.06 -4.50 -32.72
C LYS A 235 -17.58 -4.38 -33.01
N ILE A 236 -16.75 -4.78 -32.07
CA ILE A 236 -15.35 -4.43 -32.13
C ILE A 236 -14.51 -5.52 -32.72
N THR A 237 -15.07 -6.73 -32.79
CA THR A 237 -14.43 -7.87 -33.42
C THR A 237 -15.02 -8.15 -34.79
N GLY A 238 -16.22 -7.65 -35.02
CA GLY A 238 -16.87 -7.91 -36.29
C GLY A 238 -17.68 -9.17 -36.25
N MET A 239 -17.56 -9.92 -35.16
CA MET A 239 -18.25 -11.20 -35.07
C MET A 239 -19.72 -11.08 -34.70
N SER A 240 -20.47 -12.10 -35.08
CA SER A 240 -21.89 -12.22 -34.76
C SER A 240 -22.02 -12.51 -33.28
N THR A 241 -23.23 -12.38 -32.77
CA THR A 241 -23.40 -12.55 -31.34
C THR A 241 -23.19 -14.00 -30.96
N GLU A 242 -23.56 -14.91 -31.86
CA GLU A 242 -23.47 -16.33 -31.53
C GLU A 242 -22.04 -16.81 -31.69
N ASP A 243 -21.32 -16.25 -32.67
CA ASP A 243 -19.93 -16.61 -32.82
C ASP A 243 -19.10 -16.12 -31.63
N VAL A 244 -19.26 -14.85 -31.24
CA VAL A 244 -18.59 -14.32 -30.06
C VAL A 244 -18.79 -15.20 -28.86
N THR A 245 -20.04 -15.61 -28.61
CA THR A 245 -20.35 -16.56 -27.54
C THR A 245 -19.44 -17.80 -27.53
N THR A 246 -19.21 -18.39 -28.69
CA THR A 246 -18.42 -19.64 -28.74
C THR A 246 -16.97 -19.41 -28.31
N TRP A 247 -16.51 -18.17 -28.42
CA TRP A 247 -15.15 -17.84 -28.01
C TRP A 247 -14.97 -17.69 -26.49
N ILE A 248 -16.08 -17.72 -25.76
CA ILE A 248 -15.98 -17.83 -24.31
C ILE A 248 -15.24 -19.10 -23.93
N LEU A 249 -14.21 -18.97 -23.10
CA LEU A 249 -13.28 -20.07 -22.87
C LEU A 249 -12.97 -20.45 -21.42
N ASN A 250 -13.80 -20.02 -20.46
CA ASN A 250 -13.64 -20.44 -19.08
C ASN A 250 -15.00 -20.54 -18.45
N ARG A 251 -15.21 -21.54 -17.58
CA ARG A 251 -16.53 -21.69 -16.96
C ARG A 251 -17.20 -20.36 -16.45
N GLU A 252 -16.60 -19.70 -15.46
CA GLU A 252 -17.30 -18.63 -14.79
C GLU A 252 -17.65 -17.52 -15.75
N VAL A 253 -17.06 -17.51 -16.94
CA VAL A 253 -17.56 -16.56 -17.92
C VAL A 253 -18.83 -17.10 -18.58
N ALA A 254 -18.80 -18.36 -18.93
CA ALA A 254 -20.01 -19.00 -19.42
C ALA A 254 -21.15 -18.91 -18.40
N ASP A 255 -20.88 -19.28 -17.15
CA ASP A 255 -21.85 -19.09 -16.09
C ASP A 255 -22.45 -17.69 -16.19
N GLU A 256 -21.59 -16.69 -16.06
CA GLU A 256 -22.01 -15.31 -16.15
C GLU A 256 -22.88 -15.11 -17.38
N MET A 257 -22.38 -15.52 -18.53
CA MET A 257 -23.11 -15.30 -19.76
C MET A 257 -24.51 -15.90 -19.71
N VAL A 258 -24.60 -17.18 -19.34
CA VAL A 258 -25.88 -17.87 -19.22
C VAL A 258 -26.83 -17.04 -18.38
N GLN A 259 -26.33 -16.56 -17.24
CA GLN A 259 -27.10 -15.70 -16.37
C GLN A 259 -27.64 -14.47 -17.08
N MET A 260 -26.89 -13.91 -18.03
CA MET A 260 -27.32 -12.66 -18.63
C MET A 260 -28.34 -12.88 -19.72
N MET A 261 -28.31 -14.04 -20.35
CA MET A 261 -29.16 -14.27 -21.52
C MET A 261 -30.40 -15.06 -21.17
N LEU A 262 -30.73 -15.09 -19.87
CA LEU A 262 -31.94 -15.75 -19.39
C LEU A 262 -33.10 -15.20 -20.19
N PRO A 263 -33.98 -16.10 -20.66
CA PRO A 263 -35.02 -15.74 -21.65
C PRO A 263 -36.23 -15.05 -21.04
N GLY A 264 -37.00 -14.38 -21.91
CA GLY A 264 -38.23 -13.73 -21.52
C GLY A 264 -37.99 -12.60 -20.56
N GLN A 265 -36.94 -11.82 -20.79
CA GLN A 265 -36.64 -10.64 -19.99
C GLN A 265 -36.67 -9.42 -20.86
N GLU A 266 -36.98 -9.60 -22.14
CA GLU A 266 -37.21 -8.46 -23.01
C GLU A 266 -36.00 -7.57 -23.33
N ILE A 267 -34.78 -8.10 -23.18
CA ILE A 267 -33.59 -7.27 -23.40
C ILE A 267 -33.39 -6.87 -24.84
N ASP A 268 -33.85 -7.69 -25.77
CA ASP A 268 -33.70 -7.34 -27.20
C ASP A 268 -34.89 -6.55 -27.71
N LYS A 269 -35.84 -6.28 -26.81
CA LYS A 269 -37.07 -5.58 -27.16
C LYS A 269 -36.83 -4.09 -27.35
N ALA A 270 -37.64 -3.48 -28.20
CA ALA A 270 -37.42 -2.09 -28.58
C ALA A 270 -37.59 -1.20 -27.37
N ASP A 271 -38.84 -1.02 -26.95
CA ASP A 271 -39.15 -0.18 -25.79
C ASP A 271 -39.88 -0.99 -24.74
N SER A 272 -39.13 -1.58 -23.83
CA SER A 272 -39.69 -2.34 -22.72
C SER A 272 -39.30 -1.67 -21.42
N TYR A 273 -39.77 -2.21 -20.31
CA TYR A 273 -39.39 -1.71 -19.01
C TYR A 273 -37.99 -2.17 -18.64
N MET A 274 -37.57 -3.28 -19.22
CA MET A 274 -36.33 -3.92 -18.77
C MET A 274 -35.11 -3.00 -18.58
N PRO A 275 -34.88 -2.06 -19.50
CA PRO A 275 -33.76 -1.12 -19.40
C PRO A 275 -33.79 -0.22 -18.15
N TYR A 276 -34.95 -0.03 -17.56
CA TYR A 276 -35.05 0.82 -16.39
C TYR A 276 -35.29 0.01 -15.12
N LEU A 277 -34.91 -1.26 -15.16
CA LEU A 277 -35.23 -2.16 -14.07
C LEU A 277 -34.83 -1.61 -12.71
N ILE A 278 -33.74 -0.85 -12.67
CA ILE A 278 -33.27 -0.28 -11.41
C ILE A 278 -34.08 0.96 -10.93
N ASP A 279 -34.22 1.95 -11.79
CA ASP A 279 -34.90 3.17 -11.37
C ASP A 279 -36.43 3.04 -11.16
N PHE A 280 -37.09 2.07 -11.78
CA PHE A 280 -38.48 1.81 -11.43
C PHE A 280 -38.50 0.85 -10.24
N GLY A 281 -37.32 0.47 -9.77
CA GLY A 281 -37.22 -0.48 -8.68
C GLY A 281 -37.85 -1.82 -9.00
N LEU A 282 -37.79 -2.22 -10.25
CA LEU A 282 -38.19 -3.58 -10.64
C LEU A 282 -37.24 -4.61 -10.06
N SER A 283 -36.01 -4.20 -9.81
CA SER A 283 -35.00 -5.10 -9.33
C SER A 283 -34.03 -4.35 -8.46
N SER A 284 -33.50 -4.99 -7.44
CA SER A 284 -32.60 -4.31 -6.52
C SER A 284 -31.17 -4.82 -6.62
N LYS A 285 -31.00 -5.88 -7.40
CA LYS A 285 -29.68 -6.39 -7.76
C LYS A 285 -29.75 -6.83 -9.21
N SER A 286 -29.24 -5.99 -10.10
CA SER A 286 -29.33 -6.25 -11.52
C SER A 286 -28.50 -7.46 -11.92
N PRO A 287 -29.07 -8.33 -12.78
CA PRO A 287 -28.39 -9.52 -13.28
C PRO A 287 -27.35 -9.14 -14.33
N TYR A 288 -27.45 -7.95 -14.86
CA TYR A 288 -26.62 -7.52 -15.97
C TYR A 288 -25.51 -6.58 -15.51
N SER A 289 -25.41 -6.35 -14.21
CA SER A 289 -24.44 -5.41 -13.68
C SER A 289 -23.02 -5.91 -13.94
N SER A 290 -22.08 -4.99 -13.97
CA SER A 290 -20.70 -5.37 -14.17
C SER A 290 -20.15 -6.08 -12.96
N VAL A 291 -20.68 -5.79 -11.78
CA VAL A 291 -20.16 -6.42 -10.58
C VAL A 291 -20.70 -7.84 -10.35
N LYS A 292 -21.85 -8.15 -10.94
CA LYS A 292 -22.36 -9.51 -10.86
C LYS A 292 -21.94 -10.31 -12.10
N ASN A 293 -21.19 -9.65 -12.98
CA ASN A 293 -20.62 -10.32 -14.14
C ASN A 293 -19.11 -10.05 -14.30
N PRO A 294 -18.35 -10.14 -13.20
CA PRO A 294 -16.96 -9.68 -13.15
C PRO A 294 -16.06 -10.39 -14.18
N ALA A 295 -16.02 -11.71 -14.12
CA ALA A 295 -15.27 -12.50 -15.11
C ALA A 295 -15.60 -12.06 -16.52
N PHE A 296 -16.88 -12.04 -16.87
CA PHE A 296 -17.21 -11.60 -18.21
C PHE A 296 -16.66 -10.24 -18.44
N HIS A 297 -17.05 -9.30 -17.59
CA HIS A 297 -16.60 -7.93 -17.68
C HIS A 297 -15.09 -7.78 -17.93
N PHE A 298 -14.29 -8.48 -17.14
CA PHE A 298 -12.85 -8.45 -17.35
C PHE A 298 -12.50 -8.96 -18.74
N TRP A 299 -12.84 -10.21 -19.01
CA TRP A 299 -12.50 -10.85 -20.27
C TRP A 299 -12.90 -10.00 -21.45
N GLY A 300 -14.14 -9.55 -21.44
CA GLY A 300 -14.65 -8.78 -22.55
C GLY A 300 -13.90 -7.47 -22.77
N GLN A 301 -13.59 -6.78 -21.69
CA GLN A 301 -12.94 -5.50 -21.81
C GLN A 301 -11.46 -5.67 -22.14
N LEU A 302 -10.79 -6.62 -21.50
CA LEU A 302 -9.40 -6.89 -21.81
C LEU A 302 -9.26 -7.23 -23.29
N THR A 303 -10.06 -8.20 -23.76
CA THR A 303 -10.04 -8.48 -25.17
C THR A 303 -10.24 -7.21 -26.02
N ALA A 304 -11.24 -6.40 -25.72
CA ALA A 304 -11.50 -5.29 -26.60
C ALA A 304 -10.31 -4.37 -26.56
N LEU A 305 -9.59 -4.35 -25.45
CA LEU A 305 -8.47 -3.40 -25.33
C LEU A 305 -7.33 -3.80 -26.24
N LEU A 306 -7.02 -5.08 -26.24
CA LEU A 306 -6.05 -5.62 -27.17
C LEU A 306 -6.46 -5.33 -28.61
N LEU A 307 -7.75 -5.22 -28.88
CA LEU A 307 -8.23 -4.99 -30.24
C LEU A 307 -8.37 -3.51 -30.55
N ARG A 308 -7.94 -2.66 -29.61
CA ARG A 308 -7.78 -1.22 -29.83
C ARG A 308 -8.93 -0.35 -29.35
N SER A 309 -9.79 -0.88 -28.48
CA SER A 309 -10.89 -0.09 -27.94
C SER A 309 -10.33 1.07 -27.18
N THR A 310 -10.96 2.22 -27.28
CA THR A 310 -10.59 3.37 -26.42
C THR A 310 -11.41 3.33 -25.14
N ARG A 311 -12.72 3.10 -25.29
CA ARG A 311 -13.59 2.85 -24.15
C ARG A 311 -12.91 1.99 -23.09
N ALA A 312 -12.24 0.93 -23.53
CA ALA A 312 -11.85 -0.14 -22.62
C ALA A 312 -10.62 0.13 -21.80
N ARG A 313 -9.87 1.17 -22.10
CA ARG A 313 -8.65 1.38 -21.35
C ARG A 313 -8.96 1.88 -19.94
N ASN A 314 -10.22 2.22 -19.70
CA ASN A 314 -10.59 2.82 -18.42
C ASN A 314 -11.62 2.04 -17.65
N ALA A 315 -11.92 0.82 -18.12
CA ALA A 315 -12.88 -0.01 -17.44
C ALA A 315 -12.30 -0.41 -16.11
N ARG A 316 -13.15 -0.75 -15.16
CA ARG A 316 -12.64 -1.12 -13.86
C ARG A 316 -12.23 -2.60 -13.82
N GLN A 317 -11.17 -2.87 -13.07
CA GLN A 317 -10.68 -4.22 -12.93
C GLN A 317 -11.30 -4.88 -11.70
N PRO A 318 -12.29 -5.72 -11.93
CA PRO A 318 -12.96 -6.44 -10.85
C PRO A 318 -11.97 -7.13 -9.92
N ASP A 319 -12.39 -7.45 -8.70
CA ASP A 319 -11.60 -8.22 -7.74
C ASP A 319 -12.15 -9.63 -7.71
N ASP A 320 -11.37 -10.55 -7.15
CA ASP A 320 -11.84 -11.92 -6.92
C ASP A 320 -12.31 -12.63 -8.18
N ILE A 321 -11.60 -12.42 -9.27
CA ILE A 321 -11.77 -13.25 -10.45
C ILE A 321 -10.45 -13.92 -10.78
N GLU A 322 -10.49 -14.88 -11.68
CA GLU A 322 -9.30 -15.66 -12.01
C GLU A 322 -8.49 -14.99 -13.12
N TYR A 323 -7.63 -14.04 -12.75
CA TYR A 323 -6.97 -13.17 -13.71
C TYR A 323 -6.17 -13.94 -14.73
N THR A 324 -5.14 -14.66 -14.28
CA THR A 324 -4.22 -15.24 -15.24
C THR A 324 -4.92 -15.98 -16.37
N SER A 325 -5.85 -16.86 -16.01
CA SER A 325 -6.54 -17.64 -17.03
C SER A 325 -7.50 -16.80 -17.85
N LEU A 326 -8.20 -15.88 -17.19
CA LEU A 326 -9.08 -14.97 -17.91
C LEU A 326 -8.31 -14.21 -19.00
N THR A 327 -7.10 -13.78 -18.69
CA THR A 327 -6.36 -12.99 -19.66
C THR A 327 -5.70 -13.86 -20.74
N THR A 328 -5.19 -15.03 -20.40
CA THR A 328 -4.70 -15.91 -21.45
C THR A 328 -5.80 -16.11 -22.51
N ALA A 329 -7.02 -16.42 -22.05
CA ALA A 329 -8.16 -16.59 -22.95
C ALA A 329 -8.44 -15.33 -23.78
N GLY A 330 -8.33 -14.16 -23.14
CA GLY A 330 -8.56 -12.92 -23.86
C GLY A 330 -7.50 -12.71 -24.94
N LEU A 331 -6.25 -12.85 -24.57
CA LEU A 331 -5.14 -12.74 -25.51
C LEU A 331 -5.44 -13.54 -26.78
N LEU A 332 -5.72 -14.83 -26.60
CA LEU A 332 -5.97 -15.73 -27.71
C LEU A 332 -7.05 -15.19 -28.64
N TYR A 333 -8.19 -14.87 -28.07
CA TYR A 333 -9.29 -14.32 -28.85
C TYR A 333 -8.79 -13.09 -29.61
N ALA A 334 -8.07 -12.23 -28.92
CA ALA A 334 -7.61 -10.99 -29.51
C ALA A 334 -6.64 -11.27 -30.64
N TYR A 335 -5.79 -12.27 -30.42
CA TYR A 335 -4.76 -12.64 -31.39
C TYR A 335 -5.42 -13.20 -32.63
N ALA A 336 -6.37 -14.09 -32.45
CA ALA A 336 -7.08 -14.68 -33.57
C ALA A 336 -7.68 -13.58 -34.45
N VAL A 337 -8.57 -12.78 -33.87
CA VAL A 337 -9.18 -11.68 -34.59
C VAL A 337 -8.12 -10.73 -35.14
N GLY A 338 -7.03 -10.60 -34.40
CA GLY A 338 -6.10 -9.52 -34.64
C GLY A 338 -5.24 -9.74 -35.86
N SER A 339 -5.04 -11.02 -36.20
CA SER A 339 -4.16 -11.38 -37.28
C SER A 339 -4.93 -11.83 -38.54
N SER A 340 -6.13 -12.37 -38.34
CA SER A 340 -6.98 -12.75 -39.48
C SER A 340 -7.97 -11.65 -39.90
N ALA A 341 -7.56 -10.75 -40.80
CA ALA A 341 -8.48 -9.73 -41.30
C ALA A 341 -9.68 -10.32 -42.05
N ASP A 342 -10.87 -9.78 -41.84
CA ASP A 342 -12.04 -10.24 -42.59
C ASP A 342 -11.61 -10.26 -44.04
N LEU A 343 -11.21 -9.08 -44.52
CA LEU A 343 -10.64 -8.90 -45.85
C LEU A 343 -11.26 -9.77 -46.96
N ALA A 344 -12.16 -9.18 -47.73
CA ALA A 344 -12.80 -9.89 -48.84
C ALA A 344 -13.31 -8.87 -49.86
N GLN A 345 -12.98 -9.08 -51.13
CA GLN A 345 -13.39 -8.14 -52.15
C GLN A 345 -14.90 -7.97 -52.06
N GLN A 346 -15.39 -6.74 -52.19
CA GLN A 346 -16.81 -6.46 -51.98
C GLN A 346 -17.58 -5.96 -53.21
N PHE A 347 -16.97 -5.07 -54.00
CA PHE A 347 -17.54 -4.68 -55.29
C PHE A 347 -16.63 -5.09 -56.48
N CYS A 348 -17.17 -5.13 -57.69
CA CYS A 348 -16.36 -5.54 -58.83
C CYS A 348 -16.85 -5.01 -60.19
N VAL A 349 -16.08 -5.28 -61.23
CA VAL A 349 -16.49 -4.95 -62.59
C VAL A 349 -16.36 -6.12 -63.59
N GLY A 350 -16.95 -7.27 -63.27
CA GLY A 350 -16.82 -8.45 -64.11
C GLY A 350 -15.69 -9.41 -63.73
N ASP A 351 -14.80 -9.00 -62.82
CA ASP A 351 -13.69 -9.87 -62.40
C ASP A 351 -13.46 -9.94 -60.87
N ASN A 352 -14.07 -10.93 -60.22
CA ASN A 352 -13.89 -11.09 -58.77
C ASN A 352 -12.52 -11.73 -58.49
N LYS A 353 -12.10 -11.77 -57.23
CA LYS A 353 -11.01 -12.66 -56.87
C LYS A 353 -11.61 -13.85 -56.15
N TYR A 354 -11.45 -15.04 -56.71
CA TYR A 354 -11.85 -16.24 -55.99
C TYR A 354 -10.69 -16.64 -55.09
N THR A 355 -10.91 -16.54 -53.79
CA THR A 355 -9.86 -16.84 -52.82
C THR A 355 -9.05 -18.12 -53.11
N PRO A 356 -9.68 -19.15 -53.68
CA PRO A 356 -8.97 -20.38 -54.07
C PRO A 356 -7.55 -20.16 -54.64
N ASP A 357 -6.69 -21.17 -54.53
CA ASP A 357 -5.41 -21.08 -55.25
C ASP A 357 -4.55 -22.31 -54.97
N ASP A 358 -5.21 -23.38 -54.54
CA ASP A 358 -4.53 -24.49 -53.88
C ASP A 358 -4.08 -23.90 -52.55
N SER A 359 -5.02 -23.74 -51.62
CA SER A 359 -4.80 -23.08 -50.34
C SER A 359 -3.86 -23.85 -49.40
N THR A 360 -2.62 -24.02 -49.85
CA THR A 360 -1.53 -24.68 -49.12
C THR A 360 -0.19 -24.34 -49.81
N GLY A 361 0.61 -23.49 -49.17
CA GLY A 361 1.86 -23.03 -49.78
C GLY A 361 2.92 -22.57 -48.79
N GLY A 362 2.49 -22.04 -47.65
CA GLY A 362 3.41 -21.57 -46.63
C GLY A 362 3.65 -22.58 -45.51
N LEU A 363 3.45 -22.12 -44.27
CA LEU A 363 3.64 -22.97 -43.09
C LEU A 363 2.39 -23.83 -42.81
N THR A 364 2.64 -25.10 -42.52
CA THR A 364 1.56 -26.10 -42.39
C THR A 364 1.39 -26.55 -40.95
N THR A 365 2.44 -26.35 -40.16
CA THR A 365 2.46 -26.79 -38.77
C THR A 365 2.17 -25.63 -37.81
N ASN A 366 3.23 -24.99 -37.33
CA ASN A 366 3.09 -23.93 -36.32
C ASN A 366 2.64 -22.57 -36.88
N ALA A 367 2.30 -22.52 -38.17
CA ALA A 367 1.54 -21.39 -38.68
C ALA A 367 0.11 -21.54 -38.19
N PRO A 368 -0.43 -20.49 -37.56
CA PRO A 368 -1.69 -20.55 -36.85
C PRO A 368 -2.86 -20.46 -37.81
N PRO A 369 -4.02 -20.94 -37.38
CA PRO A 369 -5.21 -21.13 -38.21
C PRO A 369 -5.50 -19.97 -39.13
N GLN A 370 -6.29 -20.26 -40.16
CA GLN A 370 -6.56 -19.29 -41.21
C GLN A 370 -7.59 -18.27 -40.74
N GLY A 371 -8.76 -18.74 -40.35
CA GLY A 371 -9.84 -17.86 -39.98
C GLY A 371 -10.00 -17.60 -38.50
N ARG A 372 -11.25 -17.49 -38.06
CA ARG A 372 -11.54 -17.13 -36.70
C ARG A 372 -12.39 -18.21 -36.09
N ASP A 373 -11.90 -19.44 -36.12
CA ASP A 373 -12.70 -20.50 -35.56
C ASP A 373 -12.15 -21.06 -34.26
N VAL A 374 -13.03 -21.14 -33.27
CA VAL A 374 -12.63 -21.55 -31.94
C VAL A 374 -11.94 -22.90 -31.97
N VAL A 375 -12.50 -23.82 -32.74
CA VAL A 375 -11.98 -25.17 -32.73
C VAL A 375 -10.60 -25.21 -33.37
N GLU A 376 -10.45 -24.56 -34.51
CA GLU A 376 -9.15 -24.53 -35.17
C GLU A 376 -8.10 -23.97 -34.20
N TRP A 377 -8.45 -22.91 -33.51
CA TRP A 377 -7.49 -22.23 -32.64
C TRP A 377 -7.20 -22.97 -31.34
N LEU A 378 -8.24 -23.47 -30.70
CA LEU A 378 -8.06 -24.25 -29.49
C LEU A 378 -7.03 -25.32 -29.76
N GLY A 379 -7.22 -26.02 -30.89
CA GLY A 379 -6.34 -27.08 -31.37
C GLY A 379 -4.96 -26.54 -31.65
N TRP A 380 -4.87 -25.51 -32.45
CA TRP A 380 -3.57 -24.89 -32.64
C TRP A 380 -2.89 -24.58 -31.30
N PHE A 381 -3.68 -24.13 -30.32
CA PHE A 381 -3.16 -23.73 -29.03
C PHE A 381 -2.63 -24.93 -28.25
N GLU A 382 -3.41 -26.01 -28.18
CA GLU A 382 -2.87 -27.29 -27.72
C GLU A 382 -1.48 -27.53 -28.33
N ASP A 383 -1.41 -27.62 -29.64
CA ASP A 383 -0.14 -27.76 -30.34
C ASP A 383 0.95 -26.88 -29.72
N GLN A 384 0.59 -25.68 -29.29
CA GLN A 384 1.59 -24.76 -28.75
C GLN A 384 1.92 -24.98 -27.27
N ASN A 385 1.54 -26.13 -26.74
CA ASN A 385 1.70 -26.39 -25.31
C ASN A 385 0.88 -25.42 -24.46
N ARG A 386 -0.31 -25.07 -24.94
CA ARG A 386 -1.20 -24.19 -24.21
C ARG A 386 -0.47 -23.03 -23.49
N LYS A 387 0.66 -22.60 -24.05
CA LYS A 387 1.38 -21.43 -23.53
C LYS A 387 1.57 -20.41 -24.65
N PRO A 388 1.11 -19.17 -24.44
CA PRO A 388 1.16 -18.12 -25.46
C PRO A 388 2.52 -18.12 -26.18
N THR A 389 2.50 -18.07 -27.51
CA THR A 389 3.74 -18.02 -28.28
C THR A 389 4.32 -16.63 -28.27
N PRO A 390 5.59 -16.50 -28.68
CA PRO A 390 6.24 -15.18 -28.68
C PRO A 390 5.52 -14.15 -29.54
N ASP A 391 4.91 -14.57 -30.65
CA ASP A 391 4.22 -13.61 -31.49
C ASP A 391 3.04 -13.04 -30.74
N MET A 392 2.18 -13.89 -30.20
CA MET A 392 1.07 -13.40 -29.39
C MET A 392 1.60 -12.37 -28.39
N MET A 393 2.59 -12.77 -27.62
CA MET A 393 3.18 -11.86 -26.66
C MET A 393 3.59 -10.57 -27.34
N GLN A 394 4.15 -10.67 -28.53
CA GLN A 394 4.55 -9.47 -29.23
C GLN A 394 3.33 -8.65 -29.56
N TYR A 395 2.27 -9.33 -29.98
CA TYR A 395 1.03 -8.67 -30.38
C TYR A 395 0.52 -7.84 -29.25
N ALA A 396 0.54 -8.44 -28.06
CA ALA A 396 0.03 -7.79 -26.86
C ALA A 396 0.84 -6.57 -26.54
N LYS A 397 2.16 -6.70 -26.62
CA LYS A 397 3.04 -5.58 -26.31
C LYS A 397 2.70 -4.39 -27.21
N ARG A 398 2.65 -4.60 -28.52
CA ARG A 398 2.38 -3.53 -29.45
C ARG A 398 0.96 -2.97 -29.31
N ALA A 399 0.14 -3.63 -28.51
CA ALA A 399 -1.21 -3.12 -28.29
C ALA A 399 -1.30 -2.30 -27.01
N VAL A 400 -0.38 -2.52 -26.07
CA VAL A 400 -0.46 -1.84 -24.78
C VAL A 400 0.62 -0.81 -24.55
N MET A 401 1.84 -1.06 -25.02
CA MET A 401 2.84 0.02 -24.97
C MET A 401 2.23 1.20 -25.72
N SER A 402 2.73 2.38 -25.50
CA SER A 402 2.20 3.55 -26.18
C SER A 402 0.78 3.93 -25.71
N LEU A 403 0.27 3.21 -24.72
CA LEU A 403 -0.87 3.71 -23.95
C LEU A 403 -0.35 4.59 -22.84
N GLN A 404 -0.88 5.80 -22.71
CA GLN A 404 -0.42 6.69 -21.64
C GLN A 404 -1.59 7.32 -20.92
N GLY A 405 -1.37 7.70 -19.65
CA GLY A 405 -2.37 8.36 -18.83
C GLY A 405 -3.33 7.45 -18.09
N LEU A 406 -2.84 6.26 -17.69
CA LEU A 406 -3.70 5.18 -17.17
C LEU A 406 -4.01 5.27 -15.69
N ARG A 407 -5.30 5.31 -15.37
CA ARG A 407 -5.74 5.36 -13.98
C ARG A 407 -5.49 4.00 -13.34
N GLU A 408 -5.19 3.96 -12.04
CA GLU A 408 -4.94 2.66 -11.41
C GLU A 408 -6.25 1.95 -11.10
N LYS A 409 -6.18 0.62 -11.03
CA LYS A 409 -7.34 -0.25 -10.95
C LYS A 409 -8.15 -0.31 -12.25
N THR A 410 -7.65 0.27 -13.34
CA THR A 410 -8.33 0.08 -14.62
C THR A 410 -7.70 -1.10 -15.34
N ILE A 411 -8.42 -1.67 -16.28
CA ILE A 411 -7.89 -2.83 -16.92
C ILE A 411 -6.96 -2.40 -18.02
N GLY A 412 -6.96 -1.10 -18.27
CA GLY A 412 -5.92 -0.51 -19.08
C GLY A 412 -4.60 -0.71 -18.35
N LYS A 413 -4.52 -0.29 -17.10
CA LYS A 413 -3.24 -0.32 -16.41
C LYS A 413 -2.88 -1.72 -16.15
N TYR A 414 -3.87 -2.56 -15.96
CA TYR A 414 -3.55 -3.98 -15.78
C TYR A 414 -2.87 -4.50 -17.02
N ALA A 415 -3.53 -4.31 -18.15
CA ALA A 415 -3.00 -4.77 -19.42
C ALA A 415 -1.58 -4.30 -19.70
N LYS A 416 -1.29 -3.04 -19.40
CA LYS A 416 0.03 -2.53 -19.73
C LYS A 416 1.12 -3.13 -18.87
N SER A 417 0.80 -3.42 -17.61
CA SER A 417 1.74 -4.06 -16.71
C SER A 417 2.01 -5.49 -17.15
N GLU A 418 0.98 -6.15 -17.63
CA GLU A 418 1.11 -7.56 -17.97
C GLU A 418 1.96 -7.77 -19.23
N PHE A 419 1.86 -6.86 -20.19
CA PHE A 419 2.40 -7.11 -21.52
C PHE A 419 3.56 -6.24 -21.96
N ASP A 420 3.53 -4.95 -21.62
CA ASP A 420 4.66 -4.06 -21.94
C ASP A 420 5.53 -3.89 -20.71
N LYS A 421 6.48 -4.81 -20.54
CA LYS A 421 7.33 -4.79 -19.37
C LYS A 421 8.24 -3.56 -19.31
N SER B 1 14.14 -36.48 18.60
CA SER B 1 15.47 -36.39 19.19
C SER B 1 15.35 -35.96 20.64
N VAL B 2 14.58 -36.70 21.42
CA VAL B 2 14.35 -36.30 22.81
C VAL B 2 15.69 -36.09 23.53
N THR B 3 16.78 -36.62 22.94
CA THR B 3 18.09 -36.58 23.60
C THR B 3 19.28 -36.04 22.77
N VAL B 4 19.94 -35.02 23.32
CA VAL B 4 21.06 -34.35 22.64
C VAL B 4 22.30 -34.39 23.51
N LYS B 5 23.41 -34.91 22.97
CA LYS B 5 24.67 -34.91 23.73
C LYS B 5 25.68 -33.97 23.09
N ARG B 6 26.58 -33.44 23.92
CA ARG B 6 27.65 -32.61 23.46
C ARG B 6 28.90 -33.45 23.20
N ILE B 7 29.35 -33.52 21.95
CA ILE B 7 30.39 -34.50 21.60
C ILE B 7 31.68 -34.36 22.41
N ILE B 8 32.21 -33.17 22.53
CA ILE B 8 33.48 -33.00 23.23
C ILE B 8 33.59 -33.74 24.57
N ASP B 9 32.48 -33.86 25.29
CA ASP B 9 32.55 -34.43 26.64
C ASP B 9 31.36 -35.32 27.07
N ASN B 10 30.60 -35.78 26.08
CA ASN B 10 29.44 -36.66 26.29
C ASN B 10 28.46 -36.29 27.39
N THR B 11 28.29 -34.99 27.66
CA THR B 11 27.28 -34.55 28.62
C THR B 11 25.97 -34.18 27.91
N VAL B 12 24.85 -34.43 28.57
CA VAL B 12 23.56 -34.08 27.97
C VAL B 12 23.22 -32.61 28.16
N ILE B 13 22.69 -32.02 27.10
CA ILE B 13 22.15 -30.67 27.13
C ILE B 13 20.67 -30.82 26.78
N VAL B 14 19.80 -30.05 27.43
CA VAL B 14 18.37 -30.20 27.17
C VAL B 14 17.75 -28.92 26.64
N PRO B 15 17.78 -28.75 25.32
CA PRO B 15 17.32 -27.53 24.68
C PRO B 15 15.88 -27.29 25.04
N LYS B 16 15.62 -26.13 25.62
CA LYS B 16 14.26 -25.72 25.93
C LYS B 16 14.18 -24.23 25.65
N LEU B 17 12.97 -23.73 25.42
CA LEU B 17 12.82 -22.28 25.24
C LEU B 17 11.46 -21.79 25.74
N PRO B 18 11.41 -20.50 26.18
CA PRO B 18 10.27 -19.88 26.85
C PRO B 18 8.90 -20.32 26.34
N ALA B 19 7.98 -20.52 27.27
CA ALA B 19 6.63 -20.95 26.93
C ALA B 19 5.82 -19.79 26.35
N ASN B 20 5.08 -20.08 25.29
CA ASN B 20 4.14 -19.12 24.74
C ASN B 20 2.76 -19.71 24.89
N GLU B 21 1.73 -18.88 24.97
CA GLU B 21 0.40 -19.42 25.23
C GLU B 21 -0.67 -19.00 24.23
N ASP B 22 -1.29 -17.85 24.49
CA ASP B 22 -2.45 -17.41 23.73
C ASP B 22 -3.09 -18.54 22.91
N PRO B 23 -3.78 -19.47 23.60
CA PRO B 23 -4.59 -20.48 22.94
C PRO B 23 -5.85 -19.80 22.45
N VAL B 24 -6.37 -20.23 21.30
CA VAL B 24 -7.52 -19.55 20.75
C VAL B 24 -8.80 -19.99 21.44
N GLU B 25 -9.85 -19.21 21.27
CA GLU B 25 -11.15 -19.56 21.81
C GLU B 25 -12.20 -19.51 20.71
N TYR B 26 -12.83 -20.66 20.45
CA TYR B 26 -13.83 -20.77 19.40
C TYR B 26 -15.17 -20.28 19.91
N PRO B 27 -16.09 -19.97 18.99
CA PRO B 27 -17.40 -19.44 19.41
C PRO B 27 -18.21 -20.53 20.05
N ALA B 28 -18.42 -21.64 19.37
CA ALA B 28 -19.25 -22.69 19.94
C ALA B 28 -18.83 -22.96 21.38
N ASP B 29 -17.59 -23.38 21.58
CA ASP B 29 -17.05 -23.69 22.91
C ASP B 29 -17.15 -22.40 23.77
N TYR B 30 -18.37 -21.85 23.88
CA TYR B 30 -18.68 -20.65 24.67
C TYR B 30 -20.16 -20.63 25.00
N PHE B 31 -20.98 -20.91 23.99
CA PHE B 31 -22.38 -21.19 24.25
C PHE B 31 -22.52 -22.54 24.96
N ARG B 32 -21.39 -23.13 25.35
CA ARG B 32 -21.39 -24.14 26.39
C ARG B 32 -21.67 -23.40 27.69
N LYS B 33 -20.75 -22.55 28.11
CA LYS B 33 -20.90 -21.71 29.31
C LYS B 33 -22.27 -21.01 29.40
N SER B 34 -22.31 -19.76 28.97
CA SER B 34 -23.56 -18.99 28.93
C SER B 34 -24.49 -19.48 27.82
N LYS B 35 -25.69 -18.94 27.78
CA LYS B 35 -26.60 -19.22 26.70
C LYS B 35 -27.32 -17.92 26.36
N GLU B 36 -26.64 -16.81 26.62
CA GLU B 36 -27.15 -15.50 26.30
C GLU B 36 -25.98 -14.51 26.19
N ILE B 37 -26.12 -13.49 25.36
CA ILE B 37 -25.06 -12.48 25.31
C ILE B 37 -25.55 -11.19 25.99
N PRO B 38 -25.07 -10.94 27.21
CA PRO B 38 -25.50 -9.85 28.08
C PRO B 38 -25.15 -8.50 27.51
N LEU B 39 -26.10 -7.59 27.49
CA LEU B 39 -25.87 -6.23 26.99
C LEU B 39 -26.24 -5.25 28.09
N TYR B 40 -25.25 -4.78 28.84
CA TYR B 40 -25.49 -3.87 29.95
C TYR B 40 -25.71 -2.43 29.49
N ILE B 41 -26.84 -2.21 28.82
CA ILE B 41 -27.31 -0.85 28.62
C ILE B 41 -27.79 -0.40 29.98
N ASN B 42 -27.10 0.60 30.51
CA ASN B 42 -27.34 0.97 31.90
C ASN B 42 -28.51 1.91 32.06
N THR B 43 -28.25 3.04 32.67
CA THR B 43 -29.31 3.98 32.99
C THR B 43 -30.45 3.87 31.98
N THR B 44 -31.65 4.06 32.50
CA THR B 44 -32.85 4.07 31.68
C THR B 44 -33.66 5.34 32.01
N LYS B 45 -33.16 6.45 31.45
CA LYS B 45 -33.76 7.77 31.56
C LYS B 45 -34.48 8.09 30.24
N SER B 46 -35.12 9.24 30.18
CA SER B 46 -35.86 9.62 29.00
C SER B 46 -34.98 9.66 27.75
N LEU B 47 -35.57 9.28 26.60
CA LEU B 47 -34.87 9.33 25.32
C LEU B 47 -34.71 10.80 24.94
N SER B 48 -35.78 11.58 25.10
CA SER B 48 -35.77 13.01 24.81
C SER B 48 -34.57 13.67 25.48
N ASP B 49 -34.31 13.27 26.72
CA ASP B 49 -33.18 13.78 27.49
C ASP B 49 -31.88 13.36 26.82
N LEU B 50 -31.75 12.06 26.61
CA LEU B 50 -30.55 11.46 26.04
C LEU B 50 -30.20 12.08 24.69
N ARG B 51 -31.20 12.20 23.82
CA ARG B 51 -31.02 12.86 22.54
C ARG B 51 -30.26 14.16 22.76
N GLY B 52 -30.60 14.83 23.86
CA GLY B 52 -29.92 16.05 24.28
C GLY B 52 -28.47 15.82 24.68
N TYR B 53 -28.25 15.03 25.74
CA TYR B 53 -26.90 14.85 26.27
C TYR B 53 -25.88 14.58 25.18
N VAL B 54 -26.30 13.86 24.14
CA VAL B 54 -25.39 13.56 23.03
C VAL B 54 -25.28 14.74 22.08
N TYR B 55 -26.40 15.16 21.49
CA TYR B 55 -26.35 16.24 20.52
C TYR B 55 -25.46 17.36 21.06
N GLN B 56 -25.50 17.55 22.39
CA GLN B 56 -24.61 18.48 23.09
C GLN B 56 -23.20 17.89 23.11
N GLY B 57 -23.01 16.85 23.93
CA GLY B 57 -21.70 16.24 24.09
C GLY B 57 -20.91 16.11 22.80
N LEU B 58 -21.63 15.86 21.71
CA LEU B 58 -20.99 15.73 20.41
C LEU B 58 -20.43 17.06 19.98
N LYS B 59 -21.32 18.04 19.77
CA LYS B 59 -20.91 19.38 19.33
C LYS B 59 -19.85 19.92 20.28
N SER B 60 -19.96 19.56 21.55
CA SER B 60 -18.97 19.92 22.57
C SER B 60 -17.58 19.39 22.21
N GLY B 61 -17.42 18.07 22.27
CA GLY B 61 -16.10 17.49 22.12
C GLY B 61 -15.88 16.48 23.23
N ASN B 62 -16.95 16.18 23.94
CA ASN B 62 -16.94 15.09 24.90
C ASN B 62 -18.36 14.72 25.31
N VAL B 63 -18.58 13.44 25.45
CA VAL B 63 -19.88 12.94 25.79
C VAL B 63 -19.66 11.53 26.32
N SER B 64 -20.33 11.18 27.40
CA SER B 64 -20.11 9.88 28.02
C SER B 64 -20.47 8.76 27.08
N ILE B 65 -19.60 7.77 26.98
CA ILE B 65 -19.99 6.61 26.22
C ILE B 65 -21.29 6.10 26.83
N ILE B 66 -21.34 5.98 28.16
CA ILE B 66 -22.53 5.43 28.80
C ILE B 66 -23.81 6.03 28.24
N HIS B 67 -23.78 7.33 27.97
CA HIS B 67 -24.95 8.03 27.48
C HIS B 67 -25.30 7.58 26.07
N VAL B 68 -24.34 7.67 25.16
CA VAL B 68 -24.58 7.27 23.77
C VAL B 68 -25.15 5.83 23.65
N ASN B 69 -24.54 4.88 24.36
CA ASN B 69 -25.11 3.54 24.41
C ASN B 69 -26.58 3.57 24.73
N SER B 70 -26.92 4.27 25.81
CA SER B 70 -28.30 4.38 26.28
C SER B 70 -29.18 5.01 25.19
N TYR B 71 -28.68 6.07 24.58
CA TYR B 71 -29.41 6.73 23.51
C TYR B 71 -29.73 5.79 22.37
N LEU B 72 -28.69 5.10 21.90
CA LEU B 72 -28.81 4.10 20.84
C LEU B 72 -29.90 3.10 21.18
N TYR B 73 -29.75 2.38 22.28
CA TYR B 73 -30.79 1.44 22.69
C TYR B 73 -32.13 2.13 22.56
N GLY B 74 -32.17 3.41 22.94
CA GLY B 74 -33.38 4.21 22.90
C GLY B 74 -34.01 4.31 21.53
N ALA B 75 -33.26 4.90 20.59
CA ALA B 75 -33.75 5.10 19.22
C ALA B 75 -33.80 3.84 18.32
N LEU B 76 -33.24 2.73 18.80
CA LEU B 76 -33.15 1.53 17.98
C LEU B 76 -34.13 0.43 18.33
N LYS B 77 -34.92 0.60 19.38
CA LYS B 77 -35.84 -0.46 19.77
C LYS B 77 -37.02 -0.63 18.83
N ASP B 78 -36.99 0.03 17.67
CA ASP B 78 -37.78 -0.46 16.53
C ASP B 78 -37.73 -2.00 16.46
N ILE B 79 -38.86 -2.60 16.80
CA ILE B 79 -39.00 -4.05 16.75
C ILE B 79 -39.39 -4.44 15.31
N ARG B 80 -38.69 -3.86 14.32
CA ARG B 80 -39.02 -4.05 12.91
C ARG B 80 -38.55 -5.40 12.39
N GLY B 81 -38.99 -5.80 11.19
CA GLY B 81 -38.52 -7.04 10.59
C GLY B 81 -39.28 -8.31 10.92
N LYS B 82 -39.85 -8.93 9.90
CA LYS B 82 -40.64 -10.17 10.03
C LYS B 82 -39.86 -11.37 9.50
N LEU B 83 -39.61 -12.35 10.38
CA LEU B 83 -38.81 -13.52 10.01
C LEU B 83 -39.27 -14.24 8.75
N ASP B 84 -38.44 -14.15 7.72
CA ASP B 84 -38.67 -14.85 6.46
C ASP B 84 -38.87 -16.36 6.72
N LYS B 85 -37.80 -17.06 7.09
CA LYS B 85 -37.87 -18.47 7.45
C LYS B 85 -37.71 -18.59 8.95
N ASP B 86 -36.97 -19.58 9.42
CA ASP B 86 -36.66 -19.68 10.85
C ASP B 86 -35.31 -19.03 11.09
N TRP B 87 -34.86 -19.01 12.35
CA TRP B 87 -33.56 -18.41 12.68
C TRP B 87 -32.99 -18.88 14.01
N SER B 88 -31.84 -19.55 13.96
CA SER B 88 -31.18 -20.01 15.18
C SER B 88 -29.69 -20.22 14.95
N SER B 89 -28.91 -20.02 15.99
CA SER B 89 -27.47 -20.18 15.92
C SER B 89 -26.95 -20.75 17.21
N PHE B 90 -26.03 -21.71 17.13
CA PHE B 90 -25.37 -22.26 18.30
C PHE B 90 -26.32 -22.74 19.38
N GLY B 91 -27.49 -23.21 18.99
CA GLY B 91 -28.46 -23.64 19.97
C GLY B 91 -29.48 -22.58 20.34
N ILE B 92 -29.04 -21.35 20.48
CA ILE B 92 -29.95 -20.24 20.77
C ILE B 92 -30.99 -20.08 19.69
N ASN B 93 -32.27 -20.11 20.06
CA ASN B 93 -33.33 -19.92 19.07
C ASN B 93 -33.80 -18.47 19.07
N ILE B 94 -33.24 -17.67 18.17
CA ILE B 94 -33.45 -16.23 18.13
C ILE B 94 -34.87 -15.83 17.77
N GLY B 95 -35.43 -16.50 16.78
CA GLY B 95 -36.78 -16.23 16.31
C GLY B 95 -37.40 -17.50 15.76
N LYS B 96 -38.62 -17.39 15.24
CA LYS B 96 -39.27 -18.52 14.57
C LYS B 96 -40.37 -18.04 13.63
N ALA B 97 -40.54 -18.77 12.52
CA ALA B 97 -41.88 -19.04 12.00
C ALA B 97 -42.72 -17.78 11.95
N GLY B 98 -42.32 -16.83 11.11
CA GLY B 98 -43.12 -15.65 10.84
C GLY B 98 -43.12 -14.66 11.99
N ASP B 99 -42.41 -15.02 13.06
CA ASP B 99 -42.25 -14.12 14.19
C ASP B 99 -41.88 -12.71 13.76
N THR B 100 -42.15 -11.76 14.65
CA THR B 100 -41.65 -10.41 14.44
C THR B 100 -40.63 -10.15 15.54
N ILE B 101 -39.44 -9.71 15.16
CA ILE B 101 -38.37 -9.45 16.13
C ILE B 101 -37.63 -8.16 15.82
N GLY B 102 -36.92 -7.63 16.82
CA GLY B 102 -36.13 -6.43 16.65
C GLY B 102 -34.69 -6.61 17.09
N ILE B 103 -33.83 -5.70 16.66
CA ILE B 103 -32.40 -5.74 16.92
C ILE B 103 -32.03 -6.31 18.27
N PHE B 104 -32.57 -5.74 19.33
CA PHE B 104 -32.12 -6.12 20.66
C PHE B 104 -32.70 -7.43 21.17
N ASP B 105 -33.15 -8.26 20.23
CA ASP B 105 -33.53 -9.61 20.59
C ASP B 105 -32.25 -10.44 20.66
N LEU B 106 -31.24 -9.80 21.28
CA LEU B 106 -30.00 -10.44 21.69
C LEU B 106 -29.50 -9.92 23.09
N VAL B 107 -30.42 -9.98 24.07
CA VAL B 107 -30.21 -10.25 25.52
C VAL B 107 -29.90 -9.14 26.56
N SER B 108 -30.87 -8.25 26.82
CA SER B 108 -30.60 -7.00 27.60
C SER B 108 -30.65 -7.05 29.15
N LEU B 109 -29.56 -6.62 29.77
CA LEU B 109 -29.52 -6.48 31.22
C LEU B 109 -29.19 -5.01 31.51
N LYS B 110 -29.52 -4.54 32.71
CA LYS B 110 -29.23 -3.15 33.10
C LYS B 110 -28.24 -3.14 34.25
N ALA B 111 -27.61 -2.00 34.53
CA ALA B 111 -26.64 -1.98 35.62
C ALA B 111 -26.19 -0.60 36.09
N LEU B 112 -25.27 -0.61 37.06
CA LEU B 112 -24.70 0.60 37.68
C LEU B 112 -25.70 1.70 38.04
N ASP B 113 -25.18 2.87 38.43
CA ASP B 113 -26.03 3.93 38.98
C ASP B 113 -25.58 5.35 38.63
N GLY B 114 -24.25 5.56 38.55
CA GLY B 114 -23.69 6.89 38.30
C GLY B 114 -23.78 7.39 36.86
N VAL B 115 -24.04 8.68 36.70
CA VAL B 115 -24.13 9.32 35.38
C VAL B 115 -23.43 10.67 35.32
N LEU B 116 -23.96 11.59 34.51
CA LEU B 116 -23.34 12.91 34.32
C LEU B 116 -24.34 14.07 34.50
N PRO B 117 -24.40 15.07 33.56
CA PRO B 117 -25.43 16.11 33.76
C PRO B 117 -26.80 15.63 34.32
N ASP B 118 -27.52 16.54 35.00
CA ASP B 118 -28.79 16.22 35.67
C ASP B 118 -29.99 15.95 34.73
N GLY B 119 -30.85 15.01 35.14
CA GLY B 119 -32.14 14.74 34.51
C GLY B 119 -32.48 15.15 33.08
N VAL B 120 -32.36 16.43 32.75
CA VAL B 120 -32.89 16.97 31.49
C VAL B 120 -32.08 18.12 30.86
N SER B 121 -31.35 17.82 29.77
CA SER B 121 -30.52 18.83 29.09
C SER B 121 -31.31 19.86 28.28
N ASP B 122 -30.74 20.26 27.14
CA ASP B 122 -31.32 21.29 26.28
C ASP B 122 -32.38 20.74 25.33
N ALA B 123 -33.64 21.06 25.62
CA ALA B 123 -34.77 20.54 24.87
C ALA B 123 -34.68 20.86 23.37
N SER B 124 -33.80 21.81 23.03
CA SER B 124 -33.68 22.32 21.67
C SER B 124 -33.85 21.27 20.55
N ARG B 125 -33.48 20.03 20.81
CA ARG B 125 -33.45 19.00 19.77
C ARG B 125 -34.67 18.09 19.73
N THR B 126 -35.19 17.86 18.54
CA THR B 126 -36.42 17.10 18.32
C THR B 126 -36.18 15.72 17.69
N SER B 127 -37.23 15.12 17.13
CA SER B 127 -37.10 13.85 16.43
C SER B 127 -36.48 13.95 15.02
N ALA B 128 -35.53 14.86 14.84
CA ALA B 128 -34.48 14.66 13.85
C ALA B 128 -33.60 13.69 14.58
N ASP B 129 -34.16 12.51 14.81
CA ASP B 129 -33.73 11.61 15.85
C ASP B 129 -33.30 10.32 15.22
N ASP B 130 -34.09 9.28 15.45
CA ASP B 130 -33.87 7.96 14.88
C ASP B 130 -33.28 8.14 13.49
N LYS B 131 -34.08 8.71 12.60
CA LYS B 131 -33.65 8.99 11.24
C LYS B 131 -32.14 8.84 11.06
N TRP B 132 -31.37 9.74 11.66
CA TRP B 132 -29.97 9.90 11.27
C TRP B 132 -28.95 9.91 12.40
N LEU B 133 -29.35 10.34 13.59
CA LEU B 133 -28.40 10.47 14.70
C LEU B 133 -27.74 9.13 15.03
N PRO B 134 -28.53 8.04 15.15
CA PRO B 134 -27.88 6.76 15.44
C PRO B 134 -26.84 6.41 14.39
N LEU B 135 -27.21 6.50 13.12
CA LEU B 135 -26.28 6.21 12.04
C LEU B 135 -24.93 6.86 12.25
N TYR B 136 -24.95 8.11 12.68
CA TYR B 136 -23.72 8.84 12.95
C TYR B 136 -22.93 8.11 14.03
N LEU B 137 -23.55 7.97 15.18
CA LEU B 137 -22.93 7.29 16.30
C LEU B 137 -22.29 5.98 15.84
N LEU B 138 -23.04 5.15 15.12
CA LEU B 138 -22.51 3.88 14.67
C LEU B 138 -21.41 4.11 13.65
N GLY B 139 -21.65 5.00 12.69
CA GLY B 139 -20.64 5.35 11.70
C GLY B 139 -19.27 5.56 12.31
N LEU B 140 -19.22 6.21 13.46
CA LEU B 140 -17.94 6.54 14.07
C LEU B 140 -17.12 5.29 14.43
N TYR B 141 -17.80 4.19 14.72
CA TYR B 141 -17.08 2.95 15.07
C TYR B 141 -16.07 2.58 14.01
N ARG B 142 -16.50 2.69 12.76
CA ARG B 142 -15.67 2.36 11.60
C ARG B 142 -14.49 3.31 11.54
N VAL B 143 -14.82 4.60 11.57
CA VAL B 143 -13.83 5.66 11.50
C VAL B 143 -12.82 5.51 12.63
N GLY B 144 -13.26 4.99 13.77
CA GLY B 144 -12.43 4.88 14.95
C GLY B 144 -11.36 3.80 14.89
N ARG B 145 -11.35 3.05 13.79
CA ARG B 145 -10.42 1.92 13.66
C ARG B 145 -9.17 2.24 12.86
N THR B 146 -9.34 2.78 11.65
CA THR B 146 -8.20 3.13 10.81
C THR B 146 -7.26 4.16 11.46
N GLN B 147 -5.98 3.80 11.54
CA GLN B 147 -4.97 4.63 12.19
C GLN B 147 -4.40 5.73 11.29
N MET B 148 -4.92 5.84 10.06
CA MET B 148 -4.29 6.67 9.04
C MET B 148 -5.21 7.78 8.51
N PRO B 149 -4.63 8.77 7.80
CA PRO B 149 -5.35 9.87 7.17
C PRO B 149 -6.53 9.41 6.33
N GLU B 150 -6.58 8.11 6.04
CA GLU B 150 -7.74 7.53 5.34
C GLU B 150 -9.01 7.74 6.14
N TYR B 151 -8.87 7.98 7.44
CA TYR B 151 -10.02 8.17 8.29
C TYR B 151 -10.90 9.31 7.76
N ARG B 152 -10.27 10.43 7.42
CA ARG B 152 -11.01 11.57 6.87
C ARG B 152 -11.53 11.24 5.46
N LYS B 153 -11.06 10.14 4.90
CA LYS B 153 -11.61 9.62 3.66
C LYS B 153 -12.97 9.00 3.94
N LYS B 154 -13.05 8.26 5.05
CA LYS B 154 -14.29 7.62 5.46
C LYS B 154 -15.30 8.60 6.02
N LEU B 155 -14.85 9.47 6.92
CA LEU B 155 -15.73 10.47 7.51
C LEU B 155 -16.37 11.32 6.41
N MET B 156 -15.59 11.65 5.39
CA MET B 156 -16.13 12.34 4.23
C MET B 156 -17.40 11.62 3.79
N ASP B 157 -17.24 10.39 3.32
CA ASP B 157 -18.37 9.56 2.89
C ASP B 157 -19.30 9.27 4.07
N GLY B 158 -18.71 9.26 5.26
CA GLY B 158 -19.44 8.99 6.49
C GLY B 158 -20.54 10.00 6.75
N LEU B 159 -20.41 11.17 6.12
CA LEU B 159 -21.43 12.20 6.25
C LEU B 159 -22.11 12.50 4.92
N THR B 160 -21.35 12.43 3.83
CA THR B 160 -21.96 12.60 2.51
C THR B 160 -22.93 11.45 2.32
N ASN B 161 -22.91 10.54 3.29
CA ASN B 161 -24.03 9.65 3.52
C ASN B 161 -25.08 10.48 4.24
N GLN B 162 -25.01 10.47 5.57
CA GLN B 162 -25.55 11.55 6.39
C GLN B 162 -26.61 12.35 5.62
N CYS B 163 -26.17 13.08 4.60
CA CYS B 163 -26.78 14.36 4.25
C CYS B 163 -28.27 14.19 3.94
N LYS B 164 -28.73 12.94 3.94
CA LYS B 164 -30.04 12.60 3.39
C LYS B 164 -31.10 13.60 3.85
N MET B 165 -31.33 13.66 5.15
CA MET B 165 -32.67 13.88 5.69
C MET B 165 -32.74 15.36 6.05
N ILE B 166 -31.63 15.89 6.55
CA ILE B 166 -31.54 17.11 7.34
C ILE B 166 -30.39 18.01 6.86
N ASN B 167 -29.36 17.38 6.32
CA ASN B 167 -28.18 18.11 5.86
C ASN B 167 -27.44 18.83 6.99
N GLU B 168 -26.84 18.08 7.90
CA GLU B 168 -26.00 18.68 8.94
C GLU B 168 -24.53 18.61 8.53
N GLN B 169 -23.63 18.58 9.50
CA GLN B 169 -22.20 18.59 9.20
C GLN B 169 -21.38 17.93 10.30
N PHE B 170 -20.06 18.21 10.29
CA PHE B 170 -19.12 17.78 11.33
C PHE B 170 -19.70 17.92 12.74
N GLU B 171 -19.06 17.27 13.72
CA GLU B 171 -19.46 17.45 15.12
C GLU B 171 -18.25 17.68 16.03
N PRO B 172 -17.28 16.75 16.02
CA PRO B 172 -16.03 17.08 16.73
C PRO B 172 -15.22 18.05 15.87
N LEU B 173 -13.98 18.30 16.28
CA LEU B 173 -13.10 19.15 15.49
C LEU B 173 -11.78 18.42 15.42
N VAL B 174 -11.44 17.81 16.56
CA VAL B 174 -10.18 17.10 16.76
C VAL B 174 -10.06 15.86 15.89
N PRO B 175 -9.04 15.83 15.04
CA PRO B 175 -8.89 14.76 14.06
C PRO B 175 -9.28 13.40 14.64
N GLU B 176 -8.30 12.66 15.15
CA GLU B 176 -8.51 11.28 15.56
C GLU B 176 -7.13 10.81 16.01
N GLY B 177 -6.87 9.52 15.87
CA GLY B 177 -5.53 8.98 16.09
C GLY B 177 -5.59 8.34 17.46
N ARG B 178 -6.76 8.19 17.97
CA ARG B 178 -7.00 7.68 19.31
C ARG B 178 -6.95 8.80 20.34
N ASP B 179 -8.29 9.08 20.83
CA ASP B 179 -8.51 10.08 21.89
C ASP B 179 -9.98 10.53 21.92
N ILE B 180 -10.53 10.83 20.74
CA ILE B 180 -11.85 11.46 20.61
C ILE B 180 -13.06 10.53 20.91
N PHE B 181 -13.52 9.85 19.87
CA PHE B 181 -14.53 8.77 19.99
C PHE B 181 -13.84 7.47 19.60
N ASP B 182 -12.66 7.62 19.02
CA ASP B 182 -11.82 6.54 18.56
C ASP B 182 -11.62 5.47 19.63
N VAL B 183 -12.14 5.72 20.83
CA VAL B 183 -11.98 4.79 21.94
C VAL B 183 -13.29 4.15 22.36
N TRP B 184 -14.37 4.57 21.71
CA TRP B 184 -15.66 3.94 21.93
C TRP B 184 -15.53 2.43 21.72
N GLY B 185 -14.75 2.04 20.71
CA GLY B 185 -14.53 0.64 20.39
C GLY B 185 -13.98 -0.16 21.55
N ASN B 186 -13.56 0.51 22.61
CA ASN B 186 -13.03 -0.18 23.77
C ASN B 186 -14.14 -0.56 24.78
N ASP B 187 -15.35 -0.07 24.52
CA ASP B 187 -16.49 -0.26 25.42
C ASP B 187 -17.26 -1.51 25.06
N SER B 188 -17.04 -2.58 25.83
CA SER B 188 -17.63 -3.88 25.54
C SER B 188 -19.12 -3.79 25.24
N ASN B 189 -19.78 -2.75 25.75
CA ASN B 189 -21.21 -2.62 25.55
C ASN B 189 -21.52 -1.92 24.25
N TYR B 190 -20.64 -1.01 23.85
CA TYR B 190 -20.80 -0.30 22.59
C TYR B 190 -20.74 -1.30 21.47
N THR B 191 -19.60 -1.97 21.35
CA THR B 191 -19.42 -2.99 20.33
C THR B 191 -20.62 -3.93 20.24
N LYS B 192 -21.06 -4.46 21.38
CA LYS B 192 -22.19 -5.39 21.38
C LYS B 192 -23.37 -4.84 20.61
N ILE B 193 -23.54 -3.54 20.63
CA ILE B 193 -24.64 -2.92 19.91
C ILE B 193 -24.35 -2.89 18.42
N VAL B 194 -23.13 -2.51 18.09
CA VAL B 194 -22.69 -2.46 16.70
C VAL B 194 -22.89 -3.82 16.07
N ALA B 195 -22.43 -4.86 16.75
CA ALA B 195 -22.60 -6.21 16.25
C ALA B 195 -24.07 -6.56 16.09
N ALA B 196 -24.85 -6.32 17.13
CA ALA B 196 -26.27 -6.66 17.07
C ALA B 196 -26.95 -5.97 15.89
N VAL B 197 -26.67 -4.69 15.68
CA VAL B 197 -27.20 -3.99 14.51
C VAL B 197 -26.75 -4.60 13.18
N ASP B 198 -25.46 -4.82 13.03
CA ASP B 198 -25.01 -5.39 11.79
C ASP B 198 -25.64 -6.74 11.56
N MET B 199 -25.60 -7.60 12.57
CA MET B 199 -26.12 -8.95 12.39
C MET B 199 -27.58 -8.91 12.07
N PHE B 200 -28.26 -7.89 12.58
CA PHE B 200 -29.68 -7.76 12.35
C PHE B 200 -29.98 -7.36 10.91
N PHE B 201 -29.28 -6.35 10.42
CA PHE B 201 -29.58 -5.87 9.08
C PHE B 201 -28.96 -6.74 7.99
N HIS B 202 -28.00 -7.57 8.37
CA HIS B 202 -27.51 -8.56 7.42
C HIS B 202 -28.58 -9.59 7.13
N MET B 203 -29.50 -9.79 8.08
CA MET B 203 -30.64 -10.68 7.90
C MET B 203 -31.78 -9.99 7.16
N PHE B 204 -32.17 -8.81 7.62
CA PHE B 204 -33.22 -8.08 6.95
C PHE B 204 -32.61 -7.09 5.96
N LYS B 205 -31.77 -7.63 5.08
CA LYS B 205 -31.02 -6.83 4.12
C LYS B 205 -31.86 -5.70 3.58
N LYS B 206 -33.13 -5.99 3.33
CA LYS B 206 -34.04 -5.01 2.74
C LYS B 206 -34.90 -4.38 3.83
N HIS B 207 -34.57 -3.16 4.22
CA HIS B 207 -35.27 -2.51 5.31
C HIS B 207 -34.90 -1.03 5.35
N GLU B 208 -35.89 -0.16 5.41
CA GLU B 208 -35.65 1.27 5.29
C GLU B 208 -34.44 1.70 6.10
N CYS B 209 -34.30 1.12 7.28
CA CYS B 209 -33.23 1.51 8.20
C CYS B 209 -31.95 0.71 8.01
N ALA B 210 -31.96 -0.27 7.14
CA ALA B 210 -30.76 -1.08 6.90
C ALA B 210 -29.57 -0.26 6.43
N SER B 211 -29.78 1.04 6.20
CA SER B 211 -28.66 1.88 5.80
C SER B 211 -27.66 2.00 6.93
N PHE B 212 -28.11 1.71 8.15
CA PHE B 212 -27.26 1.80 9.36
C PHE B 212 -26.05 0.89 9.25
N ARG B 213 -26.11 -0.07 8.34
CA ARG B 213 -25.00 -1.00 8.14
C ARG B 213 -23.71 -0.26 7.82
N TYR B 214 -23.80 0.89 7.16
CA TYR B 214 -22.61 1.68 6.94
C TYR B 214 -21.87 1.70 8.25
N GLY B 215 -20.55 1.56 8.23
CA GLY B 215 -19.79 1.69 9.46
C GLY B 215 -20.04 0.66 10.55
N THR B 216 -21.20 0.01 10.55
CA THR B 216 -21.43 -1.11 11.44
C THR B 216 -20.90 -2.41 10.80
N ILE B 217 -20.53 -2.35 9.53
CA ILE B 217 -20.14 -3.54 8.80
C ILE B 217 -18.73 -4.04 9.09
N VAL B 218 -17.81 -3.16 9.43
CA VAL B 218 -16.45 -3.62 9.65
C VAL B 218 -16.35 -4.36 10.95
N SER B 219 -17.49 -4.74 11.51
CA SER B 219 -17.44 -5.57 12.70
C SER B 219 -17.62 -7.03 12.32
N ARG B 220 -18.23 -7.24 11.14
CA ARG B 220 -18.47 -8.59 10.62
C ARG B 220 -17.20 -9.23 10.10
N PHE B 221 -16.76 -10.28 10.78
CA PHE B 221 -15.52 -10.95 10.47
C PHE B 221 -14.30 -10.19 10.96
N LYS B 222 -14.54 -9.25 11.86
CA LYS B 222 -13.45 -8.55 12.51
C LYS B 222 -12.53 -9.59 13.11
N ASP B 223 -11.24 -9.44 12.82
CA ASP B 223 -10.20 -10.35 13.30
C ASP B 223 -10.36 -11.77 12.74
N CYS B 224 -10.87 -11.88 11.51
CA CYS B 224 -10.98 -13.17 10.82
C CYS B 224 -10.33 -13.10 9.45
N ALA B 225 -9.17 -12.48 9.36
CA ALA B 225 -8.54 -12.27 8.07
C ALA B 225 -8.19 -13.58 7.35
N ALA B 226 -7.68 -14.57 8.08
CA ALA B 226 -7.23 -15.80 7.43
C ALA B 226 -8.35 -16.41 6.62
N LEU B 227 -9.53 -16.53 7.22
CA LEU B 227 -10.71 -17.00 6.49
C LEU B 227 -10.90 -16.23 5.19
N ALA B 228 -10.70 -14.93 5.25
CA ALA B 228 -10.87 -14.14 4.05
C ALA B 228 -9.78 -14.46 3.04
N THR B 229 -8.55 -14.65 3.50
CA THR B 229 -7.50 -14.79 2.52
C THR B 229 -7.67 -16.12 1.81
N PHE B 230 -8.19 -17.11 2.52
CA PHE B 230 -8.48 -18.42 1.93
C PHE B 230 -9.56 -18.32 0.87
N GLY B 231 -10.60 -17.57 1.15
CA GLY B 231 -11.62 -17.30 0.17
C GLY B 231 -11.06 -16.62 -1.07
N HIS B 232 -10.20 -15.61 -0.90
CA HIS B 232 -9.63 -14.93 -2.06
C HIS B 232 -8.74 -15.88 -2.87
N LEU B 233 -7.97 -16.70 -2.18
CA LEU B 233 -7.12 -17.68 -2.83
C LEU B 233 -7.91 -18.56 -3.78
N CYS B 234 -9.09 -19.01 -3.36
CA CYS B 234 -9.90 -19.85 -4.22
C CYS B 234 -10.35 -19.05 -5.41
N LYS B 235 -10.92 -17.88 -5.12
CA LYS B 235 -11.51 -17.08 -6.17
C LYS B 235 -10.45 -16.75 -7.17
N ILE B 236 -9.22 -16.61 -6.71
CA ILE B 236 -8.16 -16.02 -7.52
C ILE B 236 -7.37 -17.06 -8.32
N THR B 237 -7.49 -18.34 -7.94
CA THR B 237 -6.87 -19.43 -8.68
C THR B 237 -7.88 -20.17 -9.52
N GLY B 238 -9.15 -20.03 -9.19
CA GLY B 238 -10.18 -20.74 -9.91
C GLY B 238 -10.44 -22.12 -9.32
N MET B 239 -9.60 -22.53 -8.38
CA MET B 239 -9.74 -23.84 -7.78
C MET B 239 -10.84 -23.95 -6.72
N SER B 240 -11.32 -25.17 -6.53
CA SER B 240 -12.30 -25.49 -5.52
C SER B 240 -11.64 -25.42 -4.18
N THR B 241 -12.45 -25.41 -3.13
CA THR B 241 -11.90 -25.24 -1.80
C THR B 241 -11.11 -26.49 -1.41
N GLU B 242 -11.56 -27.64 -1.88
CA GLU B 242 -10.89 -28.88 -1.50
C GLU B 242 -9.60 -29.05 -2.29
N ASP B 243 -9.59 -28.59 -3.54
CA ASP B 243 -8.38 -28.67 -4.34
C ASP B 243 -7.30 -27.70 -3.83
N VAL B 244 -7.71 -26.48 -3.51
CA VAL B 244 -6.77 -25.51 -2.94
C VAL B 244 -6.13 -26.10 -1.71
N THR B 245 -6.94 -26.71 -0.84
CA THR B 245 -6.40 -27.33 0.37
C THR B 245 -5.25 -28.28 0.08
N THR B 246 -5.37 -29.13 -0.95
CA THR B 246 -4.34 -30.12 -1.22
C THR B 246 -3.02 -29.48 -1.63
N TRP B 247 -3.08 -28.25 -2.13
CA TRP B 247 -1.87 -27.55 -2.52
C TRP B 247 -1.06 -26.96 -1.33
N ILE B 248 -1.63 -27.07 -0.14
CA ILE B 248 -0.87 -26.74 1.07
C ILE B 248 0.33 -27.67 1.18
N LEU B 249 1.51 -27.11 1.37
CA LEU B 249 2.72 -27.89 1.21
C LEU B 249 3.75 -27.78 2.33
N ASN B 250 3.35 -27.26 3.50
CA ASN B 250 4.25 -27.27 4.66
C ASN B 250 3.44 -27.50 5.92
N ARG B 251 3.98 -28.25 6.88
CA ARG B 251 3.21 -28.56 8.07
C ARG B 251 2.47 -27.35 8.68
N GLU B 252 3.20 -26.35 9.17
CA GLU B 252 2.56 -25.28 9.94
C GLU B 252 1.50 -24.51 9.19
N VAL B 253 1.44 -24.66 7.88
CA VAL B 253 0.26 -24.13 7.19
C VAL B 253 -0.89 -25.11 7.32
N ALA B 254 -0.64 -26.40 7.15
CA ALA B 254 -1.67 -27.40 7.41
C ALA B 254 -2.18 -27.30 8.85
N ASP B 255 -1.26 -27.26 9.82
CA ASP B 255 -1.67 -27.03 11.20
C ASP B 255 -2.67 -25.89 11.24
N GLU B 256 -2.21 -24.73 10.80
CA GLU B 256 -3.04 -23.54 10.76
C GLU B 256 -4.38 -23.84 10.14
N MET B 257 -4.35 -24.44 8.96
CA MET B 257 -5.57 -24.75 8.24
C MET B 257 -6.51 -25.57 9.07
N VAL B 258 -6.01 -26.68 9.61
CA VAL B 258 -6.82 -27.58 10.43
C VAL B 258 -7.50 -26.80 11.54
N GLN B 259 -6.74 -25.92 12.17
CA GLN B 259 -7.26 -25.04 13.22
C GLN B 259 -8.44 -24.21 12.75
N MET B 260 -8.39 -23.74 11.51
CA MET B 260 -9.45 -22.85 11.05
C MET B 260 -10.72 -23.60 10.66
N MET B 261 -10.59 -24.85 10.24
CA MET B 261 -11.74 -25.55 9.71
C MET B 261 -12.36 -26.48 10.75
N LEU B 262 -12.01 -26.25 12.01
CA LEU B 262 -12.62 -26.99 13.09
C LEU B 262 -14.13 -26.92 12.91
N PRO B 263 -14.82 -28.07 13.08
CA PRO B 263 -16.24 -28.21 12.75
C PRO B 263 -17.19 -27.66 13.81
N GLY B 264 -18.44 -27.46 13.39
CA GLY B 264 -19.47 -26.99 14.28
C GLY B 264 -19.20 -25.60 14.81
N GLN B 265 -18.66 -24.73 13.97
CA GLN B 265 -18.43 -23.35 14.35
C GLN B 265 -19.25 -22.43 13.48
N GLU B 266 -20.01 -23.00 12.56
CA GLU B 266 -20.99 -22.23 11.77
C GLU B 266 -20.40 -21.21 10.80
N ILE B 267 -19.15 -21.40 10.37
CA ILE B 267 -18.51 -20.42 9.50
C ILE B 267 -19.11 -20.36 8.10
N ASP B 268 -19.67 -21.47 7.65
CA ASP B 268 -20.28 -21.48 6.31
C ASP B 268 -21.76 -21.15 6.39
N LYS B 269 -22.23 -20.84 7.60
CA LYS B 269 -23.65 -20.55 7.83
C LYS B 269 -23.99 -19.15 7.34
N ALA B 270 -25.23 -18.97 6.91
CA ALA B 270 -25.67 -17.70 6.37
C ALA B 270 -25.56 -16.60 7.42
N ASP B 271 -26.49 -16.59 8.37
CA ASP B 271 -26.50 -15.57 9.43
C ASP B 271 -26.36 -16.20 10.80
N SER B 272 -25.12 -16.34 11.24
CA SER B 272 -24.84 -16.90 12.55
C SER B 272 -24.16 -15.84 13.40
N TYR B 273 -23.91 -16.15 14.67
CA TYR B 273 -23.14 -15.27 15.53
C TYR B 273 -21.65 -15.31 15.21
N MET B 274 -21.19 -16.41 14.63
CA MET B 274 -19.76 -16.62 14.44
C MET B 274 -18.96 -15.44 13.89
N PRO B 275 -19.48 -14.73 12.87
CA PRO B 275 -18.78 -13.59 12.27
C PRO B 275 -18.51 -12.44 13.24
N TYR B 276 -19.30 -12.36 14.30
CA TYR B 276 -19.16 -11.28 15.26
C TYR B 276 -18.54 -11.78 16.53
N LEU B 277 -17.80 -12.87 16.47
CA LEU B 277 -17.30 -13.50 17.66
C LEU B 277 -16.54 -12.51 18.55
N ILE B 278 -15.85 -11.57 17.93
CA ILE B 278 -15.05 -10.62 18.72
C ILE B 278 -15.90 -9.54 19.40
N ASP B 279 -16.71 -8.81 18.61
CA ASP B 279 -17.50 -7.71 19.18
C ASP B 279 -18.63 -8.11 20.15
N PHE B 280 -19.14 -9.33 20.07
CA PHE B 280 -20.08 -9.79 21.09
C PHE B 280 -19.26 -10.37 22.24
N GLY B 281 -17.94 -10.33 22.12
CA GLY B 281 -17.09 -10.93 23.13
C GLY B 281 -17.32 -12.44 23.32
N LEU B 282 -17.71 -13.14 22.26
CA LEU B 282 -17.78 -14.59 22.32
C LEU B 282 -16.40 -15.21 22.43
N SER B 283 -15.38 -14.49 21.99
CA SER B 283 -14.02 -15.00 21.97
C SER B 283 -13.05 -13.84 22.11
N SER B 284 -11.93 -14.08 22.78
CA SER B 284 -11.00 -12.99 23.06
C SER B 284 -9.69 -13.22 22.35
N LYS B 285 -9.58 -14.37 21.68
CA LYS B 285 -8.49 -14.64 20.78
C LYS B 285 -9.05 -15.43 19.62
N SER B 286 -9.30 -14.76 18.51
CA SER B 286 -9.93 -15.41 17.36
C SER B 286 -9.04 -16.47 16.75
N PRO B 287 -9.63 -17.62 16.41
CA PRO B 287 -8.92 -18.73 15.77
C PRO B 287 -8.64 -18.43 14.31
N TYR B 288 -9.35 -17.46 13.77
CA TYR B 288 -9.28 -17.17 12.35
C TYR B 288 -8.43 -15.92 12.04
N SER B 289 -7.81 -15.37 13.07
CA SER B 289 -7.05 -14.15 12.91
C SER B 289 -5.85 -14.39 12.03
N SER B 290 -5.37 -13.31 11.42
CA SER B 290 -4.20 -13.41 10.59
C SER B 290 -2.96 -13.64 11.45
N VAL B 291 -3.00 -13.22 12.70
CA VAL B 291 -1.81 -13.34 13.52
C VAL B 291 -1.71 -14.72 14.17
N LYS B 292 -2.85 -15.41 14.28
CA LYS B 292 -2.82 -16.76 14.76
C LYS B 292 -2.76 -17.77 13.59
N ASN B 293 -2.71 -17.24 12.37
CA ASN B 293 -2.54 -18.05 11.17
C ASN B 293 -1.44 -17.52 10.23
N PRO B 294 -0.29 -17.16 10.82
CA PRO B 294 0.75 -16.40 10.09
C PRO B 294 1.22 -17.13 8.84
N ALA B 295 1.69 -18.35 9.03
CA ALA B 295 2.15 -19.15 7.89
C ALA B 295 1.11 -19.19 6.80
N PHE B 296 -0.13 -19.49 7.15
CA PHE B 296 -1.13 -19.56 6.12
C PHE B 296 -1.22 -18.23 5.50
N HIS B 297 -1.46 -17.22 6.32
CA HIS B 297 -1.58 -15.85 5.83
C HIS B 297 -0.50 -15.42 4.84
N PHE B 298 0.77 -15.67 5.19
CA PHE B 298 1.87 -15.39 4.26
C PHE B 298 1.70 -16.17 2.96
N TRP B 299 1.72 -17.49 3.05
CA TRP B 299 1.62 -18.35 1.89
C TRP B 299 0.47 -17.96 1.00
N GLY B 300 -0.69 -17.78 1.59
CA GLY B 300 -1.89 -17.47 0.81
C GLY B 300 -1.78 -16.16 0.07
N GLN B 301 -1.25 -15.16 0.76
CA GLN B 301 -1.15 -13.84 0.17
C GLN B 301 -0.01 -13.75 -0.85
N LEU B 302 1.15 -14.34 -0.53
CA LEU B 302 2.24 -14.35 -1.48
C LEU B 302 1.75 -14.99 -2.76
N THR B 303 1.20 -16.19 -2.66
CA THR B 303 0.69 -16.85 -3.84
C THR B 303 -0.26 -15.96 -4.61
N ALA B 304 -1.20 -15.34 -3.93
CA ALA B 304 -2.17 -14.50 -4.66
C ALA B 304 -1.47 -13.35 -5.35
N LEU B 305 -0.39 -12.87 -4.76
CA LEU B 305 0.30 -11.76 -5.36
C LEU B 305 0.93 -12.17 -6.67
N LEU B 306 1.61 -13.30 -6.66
CA LEU B 306 2.20 -13.85 -7.87
C LEU B 306 1.13 -14.05 -8.91
N LEU B 307 -0.11 -14.27 -8.48
CA LEU B 307 -1.20 -14.51 -9.42
C LEU B 307 -1.95 -13.25 -9.80
N ARG B 308 -1.42 -12.11 -9.36
CA ARG B 308 -1.84 -10.79 -9.81
C ARG B 308 -2.89 -10.13 -8.93
N SER B 309 -3.04 -10.58 -7.69
CA SER B 309 -3.95 -9.89 -6.78
C SER B 309 -3.50 -8.48 -6.57
N THR B 310 -4.45 -7.57 -6.45
CA THR B 310 -4.10 -6.20 -6.03
C THR B 310 -4.19 -6.11 -4.51
N ARG B 311 -5.29 -6.58 -3.95
CA ARG B 311 -5.41 -6.73 -2.51
C ARG B 311 -4.09 -7.12 -1.85
N ALA B 312 -3.40 -8.07 -2.42
CA ALA B 312 -2.34 -8.75 -1.71
C ALA B 312 -1.03 -8.02 -1.65
N ARG B 313 -0.86 -6.99 -2.47
CA ARG B 313 0.43 -6.30 -2.45
C ARG B 313 0.64 -5.51 -1.16
N ASN B 314 -0.40 -5.41 -0.35
CA ASN B 314 -0.34 -4.60 0.87
C ASN B 314 -0.61 -5.37 2.14
N ALA B 315 -0.70 -6.68 2.04
CA ALA B 315 -0.89 -7.51 3.23
C ALA B 315 0.32 -7.38 4.12
N ARG B 316 0.15 -7.70 5.39
CA ARG B 316 1.29 -7.57 6.29
C ARG B 316 2.13 -8.82 6.30
N GLN B 317 3.44 -8.65 6.43
CA GLN B 317 4.34 -9.77 6.44
C GLN B 317 4.57 -10.21 7.89
N PRO B 318 3.94 -11.32 8.30
CA PRO B 318 4.06 -11.80 9.67
C PRO B 318 5.51 -11.99 10.06
N ASP B 319 5.79 -12.01 11.35
CA ASP B 319 7.12 -12.38 11.85
C ASP B 319 7.15 -13.85 12.31
N ASP B 320 8.35 -14.39 12.52
CA ASP B 320 8.48 -15.72 13.10
C ASP B 320 7.76 -16.83 12.33
N ILE B 321 7.82 -16.76 11.01
CA ILE B 321 7.42 -17.87 10.18
C ILE B 321 8.60 -18.30 9.31
N GLU B 322 8.45 -19.44 8.66
CA GLU B 322 9.54 -20.01 7.90
C GLU B 322 9.52 -19.49 6.45
N TYR B 323 10.07 -18.30 6.24
CA TYR B 323 9.91 -17.60 4.97
C TYR B 323 10.34 -18.43 3.81
N THR B 324 11.62 -18.79 3.74
CA THR B 324 12.18 -19.35 2.52
C THR B 324 11.30 -20.48 1.98
N SER B 325 10.99 -21.45 2.83
CA SER B 325 10.19 -22.60 2.44
C SER B 325 8.76 -22.18 2.14
N LEU B 326 8.21 -21.33 2.97
CA LEU B 326 6.85 -20.85 2.71
C LEU B 326 6.72 -20.25 1.31
N THR B 327 7.70 -19.45 0.90
CA THR B 327 7.68 -18.83 -0.43
C THR B 327 8.07 -19.78 -1.61
N THR B 328 9.02 -20.70 -1.41
CA THR B 328 9.23 -21.72 -2.42
C THR B 328 7.89 -22.40 -2.73
N ALA B 329 7.14 -22.76 -1.68
CA ALA B 329 5.88 -23.46 -1.84
C ALA B 329 4.86 -22.60 -2.57
N GLY B 330 4.87 -21.31 -2.25
CA GLY B 330 3.95 -20.38 -2.90
C GLY B 330 4.27 -20.25 -4.38
N LEU B 331 5.53 -19.98 -4.69
CA LEU B 331 5.98 -19.91 -6.08
C LEU B 331 5.44 -21.07 -6.93
N LEU B 332 5.65 -22.28 -6.45
CA LEU B 332 5.28 -23.49 -7.18
C LEU B 332 3.78 -23.48 -7.49
N TYR B 333 2.99 -23.16 -6.47
CA TYR B 333 1.55 -23.12 -6.62
C TYR B 333 1.19 -22.09 -7.67
N ALA B 334 1.85 -20.93 -7.58
CA ALA B 334 1.56 -19.83 -8.47
C ALA B 334 1.98 -20.17 -9.88
N TYR B 335 3.11 -20.86 -10.00
CA TYR B 335 3.63 -21.25 -11.30
C TYR B 335 2.71 -22.26 -11.96
N ALA B 336 2.27 -23.25 -11.20
CA ALA B 336 1.35 -24.26 -11.72
C ALA B 336 0.13 -23.59 -12.32
N VAL B 337 -0.61 -22.87 -11.48
CA VAL B 337 -1.81 -22.17 -11.90
C VAL B 337 -1.50 -21.15 -13.00
N GLY B 338 -0.30 -20.59 -12.94
CA GLY B 338 0.03 -19.46 -13.76
C GLY B 338 0.29 -19.80 -15.20
N SER B 339 0.68 -21.04 -15.44
CA SER B 339 1.05 -21.48 -16.77
C SER B 339 -0.02 -22.39 -17.40
N SER B 340 -0.77 -23.11 -16.57
CA SER B 340 -1.85 -23.96 -17.07
C SER B 340 -3.21 -23.26 -17.06
N ALA B 341 -3.55 -22.57 -18.13
CA ALA B 341 -4.87 -21.95 -18.22
C ALA B 341 -6.03 -22.95 -18.16
N ASP B 342 -7.10 -22.65 -17.43
CA ASP B 342 -8.27 -23.54 -17.45
C ASP B 342 -8.54 -23.83 -18.91
N LEU B 343 -8.79 -22.76 -19.66
CA LEU B 343 -8.99 -22.83 -21.10
C LEU B 343 -9.72 -24.07 -21.64
N ALA B 344 -11.02 -23.93 -21.86
CA ALA B 344 -11.82 -25.03 -22.42
C ALA B 344 -13.04 -24.48 -23.15
N GLN B 345 -13.25 -24.92 -24.39
CA GLN B 345 -14.37 -24.41 -25.16
C GLN B 345 -15.64 -24.56 -24.35
N GLN B 346 -16.51 -23.56 -24.36
CA GLN B 346 -17.68 -23.57 -23.48
C GLN B 346 -19.03 -23.61 -24.21
N PHE B 347 -19.16 -22.87 -25.32
CA PHE B 347 -20.38 -22.91 -26.14
C PHE B 347 -20.01 -23.39 -27.54
N CYS B 348 -21.00 -23.85 -28.32
CA CYS B 348 -20.72 -24.33 -29.67
C CYS B 348 -21.88 -24.30 -30.66
N VAL B 349 -21.62 -24.66 -31.91
CA VAL B 349 -22.68 -24.78 -32.89
C VAL B 349 -22.67 -26.11 -33.65
N GLY B 350 -22.62 -27.23 -32.94
CA GLY B 350 -22.51 -28.54 -33.58
C GLY B 350 -21.10 -29.12 -33.71
N ASP B 351 -20.08 -28.29 -33.45
CA ASP B 351 -18.68 -28.75 -33.55
C ASP B 351 -17.76 -28.38 -32.37
N ASN B 352 -17.67 -29.27 -31.39
CA ASN B 352 -16.82 -29.02 -30.21
C ASN B 352 -15.36 -29.26 -30.58
N LYS B 353 -14.43 -28.87 -29.71
CA LYS B 353 -13.06 -29.35 -29.83
C LYS B 353 -12.86 -30.39 -28.77
N TYR B 354 -12.62 -31.63 -29.18
CA TYR B 354 -12.23 -32.64 -28.22
C TYR B 354 -10.75 -32.53 -28.01
N THR B 355 -10.35 -32.16 -26.80
CA THR B 355 -8.95 -31.95 -26.48
C THR B 355 -8.00 -33.05 -26.98
N PRO B 356 -8.47 -34.31 -27.03
CA PRO B 356 -7.67 -35.42 -27.56
C PRO B 356 -6.72 -35.09 -28.73
N ASP B 357 -5.57 -35.76 -28.73
CA ASP B 357 -4.56 -35.64 -29.79
C ASP B 357 -4.24 -37.01 -30.45
N THR B 364 6.73 -34.24 -21.89
CA THR B 364 8.04 -34.85 -22.13
C THR B 364 8.76 -35.19 -20.81
N THR B 365 10.06 -34.90 -20.77
CA THR B 365 10.82 -34.95 -19.54
C THR B 365 10.64 -33.66 -18.75
N ASN B 366 11.54 -32.70 -18.95
CA ASN B 366 11.55 -31.49 -18.14
C ASN B 366 10.48 -30.48 -18.53
N ALA B 367 9.59 -30.85 -19.45
CA ALA B 367 8.40 -30.06 -19.66
C ALA B 367 7.47 -30.38 -18.50
N PRO B 368 6.97 -29.32 -17.83
CA PRO B 368 6.24 -29.45 -16.58
C PRO B 368 4.81 -29.92 -16.82
N PRO B 369 4.17 -30.49 -15.78
CA PRO B 369 2.87 -31.15 -15.87
C PRO B 369 1.84 -30.36 -16.65
N GLN B 370 0.84 -31.09 -17.12
CA GLN B 370 -0.18 -30.51 -17.97
C GLN B 370 -1.16 -29.64 -17.18
N GLY B 371 -1.84 -30.23 -16.19
CA GLY B 371 -2.86 -29.52 -15.44
C GLY B 371 -2.40 -28.88 -14.13
N ARG B 372 -3.25 -29.01 -13.12
CA ARG B 372 -3.00 -28.38 -11.85
C ARG B 372 -3.08 -29.42 -10.76
N ASP B 373 -2.28 -30.45 -10.89
CA ASP B 373 -2.37 -31.48 -9.88
C ASP B 373 -1.14 -31.54 -9.00
N VAL B 374 -1.40 -31.51 -7.69
CA VAL B 374 -0.33 -31.48 -6.71
C VAL B 374 0.66 -32.62 -6.91
N VAL B 375 0.14 -33.82 -7.12
CA VAL B 375 1.01 -34.95 -7.21
C VAL B 375 1.86 -34.84 -8.45
N GLU B 376 1.26 -34.43 -9.57
CA GLU B 376 2.05 -34.37 -10.82
C GLU B 376 3.17 -33.37 -10.61
N TRP B 377 2.83 -32.28 -9.94
CA TRP B 377 3.80 -31.21 -9.81
C TRP B 377 4.88 -31.51 -8.79
N LEU B 378 4.46 -31.99 -7.62
CA LEU B 378 5.41 -32.39 -6.61
C LEU B 378 6.49 -33.26 -7.26
N GLY B 379 6.04 -34.25 -8.01
CA GLY B 379 6.90 -35.15 -8.72
C GLY B 379 7.78 -34.40 -9.69
N TRP B 380 7.17 -33.58 -10.54
CA TRP B 380 7.97 -32.83 -11.48
C TRP B 380 9.04 -32.03 -10.74
N PHE B 381 8.67 -31.55 -9.56
CA PHE B 381 9.57 -30.73 -8.76
C PHE B 381 10.73 -31.55 -8.22
N GLU B 382 10.45 -32.71 -7.64
CA GLU B 382 11.52 -33.66 -7.35
C GLU B 382 12.48 -33.72 -8.55
N ASP B 383 11.97 -34.15 -9.70
CA ASP B 383 12.78 -34.22 -10.91
C ASP B 383 13.69 -33.00 -11.05
N GLN B 384 13.20 -31.83 -10.65
CA GLN B 384 13.97 -30.59 -10.80
C GLN B 384 14.96 -30.33 -9.67
N ASN B 385 15.28 -31.36 -8.89
CA ASN B 385 16.13 -31.20 -7.72
C ASN B 385 15.53 -30.22 -6.70
N ARG B 386 14.21 -30.29 -6.55
CA ARG B 386 13.53 -29.46 -5.58
C ARG B 386 14.11 -28.05 -5.47
N LYS B 387 14.60 -27.52 -6.58
CA LYS B 387 15.07 -26.13 -6.62
C LYS B 387 14.40 -25.44 -7.81
N PRO B 388 13.74 -24.31 -7.55
CA PRO B 388 13.01 -23.58 -8.59
C PRO B 388 13.79 -23.45 -9.89
N THR B 389 13.17 -23.80 -11.02
CA THR B 389 13.83 -23.68 -12.32
C THR B 389 13.89 -22.22 -12.75
N PRO B 390 14.71 -21.91 -13.78
CA PRO B 390 14.84 -20.54 -14.27
C PRO B 390 13.53 -19.97 -14.78
N ASP B 391 12.67 -20.80 -15.38
CA ASP B 391 11.39 -20.28 -15.83
C ASP B 391 10.54 -19.77 -14.65
N MET B 392 10.34 -20.61 -13.64
CA MET B 392 9.60 -20.19 -12.47
C MET B 392 10.15 -18.84 -12.03
N MET B 393 11.47 -18.80 -11.85
CA MET B 393 12.11 -17.58 -11.38
C MET B 393 11.75 -16.41 -12.30
N GLN B 394 11.72 -16.68 -13.59
CA GLN B 394 11.35 -15.65 -14.57
C GLN B 394 9.91 -15.26 -14.34
N TYR B 395 9.06 -16.26 -14.09
CA TYR B 395 7.65 -16.01 -13.88
C TYR B 395 7.48 -15.03 -12.73
N ALA B 396 8.20 -15.30 -11.65
CA ALA B 396 8.11 -14.48 -10.45
C ALA B 396 8.52 -13.07 -10.74
N LYS B 397 9.64 -12.92 -11.45
CA LYS B 397 10.15 -11.59 -11.75
C LYS B 397 9.10 -10.78 -12.49
N ARG B 398 8.53 -11.35 -13.56
CA ARG B 398 7.55 -10.63 -14.38
C ARG B 398 6.26 -10.36 -13.61
N ALA B 399 6.14 -10.94 -12.43
CA ALA B 399 4.96 -10.72 -11.62
C ALA B 399 5.18 -9.61 -10.58
N VAL B 400 6.43 -9.36 -10.23
CA VAL B 400 6.72 -8.43 -9.13
C VAL B 400 7.39 -7.18 -9.61
N MET B 401 8.28 -7.27 -10.60
CA MET B 401 8.81 -6.05 -11.19
C MET B 401 7.58 -5.28 -11.66
N SER B 402 7.74 -3.98 -11.90
CA SER B 402 6.61 -3.16 -12.34
C SER B 402 5.52 -2.98 -11.26
N LEU B 403 5.76 -3.50 -10.07
CA LEU B 403 4.98 -3.07 -8.90
C LEU B 403 5.66 -1.84 -8.34
N GLN B 404 4.89 -0.79 -8.11
CA GLN B 404 5.48 0.39 -7.51
C GLN B 404 4.64 0.94 -6.35
N GLY B 405 5.29 1.67 -5.45
CA GLY B 405 4.60 2.27 -4.33
C GLY B 405 4.43 1.38 -3.12
N LEU B 406 5.39 0.49 -2.88
CA LEU B 406 5.27 -0.56 -1.86
C LEU B 406 5.62 -0.13 -0.44
N ARG B 407 4.68 -0.30 0.49
CA ARG B 407 4.93 0.03 1.89
C ARG B 407 5.83 -1.03 2.49
N GLU B 408 6.65 -0.68 3.47
CA GLU B 408 7.57 -1.68 4.02
C GLU B 408 6.85 -2.55 5.03
N LYS B 409 7.36 -3.76 5.21
CA LYS B 409 6.70 -4.82 5.97
C LYS B 409 5.47 -5.38 5.28
N THR B 410 5.20 -5.02 4.02
CA THR B 410 4.13 -5.68 3.29
C THR B 410 4.75 -6.83 2.53
N ILE B 411 3.92 -7.79 2.14
CA ILE B 411 4.43 -8.95 1.46
C ILE B 411 4.57 -8.61 -0.02
N GLY B 412 4.03 -7.47 -0.40
CA GLY B 412 4.35 -6.91 -1.69
C GLY B 412 5.84 -6.58 -1.73
N LYS B 413 6.31 -5.79 -0.78
CA LYS B 413 7.71 -5.43 -0.79
C LYS B 413 8.58 -6.63 -0.60
N TYR B 414 8.13 -7.59 0.20
CA TYR B 414 8.92 -8.78 0.38
C TYR B 414 9.09 -9.43 -0.97
N ALA B 415 7.97 -9.67 -1.65
CA ALA B 415 7.97 -10.35 -2.93
C ALA B 415 8.87 -9.65 -3.95
N LYS B 416 8.86 -8.32 -3.97
CA LYS B 416 9.65 -7.66 -4.99
C LYS B 416 11.14 -7.77 -4.72
N SER B 417 11.53 -7.78 -3.45
CA SER B 417 12.94 -7.97 -3.09
C SER B 417 13.42 -9.37 -3.41
N GLU B 418 12.55 -10.35 -3.26
CA GLU B 418 12.97 -11.71 -3.43
C GLU B 418 13.17 -12.00 -4.90
N PHE B 419 12.32 -11.44 -5.76
CA PHE B 419 12.26 -11.91 -7.15
C PHE B 419 12.74 -10.95 -8.22
N ASP B 420 12.48 -9.66 -8.06
CA ASP B 420 13.00 -8.66 -9.00
C ASP B 420 14.23 -8.00 -8.43
N LYS B 421 15.37 -8.62 -8.67
CA LYS B 421 16.62 -8.12 -8.12
C LYS B 421 17.05 -6.75 -8.67
N SER C 1 49.24 -25.72 24.92
CA SER C 1 50.57 -25.15 24.77
C SER C 1 50.93 -24.38 26.05
N VAL C 2 50.88 -25.06 27.19
CA VAL C 2 51.18 -24.39 28.45
C VAL C 2 52.56 -23.70 28.38
N THR C 3 53.37 -24.04 27.38
CA THR C 3 54.72 -23.51 27.31
C THR C 3 55.16 -22.89 25.95
N VAL C 4 55.60 -21.64 25.99
CA VAL C 4 56.02 -20.92 24.80
C VAL C 4 57.46 -20.44 24.92
N LYS C 5 58.32 -20.79 23.97
CA LYS C 5 59.69 -20.26 24.02
C LYS C 5 59.93 -19.29 22.86
N ARG C 6 60.87 -18.37 23.06
CA ARG C 6 61.25 -17.45 21.99
C ARG C 6 62.46 -18.01 21.22
N ILE C 7 62.30 -18.32 19.94
CA ILE C 7 63.34 -19.05 19.24
C ILE C 7 64.71 -18.36 19.31
N ILE C 8 64.78 -17.06 19.05
CA ILE C 8 66.07 -16.39 18.95
C ILE C 8 67.01 -16.71 20.12
N ASP C 9 66.45 -16.94 21.31
CA ASP C 9 67.31 -17.07 22.48
C ASP C 9 66.81 -18.07 23.53
N ASN C 10 65.89 -18.94 23.12
CA ASN C 10 65.36 -20.04 23.98
C ASN C 10 64.89 -19.66 25.38
N THR C 11 64.42 -18.43 25.55
CA THR C 11 63.86 -18.02 26.84
C THR C 11 62.33 -18.19 26.83
N VAL C 12 61.78 -18.51 27.99
CA VAL C 12 60.34 -18.69 28.10
C VAL C 12 59.62 -17.35 28.30
N ILE C 13 58.53 -17.19 27.54
CA ILE C 13 57.61 -16.08 27.72
C ILE C 13 56.29 -16.69 28.19
N VAL C 14 55.59 -16.02 29.10
CA VAL C 14 54.35 -16.58 29.61
C VAL C 14 53.15 -15.70 29.33
N PRO C 15 52.53 -15.89 28.16
CA PRO C 15 51.44 -15.02 27.71
C PRO C 15 50.33 -15.05 28.71
N LYS C 16 49.98 -13.90 29.24
CA LYS C 16 48.84 -13.79 30.10
C LYS C 16 48.15 -12.47 29.75
N LEU C 17 46.87 -12.35 30.09
CA LEU C 17 46.16 -11.08 29.89
C LEU C 17 45.08 -10.83 30.95
N PRO C 18 44.77 -9.55 31.20
CA PRO C 18 43.88 -9.08 32.27
C PRO C 18 42.67 -9.97 32.56
N ALA C 19 42.39 -10.14 33.84
CA ALA C 19 41.27 -10.97 34.28
C ALA C 19 39.96 -10.26 34.05
N ASN C 20 38.99 -10.98 33.54
CA ASN C 20 37.62 -10.49 33.44
C ASN C 20 36.73 -11.37 34.30
N GLU C 21 35.65 -10.81 34.82
CA GLU C 21 34.86 -11.58 35.77
C GLU C 21 33.39 -11.72 35.41
N ASP C 22 32.57 -10.76 35.84
CA ASP C 22 31.12 -10.84 35.72
C ASP C 22 30.60 -12.27 35.45
N PRO C 23 30.67 -13.13 36.48
CA PRO C 23 30.07 -14.45 36.41
C PRO C 23 28.59 -14.26 36.53
N VAL C 24 27.79 -15.03 35.83
CA VAL C 24 26.35 -14.86 35.87
C VAL C 24 25.75 -15.41 37.15
N GLU C 25 24.53 -14.99 37.45
CA GLU C 25 23.82 -15.52 38.59
C GLU C 25 22.46 -16.06 38.14
N TYR C 26 22.21 -17.34 38.38
CA TYR C 26 20.96 -17.96 37.98
C TYR C 26 19.90 -17.70 39.03
N PRO C 27 18.63 -17.86 38.66
CA PRO C 27 17.57 -17.64 39.63
C PRO C 27 17.56 -18.69 40.73
N ALA C 28 17.45 -19.96 40.35
CA ALA C 28 17.39 -21.02 41.34
C ALA C 28 18.46 -20.78 42.40
N ASP C 29 19.72 -20.79 41.98
CA ASP C 29 20.85 -20.60 42.88
C ASP C 29 20.70 -19.22 43.56
N TYR C 30 19.55 -18.98 44.18
CA TYR C 30 19.23 -17.76 44.93
C TYR C 30 18.15 -18.06 45.97
N PHE C 31 17.10 -18.74 45.55
CA PHE C 31 16.17 -19.31 46.50
C PHE C 31 16.84 -20.45 47.29
N ARG C 32 18.15 -20.61 47.11
CA ARG C 32 18.97 -21.27 48.11
C ARG C 32 19.03 -20.34 49.30
N LYS C 33 19.67 -19.17 49.11
CA LYS C 33 19.78 -18.14 50.15
C LYS C 33 18.46 -17.80 50.84
N SER C 34 17.78 -16.77 50.34
CA SER C 34 16.50 -16.36 50.88
C SER C 34 15.40 -17.33 50.45
N LYS C 35 14.22 -17.17 50.97
CA LYS C 35 13.09 -17.93 50.51
C LYS C 35 11.90 -17.01 50.42
N GLU C 36 12.18 -15.73 50.18
CA GLU C 36 11.15 -14.71 50.05
C GLU C 36 11.73 -13.52 49.28
N ILE C 37 10.89 -12.83 48.52
CA ILE C 37 11.38 -11.62 47.87
C ILE C 37 10.83 -10.36 48.58
N PRO C 38 11.69 -9.70 49.37
CA PRO C 38 11.33 -8.56 50.21
C PRO C 38 10.92 -7.37 49.39
N LEU C 39 9.77 -6.78 49.72
CA LEU C 39 9.29 -5.58 49.07
C LEU C 39 9.14 -4.47 50.10
N TYR C 40 10.14 -3.62 50.24
CA TYR C 40 10.09 -2.54 51.23
C TYR C 40 9.20 -1.39 50.78
N ILE C 41 7.89 -1.62 50.74
CA ILE C 41 6.94 -0.53 50.68
C ILE C 41 6.98 0.13 52.04
N ASN C 42 7.44 1.36 52.07
CA ASN C 42 7.75 2.00 53.34
C ASN C 42 6.51 2.63 53.97
N THR C 43 6.62 3.91 54.27
CA THR C 43 5.55 4.59 54.96
C THR C 43 4.20 3.94 54.68
N THR C 44 3.36 3.93 55.71
CA THR C 44 2.00 3.46 55.60
C THR C 44 1.03 4.53 56.15
N LYS C 45 0.81 5.56 55.32
CA LYS C 45 -0.11 6.65 55.58
C LYS C 45 -1.38 6.45 54.75
N SER C 46 -2.32 7.37 54.88
CA SER C 46 -3.62 7.22 54.22
C SER C 46 -3.50 7.12 52.71
N LEU C 47 -4.35 6.33 52.08
CA LEU C 47 -4.35 6.23 50.63
C LEU C 47 -4.88 7.52 50.06
N SER C 48 -5.93 8.03 50.67
CA SER C 48 -6.55 9.30 50.27
C SER C 48 -5.51 10.42 50.20
N ASP C 49 -4.59 10.42 51.16
CA ASP C 49 -3.49 11.37 51.18
C ASP C 49 -2.57 11.14 50.00
N LEU C 50 -2.08 9.90 49.89
CA LEU C 50 -1.16 9.48 48.85
C LEU C 50 -1.67 9.78 47.46
N ARG C 51 -2.92 9.42 47.19
CA ARG C 51 -3.58 9.79 45.95
C ARG C 51 -3.30 11.26 45.64
N GLY C 52 -3.31 12.06 46.71
CA GLY C 52 -2.99 13.48 46.62
C GLY C 52 -1.55 13.77 46.26
N TYR C 53 -0.61 13.32 47.09
CA TYR C 53 0.81 13.62 46.88
C TYR C 53 1.25 13.37 45.45
N VAL C 54 0.68 12.33 44.85
CA VAL C 54 1.03 12.00 43.48
C VAL C 54 0.30 12.91 42.52
N TYR C 55 -1.03 12.85 42.52
CA TYR C 55 -1.78 13.61 41.54
C TYR C 55 -1.19 15.02 41.45
N GLN C 56 -0.68 15.51 42.59
CA GLN C 56 0.03 16.79 42.65
C GLN C 56 1.41 16.60 42.03
N GLY C 57 2.29 15.88 42.73
CA GLY C 57 3.67 15.71 42.28
C GLY C 57 3.81 15.46 40.79
N LEU C 58 2.83 14.76 40.23
CA LEU C 58 2.83 14.47 38.80
C LEU C 58 2.61 15.75 38.00
N LYS C 59 1.45 16.38 38.19
CA LYS C 59 1.13 17.64 37.50
C LYS C 59 2.22 18.66 37.73
N SER C 60 2.83 18.60 38.91
CA SER C 60 3.96 19.45 39.24
C SER C 60 5.16 19.23 38.31
N GLY C 61 5.75 18.05 38.38
CA GLY C 61 6.99 17.80 37.66
C GLY C 61 8.00 17.19 38.61
N ASN C 62 7.52 16.81 39.77
CA ASN C 62 8.35 16.06 40.71
C ASN C 62 7.49 15.48 41.80
N VAL C 63 7.81 14.25 42.18
CA VAL C 63 7.05 13.52 43.18
C VAL C 63 7.95 12.41 43.64
N SER C 64 7.98 12.18 44.95
CA SER C 64 8.91 11.19 45.48
C SER C 64 8.58 9.81 44.97
N ILE C 65 9.59 9.07 44.60
CA ILE C 65 9.34 7.69 44.24
C ILE C 65 8.72 7.01 45.44
N ILE C 66 9.28 7.25 46.62
CA ILE C 66 8.79 6.61 47.84
C ILE C 66 7.27 6.71 47.95
N HIS C 67 6.72 7.86 47.55
CA HIS C 67 5.28 8.08 47.64
C HIS C 67 4.51 7.24 46.64
N VAL C 68 4.93 7.27 45.38
CA VAL C 68 4.24 6.50 44.34
C VAL C 68 4.23 5.00 44.65
N ASN C 69 5.36 4.46 45.07
CA ASN C 69 5.38 3.08 45.52
C ASN C 69 4.26 2.82 46.52
N SER C 70 4.23 3.64 47.56
CA SER C 70 3.27 3.50 48.63
C SER C 70 1.85 3.58 48.09
N TYR C 71 1.58 4.58 47.26
CA TYR C 71 0.27 4.70 46.65
C TYR C 71 -0.12 3.46 45.88
N LEU C 72 0.78 2.97 45.03
CA LEU C 72 0.55 1.74 44.27
C LEU C 72 0.15 0.63 45.21
N TYR C 73 1.01 0.32 46.17
CA TYR C 73 0.67 -0.73 47.12
C TYR C 73 -0.75 -0.50 47.63
N GLY C 74 -1.08 0.77 47.82
CA GLY C 74 -2.38 1.15 48.33
C GLY C 74 -3.52 0.74 47.43
N ALA C 75 -3.54 1.25 46.20
CA ALA C 75 -4.62 0.98 45.24
C ALA C 75 -4.63 -0.44 44.65
N LEU C 76 -3.56 -1.20 44.87
CA LEU C 76 -3.41 -2.49 44.22
C LEU C 76 -3.69 -3.66 45.13
N LYS C 77 -3.97 -3.41 46.41
CA LYS C 77 -4.18 -4.55 47.30
C LYS C 77 -5.52 -5.27 47.11
N ASP C 78 -6.21 -4.97 46.00
CA ASP C 78 -7.21 -5.90 45.46
C ASP C 78 -6.65 -7.33 45.54
N ILE C 79 -7.23 -8.12 46.44
CA ILE C 79 -6.85 -9.51 46.59
C ILE C 79 -7.65 -10.38 45.59
N ARG C 80 -7.74 -9.88 44.35
CA ARG C 80 -8.58 -10.51 43.33
C ARG C 80 -7.95 -11.78 42.79
N GLY C 81 -8.70 -12.55 42.01
CA GLY C 81 -8.16 -13.74 41.38
C GLY C 81 -8.18 -15.04 42.18
N LYS C 82 -8.89 -16.04 41.63
CA LYS C 82 -9.04 -17.35 42.25
C LYS C 82 -8.20 -18.42 41.53
N LEU C 83 -7.28 -19.04 42.27
CA LEU C 83 -6.38 -20.03 41.69
C LEU C 83 -7.07 -21.13 40.88
N ASP C 84 -6.88 -21.09 39.57
CA ASP C 84 -7.35 -22.13 38.66
C ASP C 84 -6.89 -23.53 39.14
N LYS C 85 -5.60 -23.80 39.01
CA LYS C 85 -5.01 -25.05 39.49
C LYS C 85 -4.17 -24.73 40.72
N ASP C 86 -3.01 -25.37 40.85
CA ASP C 86 -2.08 -25.01 41.92
C ASP C 86 -1.08 -23.97 41.40
N TRP C 87 -0.16 -23.53 42.26
CA TRP C 87 0.87 -22.56 41.84
C TRP C 87 2.09 -22.53 42.75
N SER C 88 3.24 -22.88 42.19
CA SER C 88 4.49 -22.81 42.94
C SER C 88 5.70 -22.73 42.03
N SER C 89 6.75 -22.10 42.52
CA SER C 89 7.97 -21.86 41.75
C SER C 89 9.18 -21.93 42.66
N PHE C 90 10.22 -22.61 42.22
CA PHE C 90 11.48 -22.63 42.96
C PHE C 90 11.32 -23.04 44.42
N GLY C 91 10.34 -23.89 44.70
CA GLY C 91 10.09 -24.28 46.07
C GLY C 91 9.07 -23.44 46.81
N ILE C 92 9.06 -22.14 46.56
CA ILE C 92 8.04 -21.27 47.16
C ILE C 92 6.62 -21.67 46.73
N ASN C 93 5.76 -21.95 47.70
CA ASN C 93 4.37 -22.28 47.38
C ASN C 93 3.48 -21.05 47.46
N ILE C 94 3.27 -20.41 46.31
CA ILE C 94 2.59 -19.12 46.24
C ILE C 94 1.12 -19.21 46.63
N GLY C 95 0.45 -20.24 46.14
CA GLY C 95 -0.97 -20.41 46.39
C GLY C 95 -1.28 -21.89 46.35
N LYS C 96 -2.55 -22.25 46.51
CA LYS C 96 -2.93 -23.67 46.40
C LYS C 96 -4.41 -23.91 46.08
N ALA C 97 -4.72 -25.12 45.62
CA ALA C 97 -6.08 -25.48 45.27
C ALA C 97 -7.08 -24.43 45.75
N GLY C 98 -7.79 -23.83 44.82
CA GLY C 98 -9.01 -23.10 45.14
C GLY C 98 -8.74 -21.75 45.75
N ASP C 99 -7.51 -21.56 46.24
CA ASP C 99 -7.18 -20.39 47.05
C ASP C 99 -7.55 -19.08 46.36
N THR C 100 -7.71 -18.04 47.16
CA THR C 100 -7.84 -16.70 46.61
C THR C 100 -6.60 -15.91 47.03
N ILE C 101 -5.91 -15.32 46.05
CA ILE C 101 -4.69 -14.56 46.32
C ILE C 101 -4.69 -13.24 45.56
N GLY C 102 -3.83 -12.32 46.01
CA GLY C 102 -3.66 -11.03 45.37
C GLY C 102 -2.20 -10.74 45.04
N ILE C 103 -2.01 -9.75 44.16
CA ILE C 103 -0.71 -9.35 43.67
C ILE C 103 0.38 -9.46 44.72
N PHE C 104 0.20 -8.78 45.82
CA PHE C 104 1.30 -8.68 46.77
C PHE C 104 1.50 -9.93 47.59
N ASP C 105 1.00 -11.05 47.08
CA ASP C 105 1.29 -12.31 47.74
C ASP C 105 2.68 -12.74 47.31
N LEU C 106 3.55 -11.73 47.26
CA LEU C 106 5.00 -11.87 47.02
C LEU C 106 5.87 -10.88 47.92
N VAL C 107 5.55 -10.93 49.21
CA VAL C 107 6.45 -10.79 50.39
C VAL C 107 6.77 -9.41 51.04
N SER C 108 5.79 -8.78 51.70
CA SER C 108 5.90 -7.36 52.08
C SER C 108 6.59 -7.03 53.42
N LEU C 109 7.63 -6.22 53.36
CA LEU C 109 8.25 -5.66 54.55
C LEU C 109 8.14 -4.13 54.50
N LYS C 110 8.24 -3.47 55.65
CA LYS C 110 8.15 -2.01 55.72
C LYS C 110 9.48 -1.45 56.20
N ALA C 111 9.73 -0.16 55.99
CA ALA C 111 10.98 0.40 56.47
C ALA C 111 11.09 1.93 56.51
N LEU C 112 12.28 2.40 56.89
CA LEU C 112 12.61 3.83 57.01
C LEU C 112 11.56 4.70 57.73
N ASP C 113 11.76 6.02 57.69
CA ASP C 113 10.92 6.94 58.46
C ASP C 113 10.65 8.29 57.77
N GLY C 114 11.63 8.78 57.02
CA GLY C 114 11.53 10.09 56.39
C GLY C 114 10.64 10.17 55.16
N VAL C 115 9.90 11.27 55.03
CA VAL C 115 9.02 11.50 53.87
C VAL C 115 9.11 12.93 53.34
N LEU C 116 7.99 13.46 52.84
CA LEU C 116 7.97 14.80 52.23
C LEU C 116 6.82 15.68 52.78
N PRO C 117 6.00 16.34 51.89
CA PRO C 117 4.88 17.11 52.47
C PRO C 117 4.15 16.49 53.67
N ASP C 118 3.53 17.32 54.52
CA ASP C 118 2.90 16.85 55.75
C ASP C 118 1.59 16.06 55.55
N GLY C 119 1.37 15.08 56.43
CA GLY C 119 0.13 14.32 56.57
C GLY C 119 -0.92 14.25 55.47
N VAL C 120 -1.43 15.40 55.02
CA VAL C 120 -2.60 15.44 54.15
C VAL C 120 -2.58 16.57 53.08
N SER C 121 -2.37 16.20 51.82
CA SER C 121 -2.32 17.19 50.71
C SER C 121 -3.70 17.77 50.31
N ASP C 122 -3.87 17.98 49.00
CA ASP C 122 -5.11 18.55 48.43
C ASP C 122 -6.21 17.50 48.22
N ALA C 123 -7.24 17.57 49.06
CA ALA C 123 -8.31 16.57 49.04
C ALA C 123 -8.99 16.49 47.67
N SER C 124 -8.77 17.52 46.85
CA SER C 124 -9.43 17.69 45.56
C SER C 124 -9.71 16.38 44.78
N ARG C 125 -8.84 15.38 44.94
CA ARG C 125 -8.94 14.18 44.13
C ARG C 125 -9.65 13.01 44.83
N THR C 126 -10.54 12.36 44.08
CA THR C 126 -11.38 11.27 44.59
C THR C 126 -10.98 9.89 44.03
N SER C 127 -11.90 8.93 44.14
CA SER C 127 -11.66 7.60 43.61
C SER C 127 -11.78 7.48 42.08
N ALA C 128 -11.39 8.53 41.36
CA ALA C 128 -10.88 8.38 40.01
C ALA C 128 -9.48 7.87 40.30
N ASP C 129 -9.44 6.69 40.91
CA ASP C 129 -8.31 6.22 41.66
C ASP C 129 -7.79 4.95 41.04
N ASP C 130 -7.99 3.83 41.73
CA ASP C 130 -7.60 2.51 41.25
C ASP C 130 -7.79 2.47 39.74
N LYS C 131 -9.04 2.55 39.32
CA LYS C 131 -9.39 2.60 37.91
C LYS C 131 -8.16 2.81 37.03
N TRP C 132 -7.58 4.01 37.09
CA TRP C 132 -6.66 4.41 36.06
C TRP C 132 -5.30 4.95 36.53
N LEU C 133 -5.27 5.56 37.70
CA LEU C 133 -4.04 6.19 38.15
C LEU C 133 -2.87 5.21 38.24
N PRO C 134 -3.09 4.04 38.84
CA PRO C 134 -1.98 3.09 38.90
C PRO C 134 -1.47 2.74 37.50
N LEU C 135 -2.37 2.37 36.58
CA LEU C 135 -1.99 2.09 35.21
C LEU C 135 -0.99 3.12 34.68
N TYR C 136 -1.23 4.39 34.97
CA TYR C 136 -0.37 5.43 34.48
C TYR C 136 1.00 5.21 35.05
N LEU C 137 1.02 5.15 36.38
CA LEU C 137 2.26 4.99 37.11
C LEU C 137 3.08 3.85 36.55
N LEU C 138 2.44 2.69 36.37
CA LEU C 138 3.10 1.53 35.79
C LEU C 138 3.48 1.78 34.35
N GLY C 139 2.55 2.31 33.56
CA GLY C 139 2.85 2.67 32.18
C GLY C 139 4.21 3.33 32.02
N LEU C 140 4.51 4.26 32.92
CA LEU C 140 5.72 5.04 32.75
C LEU C 140 6.99 4.20 32.79
N TYR C 141 6.94 3.06 33.47
CA TYR C 141 8.11 2.19 33.53
C TYR C 141 8.60 1.82 32.14
N ARG C 142 7.66 1.49 31.28
CA ARG C 142 7.94 1.12 29.90
C ARG C 142 8.57 2.29 29.17
N VAL C 143 7.86 3.40 29.23
CA VAL C 143 8.30 4.65 28.62
C VAL C 143 9.68 5.09 29.10
N GLY C 144 10.00 4.76 30.35
CA GLY C 144 11.27 5.16 30.92
C GLY C 144 12.48 4.40 30.43
N ARG C 145 12.26 3.40 29.57
CA ARG C 145 13.35 2.55 29.09
C ARG C 145 13.93 2.98 27.76
N THR C 146 13.08 3.16 26.76
CA THR C 146 13.53 3.56 25.42
C THR C 146 14.25 4.91 25.39
N GLN C 147 15.47 4.91 24.86
CA GLN C 147 16.32 6.10 24.84
C GLN C 147 16.00 7.03 23.67
N MET C 148 15.01 6.69 22.86
CA MET C 148 14.79 7.36 21.57
C MET C 148 13.40 8.03 21.46
N PRO C 149 13.24 8.92 20.47
CA PRO C 149 11.97 9.61 20.18
C PRO C 149 10.80 8.65 20.11
N GLU C 150 11.08 7.35 20.02
CA GLU C 150 10.01 6.35 20.04
C GLU C 150 9.24 6.42 21.34
N TYR C 151 9.85 7.01 22.37
CA TYR C 151 9.17 7.09 23.67
C TYR C 151 7.82 7.80 23.53
N ARG C 152 7.80 8.93 22.84
CA ARG C 152 6.56 9.66 22.60
C ARG C 152 5.63 8.86 21.67
N LYS C 153 6.16 7.80 21.08
CA LYS C 153 5.33 6.88 20.31
C LYS C 153 4.54 6.03 21.31
N LYS C 154 5.22 5.61 22.37
CA LYS C 154 4.60 4.78 23.40
C LYS C 154 3.65 5.58 24.27
N LEU C 155 4.12 6.74 24.75
CA LEU C 155 3.31 7.60 25.61
C LEU C 155 2.00 7.92 24.90
N MET C 156 2.08 8.19 23.60
CA MET C 156 0.88 8.41 22.79
C MET C 156 -0.12 7.30 23.10
N ASP C 157 0.26 6.07 22.75
CA ASP C 157 -0.58 4.90 23.02
C ASP C 157 -0.74 4.71 24.54
N GLY C 158 0.27 5.16 25.29
CA GLY C 158 0.30 5.03 26.73
C GLY C 158 -0.86 5.73 27.42
N LEU C 159 -1.43 6.70 26.71
CA LEU C 159 -2.57 7.44 27.22
C LEU C 159 -3.82 7.19 26.38
N THR C 160 -3.65 7.04 25.06
CA THR C 160 -4.79 6.73 24.20
C THR C 160 -5.30 5.36 24.64
N ASN C 161 -4.53 4.75 25.54
CA ASN C 161 -5.03 3.68 26.38
C ASN C 161 -5.86 4.40 27.43
N GLN C 162 -5.23 4.73 28.54
CA GLN C 162 -5.70 5.81 29.41
C GLN C 162 -7.18 6.08 29.21
N CYS C 163 -7.53 6.64 28.06
CA CYS C 163 -8.62 7.60 27.96
C CYS C 163 -9.94 6.97 28.42
N LYS C 164 -9.89 5.68 28.75
CA LYS C 164 -11.10 4.91 29.01
C LYS C 164 -12.10 5.71 29.84
N MET C 165 -11.74 6.00 31.07
CA MET C 165 -12.70 6.01 32.18
C MET C 165 -13.02 7.46 32.51
N ILE C 166 -12.02 8.33 32.40
CA ILE C 166 -12.21 9.75 32.66
C ILE C 166 -11.78 10.74 31.59
N ASN C 167 -10.90 10.28 30.69
CA ASN C 167 -10.38 11.13 29.63
C ASN C 167 -9.50 12.29 30.15
N GLU C 168 -8.35 11.95 30.74
CA GLU C 168 -7.40 12.99 31.15
C GLU C 168 -6.35 13.21 30.07
N GLN C 169 -5.17 13.68 30.47
CA GLN C 169 -4.12 13.97 29.49
C GLN C 169 -2.73 13.86 30.11
N PHE C 170 -1.75 14.46 29.41
CA PHE C 170 -0.35 14.57 29.87
C PHE C 170 -0.27 14.92 31.35
N GLU C 171 0.92 14.72 31.94
CA GLU C 171 1.16 15.11 33.33
C GLU C 171 2.48 15.87 33.50
N PRO C 172 3.59 15.24 33.10
CA PRO C 172 4.82 16.06 33.02
C PRO C 172 4.76 16.96 31.79
N LEU C 173 5.88 17.60 31.49
CA LEU C 173 6.00 18.41 30.28
C LEU C 173 7.35 18.05 29.64
N VAL C 174 8.33 17.86 30.52
CA VAL C 174 9.71 17.57 30.14
C VAL C 174 9.83 16.22 29.45
N PRO C 175 10.30 16.23 28.18
CA PRO C 175 10.54 15.11 27.25
C PRO C 175 10.82 13.77 27.94
N GLU C 176 12.09 13.54 28.29
CA GLU C 176 12.56 12.34 29.01
C GLU C 176 14.01 12.27 28.51
N GLY C 177 14.56 11.06 28.46
CA GLY C 177 15.91 10.82 27.98
C GLY C 177 16.69 10.62 29.27
N ARG C 178 15.94 10.41 30.34
CA ARG C 178 16.51 10.19 31.67
C ARG C 178 16.65 11.47 32.51
N ASP C 179 15.72 11.66 33.45
CA ASP C 179 15.74 12.75 34.38
C ASP C 179 14.41 12.79 35.09
N ILE C 180 13.34 12.61 34.31
CA ILE C 180 11.96 12.84 34.79
C ILE C 180 11.38 11.78 35.78
N PHE C 181 10.74 10.76 35.20
CA PHE C 181 10.36 9.52 35.89
C PHE C 181 11.22 8.38 35.34
N ASP C 182 11.89 8.69 34.25
CA ASP C 182 12.79 7.80 33.54
C ASP C 182 13.78 7.11 34.47
N VAL C 183 13.78 7.51 35.74
CA VAL C 183 14.73 6.97 36.71
C VAL C 183 14.03 6.16 37.78
N TRP C 184 12.71 6.09 37.72
CA TRP C 184 11.96 5.22 38.62
C TRP C 184 12.49 3.80 38.54
N GLY C 185 12.84 3.36 37.34
CA GLY C 185 13.34 2.02 37.13
C GLY C 185 14.61 1.74 37.94
N ASN C 186 15.17 2.77 38.56
CA ASN C 186 16.37 2.57 39.36
C ASN C 186 16.03 2.23 40.82
N ASP C 187 14.74 2.26 41.15
CA ASP C 187 14.29 2.03 42.51
C ASP C 187 13.91 0.59 42.74
N SER C 188 14.78 -0.15 43.44
CA SER C 188 14.64 -1.60 43.54
C SER C 188 13.26 -2.00 44.03
N ASN C 189 12.56 -1.07 44.67
CA ASN C 189 11.24 -1.37 45.20
C ASN C 189 10.15 -1.14 44.17
N TYR C 190 10.37 -0.18 43.28
CA TYR C 190 9.45 0.11 42.20
C TYR C 190 9.38 -1.12 41.31
N THR C 191 10.51 -1.47 40.71
CA THR C 191 10.56 -2.59 39.80
C THR C 191 9.86 -3.81 40.42
N LYS C 192 10.17 -4.12 41.68
CA LYS C 192 9.58 -5.30 42.33
C LYS C 192 8.07 -5.30 42.27
N ILE C 193 7.48 -4.10 42.24
CA ILE C 193 6.04 -3.99 42.09
C ILE C 193 5.66 -4.28 40.64
N VAL C 194 6.37 -3.66 39.69
CA VAL C 194 6.07 -3.86 38.30
C VAL C 194 6.10 -5.34 38.02
N ALA C 195 7.13 -6.01 38.50
CA ALA C 195 7.26 -7.44 38.25
C ALA C 195 6.09 -8.20 38.86
N ALA C 196 5.77 -7.91 40.12
CA ALA C 196 4.71 -8.64 40.80
C ALA C 196 3.36 -8.45 40.09
N VAL C 197 3.09 -7.25 39.65
CA VAL C 197 1.89 -7.04 38.85
C VAL C 197 1.89 -7.84 37.55
N ASP C 198 2.96 -7.74 36.76
CA ASP C 198 3.00 -8.47 35.51
C ASP C 198 2.85 -9.94 35.76
N MET C 199 3.63 -10.47 36.70
CA MET C 199 3.62 -11.90 36.95
C MET C 199 2.24 -12.33 37.35
N PHE C 200 1.55 -11.43 38.03
CA PHE C 200 0.23 -11.75 38.52
C PHE C 200 -0.80 -11.81 37.42
N PHE C 201 -0.83 -10.81 36.56
CA PHE C 201 -1.84 -10.80 35.51
C PHE C 201 -1.46 -11.75 34.39
N HIS C 202 -0.20 -12.17 34.33
CA HIS C 202 0.16 -13.17 33.34
C HIS C 202 -0.53 -14.46 33.71
N MET C 203 -0.83 -14.63 34.99
CA MET C 203 -1.53 -15.81 35.47
C MET C 203 -3.04 -15.67 35.34
N PHE C 204 -3.56 -14.54 35.79
CA PHE C 204 -4.99 -14.31 35.69
C PHE C 204 -5.25 -13.51 34.44
N LYS C 205 -4.71 -14.01 33.33
CA LYS C 205 -4.84 -13.34 32.03
C LYS C 205 -6.18 -12.61 31.88
N LYS C 206 -7.23 -13.27 32.34
CA LYS C 206 -8.58 -12.75 32.21
C LYS C 206 -9.04 -12.11 33.51
N HIS C 207 -9.04 -10.78 33.54
CA HIS C 207 -9.38 -10.07 34.76
C HIS C 207 -9.53 -8.57 34.47
N GLU C 208 -10.60 -7.97 34.98
CA GLU C 208 -10.97 -6.62 34.57
C GLU C 208 -9.76 -5.70 34.62
N CYS C 209 -8.92 -5.93 35.61
CA CYS C 209 -7.77 -5.07 35.83
C CYS C 209 -6.49 -5.53 35.12
N ALA C 210 -6.55 -6.69 34.48
CA ALA C 210 -5.38 -7.17 33.77
C ALA C 210 -4.90 -6.21 32.69
N SER C 211 -5.63 -5.12 32.46
CA SER C 211 -5.17 -4.14 31.49
C SER C 211 -3.85 -3.51 31.94
N PHE C 212 -3.60 -3.59 33.24
CA PHE C 212 -2.41 -2.99 33.83
C PHE C 212 -1.14 -3.53 33.22
N ARG C 213 -1.26 -4.68 32.56
CA ARG C 213 -0.11 -5.30 31.92
C ARG C 213 0.56 -4.32 30.97
N TYR C 214 -0.22 -3.44 30.33
CA TYR C 214 0.39 -2.45 29.45
C TYR C 214 1.57 -1.91 30.22
N GLY C 215 2.70 -1.69 29.55
CA GLY C 215 3.84 -1.07 30.21
C GLY C 215 4.47 -1.85 31.36
N THR C 216 3.74 -2.79 31.95
CA THR C 216 4.33 -3.65 32.96
C THR C 216 4.94 -4.88 32.30
N ILE C 217 4.66 -5.04 31.02
CA ILE C 217 5.06 -6.26 30.34
C ILE C 217 6.53 -6.25 29.96
N VAL C 218 7.14 -5.10 29.72
CA VAL C 218 8.51 -5.12 29.25
C VAL C 218 9.46 -5.49 30.36
N SER C 219 8.92 -5.98 31.47
CA SER C 219 9.76 -6.48 32.55
C SER C 219 9.92 -7.99 32.48
N ARG C 220 8.98 -8.65 31.82
CA ARG C 220 9.03 -10.10 31.59
C ARG C 220 10.09 -10.50 30.55
N PHE C 221 11.10 -11.20 31.02
CA PHE C 221 12.23 -11.58 30.19
C PHE C 221 13.17 -10.41 29.90
N LYS C 222 13.05 -9.36 30.69
CA LYS C 222 14.00 -8.27 30.64
C LYS C 222 15.40 -8.82 30.81
N ASP C 223 16.30 -8.44 29.91
CA ASP C 223 17.67 -8.91 29.89
C ASP C 223 17.79 -10.45 29.64
N CYS C 224 16.86 -10.97 28.84
CA CYS C 224 16.91 -12.37 28.42
C CYS C 224 16.78 -12.49 26.91
N ALA C 225 17.51 -11.66 26.19
CA ALA C 225 17.39 -11.63 24.74
C ALA C 225 17.84 -12.93 24.08
N ALA C 226 18.91 -13.54 24.58
CA ALA C 226 19.43 -14.72 23.92
C ALA C 226 18.33 -15.77 23.85
N LEU C 227 17.68 -16.06 24.97
CA LEU C 227 16.55 -17.00 24.95
C LEU C 227 15.59 -16.67 23.85
N ALA C 228 15.31 -15.39 23.65
CA ALA C 228 14.35 -15.02 22.63
C ALA C 228 14.92 -15.27 21.24
N THR C 229 16.20 -15.01 21.04
CA THR C 229 16.68 -15.11 19.69
C THR C 229 16.67 -16.56 19.31
N PHE C 230 16.94 -17.44 20.28
CA PHE C 230 16.92 -18.90 20.07
C PHE C 230 15.53 -19.34 19.65
N GLY C 231 14.52 -18.86 20.37
CA GLY C 231 13.14 -19.07 20.00
C GLY C 231 12.86 -18.66 18.57
N HIS C 232 13.31 -17.47 18.18
CA HIS C 232 13.02 -16.97 16.84
C HIS C 232 13.68 -17.84 15.79
N LEU C 233 14.91 -18.25 16.09
CA LEU C 233 15.68 -19.09 15.18
C LEU C 233 14.92 -20.36 14.84
N CYS C 234 14.30 -20.99 15.84
CA CYS C 234 13.53 -22.20 15.59
C CYS C 234 12.33 -21.88 14.74
N LYS C 235 11.61 -20.82 15.11
CA LYS C 235 10.37 -20.49 14.43
C LYS C 235 10.68 -20.19 12.98
N ILE C 236 11.87 -19.67 12.75
CA ILE C 236 12.18 -19.04 11.48
C ILE C 236 12.86 -19.98 10.51
N THR C 237 13.38 -21.11 11.01
CA THR C 237 13.93 -22.16 10.16
C THR C 237 12.98 -23.31 10.03
N GLY C 238 12.02 -23.40 10.93
CA GLY C 238 11.11 -24.53 10.93
C GLY C 238 11.63 -25.72 11.70
N MET C 239 12.88 -25.65 12.14
CA MET C 239 13.47 -26.77 12.87
C MET C 239 13.08 -26.88 14.35
N SER C 240 13.18 -28.09 14.87
CA SER C 240 12.94 -28.40 16.26
C SER C 240 14.04 -27.79 17.08
N THR C 241 13.83 -27.72 18.38
CA THR C 241 14.80 -27.08 19.24
C THR C 241 16.03 -27.95 19.33
N GLU C 242 15.86 -29.27 19.25
CA GLU C 242 17.02 -30.13 19.35
C GLU C 242 17.78 -30.18 18.04
N ASP C 243 17.07 -30.08 16.92
CA ASP C 243 17.76 -30.03 15.63
C ASP C 243 18.56 -28.71 15.42
N VAL C 244 17.94 -27.59 15.70
CA VAL C 244 18.65 -26.32 15.69
C VAL C 244 19.91 -26.38 16.52
N THR C 245 19.85 -27.01 17.69
CA THR C 245 21.03 -27.13 18.54
C THR C 245 22.20 -27.76 17.81
N THR C 246 21.93 -28.81 17.05
CA THR C 246 23.02 -29.57 16.43
C THR C 246 23.70 -28.77 15.35
N TRP C 247 23.03 -27.74 14.85
CA TRP C 247 23.59 -26.84 13.84
C TRP C 247 24.57 -25.82 14.42
N ILE C 248 24.70 -25.77 15.73
CA ILE C 248 25.72 -24.94 16.34
C ILE C 248 27.07 -25.47 15.95
N LEU C 249 27.95 -24.61 15.46
CA LEU C 249 29.15 -25.10 14.80
C LEU C 249 30.48 -24.47 15.25
N ASN C 250 30.49 -23.81 16.40
CA ASN C 250 31.73 -23.27 16.95
C ASN C 250 31.69 -23.39 18.45
N ARG C 251 32.82 -23.67 19.08
CA ARG C 251 32.80 -23.83 20.54
C ARG C 251 32.03 -22.72 21.33
N GLU C 252 32.50 -21.48 21.30
CA GLU C 252 31.95 -20.45 22.17
C GLU C 252 30.46 -20.20 21.97
N VAL C 253 29.90 -20.66 20.87
CA VAL C 253 28.46 -20.66 20.81
C VAL C 253 27.90 -21.83 21.59
N ALA C 254 28.46 -23.02 21.42
CA ALA C 254 28.07 -24.14 22.27
C ALA C 254 28.24 -23.82 23.76
N ASP C 255 29.41 -23.31 24.15
CA ASP C 255 29.62 -22.83 25.52
C ASP C 255 28.43 -22.00 25.96
N GLU C 256 28.17 -20.92 25.22
CA GLU C 256 27.05 -20.02 25.51
C GLU C 256 25.77 -20.79 25.64
N MET C 257 25.48 -21.64 24.66
CA MET C 257 24.28 -22.43 24.68
C MET C 257 24.16 -23.29 25.93
N VAL C 258 25.19 -24.08 26.22
CA VAL C 258 25.20 -24.88 27.45
C VAL C 258 24.85 -24.02 28.66
N GLN C 259 25.44 -22.83 28.74
CA GLN C 259 25.17 -21.89 29.82
C GLN C 259 23.70 -21.49 29.91
N MET C 260 23.03 -21.35 28.78
CA MET C 260 21.65 -20.94 28.81
C MET C 260 20.68 -22.05 29.18
N MET C 261 21.03 -23.29 28.87
CA MET C 261 20.11 -24.39 29.08
C MET C 261 20.35 -25.12 30.39
N LEU C 262 21.13 -24.51 31.27
CA LEU C 262 21.36 -25.08 32.58
C LEU C 262 20.01 -25.47 33.14
N PRO C 263 19.93 -26.67 33.75
CA PRO C 263 18.66 -27.25 34.21
C PRO C 263 18.16 -26.74 35.57
N GLY C 264 16.86 -26.92 35.79
CA GLY C 264 16.21 -26.52 37.04
C GLY C 264 16.18 -25.03 37.24
N GLN C 265 15.93 -24.29 36.17
CA GLN C 265 15.81 -22.85 36.24
C GLN C 265 14.44 -22.41 35.77
N GLU C 266 13.60 -23.38 35.46
CA GLU C 266 12.20 -23.11 35.18
C GLU C 266 11.91 -22.27 33.94
N ILE C 267 12.82 -22.25 32.96
CA ILE C 267 12.60 -21.39 31.79
C ILE C 267 11.46 -21.84 30.90
N ASP C 268 11.19 -23.13 30.87
CA ASP C 268 10.11 -23.65 30.04
C ASP C 268 8.79 -23.70 30.80
N LYS C 269 8.84 -23.29 32.06
CA LYS C 269 7.67 -23.28 32.93
C LYS C 269 6.68 -22.19 32.54
N ALA C 270 5.40 -22.43 32.81
CA ALA C 270 4.36 -21.49 32.39
C ALA C 270 4.53 -20.17 33.12
N ASP C 271 4.17 -20.13 34.41
CA ASP C 271 4.30 -18.93 35.21
C ASP C 271 5.23 -19.17 36.38
N SER C 272 6.50 -18.87 36.20
CA SER C 272 7.48 -18.95 37.26
C SER C 272 8.05 -17.57 37.55
N TYR C 273 8.94 -17.49 38.52
CA TYR C 273 9.65 -16.24 38.78
C TYR C 273 10.73 -15.99 37.77
N MET C 274 11.25 -17.04 37.14
CA MET C 274 12.43 -16.92 36.30
C MET C 274 12.41 -15.74 35.32
N PRO C 275 11.29 -15.49 34.65
CA PRO C 275 11.21 -14.42 33.65
C PRO C 275 11.46 -13.03 34.20
N TYR C 276 11.30 -12.85 35.52
CA TYR C 276 11.45 -11.54 36.13
C TYR C 276 12.69 -11.52 36.96
N LEU C 277 13.65 -12.38 36.64
CA LEU C 277 14.83 -12.55 37.49
C LEU C 277 15.55 -11.24 37.79
N ILE C 278 15.51 -10.31 36.85
CA ILE C 278 16.15 -9.02 37.02
C ILE C 278 15.35 -8.06 37.93
N ASP C 279 14.08 -7.83 37.61
CA ASP C 279 13.27 -6.86 38.34
C ASP C 279 12.92 -7.22 39.79
N PHE C 280 12.87 -8.51 40.11
CA PHE C 280 12.74 -8.92 41.51
C PHE C 280 14.13 -9.01 42.11
N GLY C 281 15.13 -8.60 41.35
CA GLY C 281 16.49 -8.68 41.84
C GLY C 281 16.90 -10.08 42.25
N LEU C 282 16.36 -11.11 41.60
CA LEU C 282 16.83 -12.47 41.85
C LEU C 282 18.25 -12.65 41.35
N SER C 283 18.62 -11.85 40.35
CA SER C 283 19.92 -12.00 39.72
C SER C 283 20.39 -10.65 39.23
N SER C 284 21.70 -10.41 39.27
CA SER C 284 22.21 -9.08 38.94
C SER C 284 23.03 -9.12 37.67
N LYS C 285 23.25 -10.33 37.17
CA LYS C 285 23.87 -10.53 35.87
C LYS C 285 23.17 -11.72 35.25
N SER C 286 22.26 -11.45 34.32
CA SER C 286 21.46 -12.48 33.73
C SER C 286 22.28 -13.44 32.87
N PRO C 287 22.03 -14.74 33.02
CA PRO C 287 22.72 -15.74 32.22
C PRO C 287 22.21 -15.76 30.79
N TYR C 288 21.05 -15.16 30.56
CA TYR C 288 20.38 -15.27 29.29
C TYR C 288 20.51 -14.01 28.48
N SER C 289 21.28 -13.05 29.02
CA SER C 289 21.41 -11.75 28.37
C SER C 289 22.11 -11.88 27.04
N SER C 290 21.86 -10.92 26.16
CA SER C 290 22.51 -10.93 24.88
C SER C 290 23.99 -10.59 25.00
N VAL C 291 24.38 -9.87 26.03
CA VAL C 291 25.77 -9.50 26.15
C VAL C 291 26.60 -10.61 26.79
N LYS C 292 25.96 -11.51 27.53
CA LYS C 292 26.69 -12.63 28.11
C LYS C 292 26.57 -13.84 27.16
N ASN C 293 25.87 -13.63 26.05
CA ASN C 293 25.74 -14.64 25.01
C ASN C 293 26.04 -14.09 23.62
N PRO C 294 27.14 -13.32 23.50
CA PRO C 294 27.45 -12.56 22.29
C PRO C 294 27.58 -13.44 21.03
N ALA C 295 28.48 -14.42 21.10
CA ALA C 295 28.62 -15.35 20.00
C ALA C 295 27.27 -15.90 19.57
N PHE C 296 26.52 -16.45 20.51
CA PHE C 296 25.26 -17.02 20.11
C PHE C 296 24.46 -15.93 19.46
N HIS C 297 24.29 -14.83 20.19
CA HIS C 297 23.48 -13.74 19.71
C HIS C 297 23.81 -13.35 18.27
N PHE C 298 25.08 -13.20 17.97
CA PHE C 298 25.47 -12.88 16.60
C PHE C 298 25.03 -13.99 15.63
N TRP C 299 25.59 -15.17 15.81
CA TRP C 299 25.27 -16.30 14.96
C TRP C 299 23.78 -16.44 14.71
N GLY C 300 23.00 -16.42 15.77
CA GLY C 300 21.57 -16.63 15.65
C GLY C 300 20.93 -15.54 14.83
N GLN C 301 21.35 -14.31 15.06
CA GLN C 301 20.68 -13.22 14.42
C GLN C 301 21.11 -13.11 12.96
N LEU C 302 22.40 -13.31 12.71
CA LEU C 302 22.90 -13.27 11.36
C LEU C 302 22.17 -14.32 10.52
N THR C 303 22.20 -15.57 10.98
CA THR C 303 21.47 -16.61 10.28
C THR C 303 20.02 -16.21 10.03
N ALA C 304 19.34 -15.63 11.04
CA ALA C 304 17.93 -15.36 10.85
C ALA C 304 17.81 -14.30 9.78
N LEU C 305 18.80 -13.44 9.68
CA LEU C 305 18.71 -12.36 8.72
C LEU C 305 18.83 -12.86 7.29
N LEU C 306 19.81 -13.73 7.05
CA LEU C 306 19.90 -14.44 5.78
C LEU C 306 18.62 -15.19 5.42
N LEU C 307 17.84 -15.60 6.42
CA LEU C 307 16.61 -16.35 6.17
C LEU C 307 15.40 -15.42 6.08
N ARG C 308 15.66 -14.12 6.10
CA ARG C 308 14.64 -13.08 5.85
C ARG C 308 13.97 -12.45 7.08
N SER C 309 14.55 -12.59 8.26
CA SER C 309 13.95 -12.03 9.45
C SER C 309 13.90 -10.54 9.24
N THR C 310 12.84 -9.89 9.70
CA THR C 310 12.83 -8.43 9.77
C THR C 310 13.39 -8.00 11.11
N ARG C 311 12.90 -8.61 12.19
CA ARG C 311 13.46 -8.41 13.52
C ARG C 311 14.97 -8.28 13.47
N ALA C 312 15.62 -9.10 12.68
CA ALA C 312 17.05 -9.29 12.84
C ALA C 312 17.93 -8.27 12.16
N ARG C 313 17.39 -7.50 11.23
CA ARG C 313 18.23 -6.50 10.56
C ARG C 313 18.68 -5.38 11.52
N ASN C 314 18.10 -5.31 12.72
CA ASN C 314 18.41 -4.24 13.64
C ASN C 314 19.05 -4.67 14.94
N ALA C 315 19.37 -5.95 15.05
CA ALA C 315 20.01 -6.47 16.25
C ALA C 315 21.36 -5.82 16.39
N ARG C 316 21.86 -5.76 17.62
CA ARG C 316 23.16 -5.18 17.80
C ARG C 316 24.30 -6.18 17.49
N GLN C 317 25.39 -5.65 16.99
CA GLN C 317 26.53 -6.48 16.67
C GLN C 317 27.52 -6.45 17.81
N PRO C 318 27.60 -7.55 18.55
CA PRO C 318 28.44 -7.64 19.73
C PRO C 318 29.86 -7.32 19.37
N ASP C 319 30.68 -6.95 20.35
CA ASP C 319 32.12 -6.79 20.16
C ASP C 319 32.85 -8.02 20.69
N ASP C 320 34.13 -8.14 20.35
CA ASP C 320 34.98 -9.20 20.90
C ASP C 320 34.43 -10.62 20.71
N ILE C 321 33.87 -10.89 19.53
CA ILE C 321 33.55 -12.24 19.15
C ILE C 321 34.26 -12.56 17.86
N GLU C 322 34.28 -13.82 17.51
CA GLU C 322 35.04 -14.28 16.37
C GLU C 322 34.21 -14.18 15.09
N TYR C 323 34.12 -12.97 14.54
CA TYR C 323 33.21 -12.69 13.43
C TYR C 323 33.35 -13.64 12.26
N THR C 324 34.52 -13.68 11.63
CA THR C 324 34.65 -14.42 10.35
C THR C 324 34.09 -15.82 10.43
N SER C 325 34.57 -16.57 11.42
CA SER C 325 34.11 -17.93 11.60
C SER C 325 32.63 -17.99 11.96
N LEU C 326 32.20 -17.11 12.88
CA LEU C 326 30.81 -17.09 13.30
C LEU C 326 29.91 -16.91 12.08
N THR C 327 30.32 -16.08 11.14
CA THR C 327 29.46 -15.82 10.00
C THR C 327 29.56 -16.89 8.91
N THR C 328 30.73 -17.47 8.72
CA THR C 328 30.80 -18.63 7.82
C THR C 328 29.80 -19.71 8.28
N ALA C 329 29.79 -20.01 9.58
CA ALA C 329 28.88 -20.98 10.15
C ALA C 329 27.43 -20.61 9.91
N GLY C 330 27.13 -19.31 10.05
CA GLY C 330 25.78 -18.82 9.87
C GLY C 330 25.33 -19.00 8.43
N LEU C 331 26.17 -18.56 7.52
CA LEU C 331 25.91 -18.70 6.08
C LEU C 331 25.48 -20.10 5.72
N LEU C 332 26.29 -21.07 6.14
CA LEU C 332 26.07 -22.48 5.84
C LEU C 332 24.68 -22.91 6.31
N TYR C 333 24.36 -22.60 7.56
CA TYR C 333 23.11 -22.97 8.14
C TYR C 333 22.02 -22.38 7.27
N ALA C 334 22.21 -21.12 6.92
CA ALA C 334 21.19 -20.37 6.22
C ALA C 334 21.04 -20.93 4.84
N TYR C 335 22.15 -21.34 4.26
CA TYR C 335 22.14 -21.90 2.92
C TYR C 335 21.44 -23.23 2.88
N ALA C 336 21.77 -24.09 3.83
CA ALA C 336 21.09 -25.38 3.95
C ALA C 336 19.57 -25.22 4.01
N VAL C 337 19.10 -24.49 5.01
CA VAL C 337 17.68 -24.25 5.18
C VAL C 337 17.11 -23.53 3.95
N GLY C 338 17.95 -22.73 3.34
CA GLY C 338 17.48 -21.74 2.37
C GLY C 338 17.16 -22.34 1.04
N SER C 339 17.78 -23.47 0.75
CA SER C 339 17.65 -24.14 -0.53
C SER C 339 16.81 -25.44 -0.43
N SER C 340 16.80 -26.08 0.74
CA SER C 340 15.98 -27.27 0.93
C SER C 340 14.62 -26.97 1.56
N ALA C 341 13.61 -26.70 0.74
CA ALA C 341 12.27 -26.45 1.28
C ALA C 341 11.66 -27.67 1.98
N ASP C 342 11.01 -27.47 3.12
CA ASP C 342 10.33 -28.60 3.79
C ASP C 342 9.57 -29.33 2.71
N LEU C 343 8.64 -28.61 2.10
CA LEU C 343 7.89 -29.07 0.93
C LEU C 343 7.46 -30.54 0.95
N ALA C 344 6.21 -30.79 1.34
CA ALA C 344 5.70 -32.15 1.40
C ALA C 344 4.19 -32.12 1.34
N GLN C 345 3.61 -32.87 0.42
CA GLN C 345 2.17 -32.87 0.27
C GLN C 345 1.54 -33.11 1.64
N GLN C 346 0.46 -32.41 1.94
CA GLN C 346 -0.13 -32.49 3.29
C GLN C 346 -1.57 -33.03 3.37
N PHE C 347 -2.41 -32.69 2.40
CA PHE C 347 -3.75 -33.28 2.29
C PHE C 347 -3.90 -34.04 0.95
N CYS C 348 -4.92 -34.88 0.82
CA CYS C 348 -5.09 -35.61 -0.43
C CYS C 348 -6.50 -36.11 -0.69
N VAL C 349 -6.71 -36.72 -1.87
CA VAL C 349 -7.97 -37.38 -2.19
C VAL C 349 -7.81 -38.82 -2.72
N GLY C 350 -7.09 -39.66 -1.98
CA GLY C 350 -6.80 -41.02 -2.42
C GLY C 350 -5.49 -41.20 -3.20
N ASP C 351 -4.82 -40.11 -3.59
CA ASP C 351 -3.54 -40.21 -4.34
C ASP C 351 -2.41 -39.31 -3.80
N ASN C 352 -1.59 -39.85 -2.91
CA ASN C 352 -0.47 -39.09 -2.36
C ASN C 352 0.66 -39.03 -3.37
N LYS C 353 1.68 -38.25 -3.10
CA LYS C 353 2.92 -38.40 -3.86
C LYS C 353 3.93 -39.05 -2.95
N TYR C 354 4.38 -40.25 -3.31
CA TYR C 354 5.47 -40.85 -2.60
C TYR C 354 6.76 -40.31 -3.18
N THR C 355 7.48 -39.55 -2.37
CA THR C 355 8.72 -38.92 -2.81
C THR C 355 9.67 -39.84 -3.60
N PRO C 356 9.70 -41.16 -3.27
CA PRO C 356 10.51 -42.11 -4.04
C PRO C 356 10.68 -41.78 -5.53
N THR C 365 27.97 -35.42 -7.09
CA THR C 365 29.16 -34.94 -6.42
C THR C 365 28.95 -33.57 -5.73
N ASN C 366 29.28 -32.50 -6.45
CA ASN C 366 29.21 -31.15 -5.88
C ASN C 366 27.81 -30.57 -5.79
N ALA C 367 26.80 -31.38 -6.12
CA ALA C 367 25.42 -31.03 -5.78
C ALA C 367 25.27 -31.25 -4.29
N PRO C 368 24.80 -30.23 -3.57
CA PRO C 368 24.80 -30.22 -2.11
C PRO C 368 23.67 -31.10 -1.57
N PRO C 369 23.80 -31.57 -0.32
CA PRO C 369 22.90 -32.50 0.36
C PRO C 369 21.44 -32.21 0.15
N GLN C 370 20.64 -33.25 0.32
CA GLN C 370 19.23 -33.18 0.02
C GLN C 370 18.44 -32.42 1.10
N GLY C 371 18.52 -32.92 2.33
CA GLY C 371 17.79 -32.31 3.43
C GLY C 371 18.54 -31.28 4.29
N ARG C 372 18.27 -31.31 5.58
CA ARG C 372 18.85 -30.32 6.48
C ARG C 372 19.62 -31.03 7.55
N ASP C 373 20.59 -31.84 7.16
CA ASP C 373 21.31 -32.57 8.17
C ASP C 373 22.73 -32.11 8.32
N VAL C 374 23.11 -31.85 9.56
CA VAL C 374 24.40 -31.27 9.87
C VAL C 374 25.50 -32.12 9.32
N VAL C 375 25.36 -33.43 9.49
CA VAL C 375 26.44 -34.29 9.09
C VAL C 375 26.57 -34.32 7.59
N GLU C 376 25.45 -34.42 6.88
CA GLU C 376 25.55 -34.42 5.44
C GLU C 376 26.24 -33.13 4.96
N TRP C 377 25.90 -32.01 5.59
CA TRP C 377 26.38 -30.74 5.11
C TRP C 377 27.83 -30.50 5.48
N LEU C 378 28.17 -30.77 6.73
CA LEU C 378 29.54 -30.63 7.16
C LEU C 378 30.45 -31.34 6.17
N GLY C 379 30.08 -32.59 5.86
CA GLY C 379 30.80 -33.38 4.89
C GLY C 379 30.83 -32.73 3.53
N TRP C 380 29.67 -32.34 3.01
CA TRP C 380 29.66 -31.64 1.73
C TRP C 380 30.57 -30.41 1.76
N PHE C 381 30.62 -29.74 2.91
CA PHE C 381 31.43 -28.55 3.08
C PHE C 381 32.91 -28.89 3.04
N GLU C 382 33.33 -29.89 3.80
CA GLU C 382 34.68 -30.44 3.60
C GLU C 382 34.98 -30.56 2.11
N ASP C 383 34.22 -31.40 1.42
CA ASP C 383 34.35 -31.54 -0.03
C ASP C 383 34.62 -30.21 -0.74
N GLN C 384 34.01 -29.13 -0.25
CA GLN C 384 34.16 -27.84 -0.92
C GLN C 384 35.39 -27.06 -0.48
N ASN C 385 36.33 -27.75 0.17
CA ASN C 385 37.50 -27.09 0.74
C ASN C 385 37.13 -26.08 1.82
N ARG C 386 36.13 -26.43 2.63
CA ARG C 386 35.68 -25.57 3.72
C ARG C 386 35.69 -24.07 3.38
N LYS C 387 35.46 -23.73 2.11
CA LYS C 387 35.34 -22.34 1.69
C LYS C 387 34.02 -22.13 0.93
N PRO C 388 33.21 -21.19 1.40
CA PRO C 388 31.89 -20.97 0.81
C PRO C 388 31.92 -20.98 -0.73
N THR C 389 31.02 -21.74 -1.35
CA THR C 389 30.95 -21.80 -2.81
C THR C 389 30.29 -20.56 -3.37
N PRO C 390 30.43 -20.32 -4.69
CA PRO C 390 29.84 -19.14 -5.30
C PRO C 390 28.34 -19.05 -5.14
N ASP C 391 27.65 -20.19 -5.12
CA ASP C 391 26.20 -20.14 -4.96
C ASP C 391 25.86 -19.60 -3.58
N MET C 392 26.43 -20.19 -2.54
CA MET C 392 26.22 -19.66 -1.20
C MET C 392 26.40 -18.15 -1.23
N MET C 393 27.54 -17.74 -1.74
CA MET C 393 27.85 -16.34 -1.79
C MET C 393 26.75 -15.57 -2.52
N GLN C 394 26.22 -16.17 -3.58
CA GLN C 394 25.14 -15.56 -4.33
C GLN C 394 23.88 -15.49 -3.47
N TYR C 395 23.63 -16.57 -2.74
CA TYR C 395 22.49 -16.63 -1.85
C TYR C 395 22.54 -15.45 -0.90
N ALA C 396 23.72 -15.22 -0.34
CA ALA C 396 23.89 -14.19 0.68
C ALA C 396 23.60 -12.84 0.10
N LYS C 397 24.16 -12.60 -1.08
CA LYS C 397 23.97 -11.33 -1.75
C LYS C 397 22.49 -11.03 -1.96
N ARG C 398 21.75 -11.96 -2.58
CA ARG C 398 20.33 -11.75 -2.79
C ARG C 398 19.52 -11.65 -1.48
N ALA C 399 20.14 -11.93 -0.35
CA ALA C 399 19.44 -11.80 0.91
C ALA C 399 19.70 -10.47 1.57
N VAL C 400 20.82 -9.84 1.22
CA VAL C 400 21.22 -8.62 1.89
C VAL C 400 21.11 -7.37 1.03
N MET C 401 21.44 -7.48 -0.25
CA MET C 401 21.20 -6.33 -1.14
C MET C 401 19.72 -6.05 -1.03
N SER C 402 19.29 -4.87 -1.43
CA SER C 402 17.87 -4.52 -1.32
C SER C 402 17.40 -4.33 0.13
N LEU C 403 18.32 -4.45 1.09
CA LEU C 403 18.05 -3.97 2.44
C LEU C 403 18.41 -2.50 2.48
N GLN C 404 17.50 -1.66 2.98
CA GLN C 404 17.83 -0.24 3.06
C GLN C 404 17.45 0.32 4.45
N GLY C 405 18.11 1.43 4.83
CA GLY C 405 17.81 2.12 6.07
C GLY C 405 18.52 1.56 7.29
N LEU C 406 19.75 1.06 7.10
CA LEU C 406 20.43 0.28 8.12
C LEU C 406 21.23 1.12 9.13
N ARG C 407 20.89 0.99 10.41
CA ARG C 407 21.62 1.69 11.47
C ARG C 407 23.02 1.08 11.60
N GLU C 408 24.02 1.86 11.98
CA GLU C 408 25.35 1.29 12.11
C GLU C 408 25.50 0.56 13.44
N LYS C 409 26.44 -0.38 13.47
CA LYS C 409 26.59 -1.33 14.57
C LYS C 409 25.47 -2.35 14.64
N THR C 410 24.58 -2.38 13.64
CA THR C 410 23.60 -3.45 13.59
C THR C 410 24.15 -4.61 12.78
N ILE C 411 23.62 -5.80 12.98
CA ILE C 411 24.16 -6.94 12.25
C ILE C 411 23.48 -6.98 10.90
N GLY C 412 22.52 -6.08 10.71
CA GLY C 412 21.99 -5.85 9.38
C GLY C 412 23.08 -5.20 8.56
N LYS C 413 23.61 -4.08 9.04
CA LYS C 413 24.63 -3.37 8.27
C LYS C 413 25.85 -4.23 8.14
N TYR C 414 26.16 -5.01 9.16
CA TYR C 414 27.31 -5.89 9.03
C TYR C 414 27.09 -6.83 7.86
N ALA C 415 25.95 -7.50 7.85
CA ALA C 415 25.65 -8.48 6.83
C ALA C 415 25.70 -7.88 5.44
N LYS C 416 25.17 -6.67 5.28
CA LYS C 416 25.17 -6.10 3.93
C LYS C 416 26.57 -5.73 3.43
N SER C 417 27.44 -5.30 4.33
CA SER C 417 28.81 -4.98 3.94
C SER C 417 29.55 -6.25 3.57
N GLU C 418 29.26 -7.33 4.27
CA GLU C 418 30.00 -8.57 4.04
C GLU C 418 29.64 -9.21 2.69
N PHE C 419 28.38 -9.11 2.29
CA PHE C 419 27.87 -9.93 1.19
C PHE C 419 27.48 -9.19 -0.08
N ASP C 420 26.87 -8.00 0.04
CA ASP C 420 26.52 -7.19 -1.14
C ASP C 420 27.57 -6.11 -1.31
N LYS C 421 28.64 -6.46 -2.00
CA LYS C 421 29.73 -5.52 -2.17
C LYS C 421 29.33 -4.24 -2.94
N SER D 1 77.83 -6.30 12.24
CA SER D 1 78.70 -5.51 11.38
C SER D 1 79.29 -4.35 12.19
N VAL D 2 79.96 -4.68 13.28
CA VAL D 2 80.52 -3.63 14.15
C VAL D 2 81.42 -2.71 13.32
N THR D 3 81.80 -3.14 12.11
CA THR D 3 82.77 -2.39 11.28
C THR D 3 82.38 -2.15 9.81
N VAL D 4 82.35 -0.88 9.41
CA VAL D 4 81.95 -0.45 8.07
C VAL D 4 83.04 0.38 7.41
N LYS D 5 83.51 -0.03 6.23
CA LYS D 5 84.53 0.76 5.53
C LYS D 5 83.95 1.38 4.27
N ARG D 6 84.51 2.51 3.87
CA ARG D 6 84.07 3.15 2.64
C ARG D 6 84.94 2.75 1.47
N ILE D 7 84.34 2.12 0.46
CA ILE D 7 85.18 1.42 -0.51
C ILE D 7 86.19 2.34 -1.23
N ILE D 8 85.73 3.45 -1.75
CA ILE D 8 86.62 4.33 -2.51
C ILE D 8 88.00 4.60 -1.88
N ASP D 9 88.09 4.60 -0.54
CA ASP D 9 89.37 4.95 0.08
C ASP D 9 89.72 4.17 1.36
N ASN D 10 89.05 3.04 1.57
CA ASN D 10 89.28 2.19 2.75
C ASN D 10 89.36 2.87 4.13
N THR D 11 88.62 3.97 4.33
CA THR D 11 88.51 4.59 5.64
C THR D 11 87.28 4.12 6.40
N VAL D 12 87.41 4.00 7.72
CA VAL D 12 86.30 3.54 8.52
C VAL D 12 85.34 4.68 8.77
N ILE D 13 84.06 4.39 8.63
CA ILE D 13 83.00 5.28 9.07
C ILE D 13 82.22 4.57 10.22
N VAL D 14 81.83 5.31 11.25
CA VAL D 14 81.16 4.68 12.37
C VAL D 14 79.76 5.22 12.54
N PRO D 15 78.80 4.61 11.83
CA PRO D 15 77.40 5.03 11.89
C PRO D 15 76.88 5.02 13.32
N LYS D 16 76.40 6.16 13.74
CA LYS D 16 75.78 6.25 15.04
C LYS D 16 74.62 7.22 14.88
N LEU D 17 73.66 7.17 15.79
CA LEU D 17 72.57 8.15 15.78
C LEU D 17 72.01 8.46 17.18
N PRO D 18 71.48 9.67 17.35
CA PRO D 18 71.03 10.21 18.64
C PRO D 18 70.42 9.19 19.59
N ALA D 19 70.74 9.35 20.87
CA ALA D 19 70.24 8.46 21.91
C ALA D 19 68.79 8.79 22.28
N ASN D 20 67.98 7.75 22.40
CA ASN D 20 66.62 7.89 22.88
C ASN D 20 66.51 7.12 24.19
N GLU D 21 65.61 7.54 25.06
CA GLU D 21 65.57 6.92 26.38
C GLU D 21 64.21 6.37 26.79
N ASP D 22 63.40 7.23 27.42
CA ASP D 22 62.14 6.81 28.03
C ASP D 22 62.06 5.29 28.25
N PRO D 23 62.81 4.80 29.24
CA PRO D 23 62.70 3.41 29.70
C PRO D 23 61.42 3.31 30.49
N VAL D 24 60.72 2.19 30.41
CA VAL D 24 59.44 2.08 31.08
C VAL D 24 59.65 1.77 32.55
N GLU D 25 58.60 1.99 33.33
CA GLU D 25 58.64 1.69 34.75
C GLU D 25 57.48 0.79 35.10
N TYR D 26 57.78 -0.40 35.61
CA TYR D 26 56.75 -1.38 35.96
C TYR D 26 56.21 -1.08 37.35
N PRO D 27 55.02 -1.62 37.67
CA PRO D 27 54.44 -1.31 38.98
C PRO D 27 55.22 -1.99 40.09
N ALA D 28 55.39 -3.30 39.99
CA ALA D 28 56.06 -4.02 41.06
C ALA D 28 57.35 -3.28 41.44
N ASP D 29 58.28 -3.16 40.48
CA ASP D 29 59.56 -2.48 40.68
C ASP D 29 59.25 -1.02 41.12
N TYR D 30 58.46 -0.86 42.20
CA TYR D 30 58.11 0.44 42.78
C TYR D 30 57.70 0.23 44.23
N PHE D 31 56.88 -0.79 44.46
CA PHE D 31 56.64 -1.24 45.81
C PHE D 31 57.90 -1.91 46.34
N ARG D 32 58.99 -1.83 45.59
CA ARG D 32 60.31 -2.01 46.18
C ARG D 32 60.56 -0.76 47.03
N LYS D 33 60.64 0.40 46.38
CA LYS D 33 60.86 1.69 47.06
C LYS D 33 59.92 1.91 48.25
N SER D 34 58.83 2.62 48.00
CA SER D 34 57.80 2.87 49.01
C SER D 34 57.00 1.59 49.29
N LYS D 35 56.15 1.66 50.30
CA LYS D 35 55.23 0.59 50.61
C LYS D 35 53.88 1.19 50.96
N GLU D 36 53.61 2.37 50.44
CA GLU D 36 52.34 3.03 50.65
C GLU D 36 52.14 4.04 49.54
N ILE D 37 50.89 4.31 49.19
CA ILE D 37 50.67 5.34 48.18
C ILE D 37 50.10 6.57 48.85
N PRO D 38 50.95 7.60 49.04
CA PRO D 38 50.62 8.84 49.76
C PRO D 38 49.54 9.64 49.05
N LEU D 39 48.54 10.07 49.81
CA LEU D 39 47.46 10.89 49.29
C LEU D 39 47.41 12.19 50.08
N TYR D 40 48.03 13.24 49.55
CA TYR D 40 48.05 14.52 50.25
C TYR D 40 46.73 15.27 50.09
N ILE D 41 45.70 14.76 50.75
CA ILE D 41 44.51 15.57 50.99
C ILE D 41 44.90 16.60 52.05
N ASN D 42 44.92 17.85 51.65
CA ASN D 42 45.49 18.86 52.51
C ASN D 42 44.51 19.34 53.55
N THR D 43 44.29 20.66 53.57
CA THR D 43 43.44 21.27 54.57
C THR D 43 42.36 20.31 55.07
N THR D 44 42.07 20.44 56.36
CA THR D 44 41.05 19.64 57.00
C THR D 44 40.13 20.59 57.77
N LYS D 45 39.27 21.26 57.02
CA LYS D 45 38.25 22.16 57.53
C LYS D 45 36.91 21.46 57.49
N SER D 46 35.86 22.12 57.96
CA SER D 46 34.53 21.52 57.97
C SER D 46 34.05 21.05 56.59
N LEU D 47 33.30 19.95 56.56
CA LEU D 47 32.73 19.45 55.30
C LEU D 47 31.61 20.39 54.86
N SER D 48 30.78 20.79 55.82
CA SER D 48 29.69 21.74 55.59
C SER D 48 30.20 22.97 54.84
N ASP D 49 31.38 23.45 55.25
CA ASP D 49 32.03 24.58 54.62
C ASP D 49 32.40 24.23 53.19
N LEU D 50 33.15 23.13 53.06
CA LEU D 50 33.65 22.66 51.77
C LEU D 50 32.56 22.42 50.74
N ARG D 51 31.51 21.74 51.17
CA ARG D 51 30.29 21.60 50.36
C ARG D 51 29.92 22.94 49.76
N GLY D 52 30.08 24.00 50.55
CA GLY D 52 29.86 25.36 50.09
C GLY D 52 30.86 25.83 49.04
N TYR D 53 32.14 25.89 49.41
CA TYR D 53 33.16 26.41 48.49
C TYR D 53 33.04 25.85 47.08
N VAL D 54 32.67 24.58 46.98
CA VAL D 54 32.50 23.98 45.67
C VAL D 54 31.17 24.37 45.05
N TYR D 55 30.05 24.03 45.70
CA TYR D 55 28.76 24.32 45.09
C TYR D 55 28.77 25.73 44.53
N GLN D 56 29.49 26.63 45.21
CA GLN D 56 29.72 27.99 44.74
C GLN D 56 30.71 27.94 43.56
N GLY D 57 31.97 27.67 43.86
CA GLY D 57 33.01 27.68 42.84
C GLY D 57 32.58 27.03 41.52
N LEU D 58 31.73 26.02 41.62
CA LEU D 58 31.23 25.33 40.43
C LEU D 58 30.31 26.25 39.63
N LYS D 59 29.19 26.65 40.25
CA LYS D 59 28.24 27.54 39.60
C LYS D 59 28.96 28.79 39.11
N SER D 60 29.98 29.20 39.87
CA SER D 60 30.81 30.34 39.49
C SER D 60 31.51 30.14 38.14
N GLY D 61 32.42 29.18 38.09
CA GLY D 61 33.25 29.00 36.92
C GLY D 61 34.71 28.92 37.32
N ASN D 62 34.94 28.81 38.62
CA ASN D 62 36.26 28.53 39.13
C ASN D 62 36.16 28.12 40.59
N VAL D 63 36.99 27.15 40.95
CA VAL D 63 36.99 26.62 42.29
C VAL D 63 38.32 25.90 42.42
N SER D 64 38.95 26.06 43.58
CA SER D 64 40.26 25.49 43.77
C SER D 64 40.21 23.98 43.71
N ILE D 65 41.13 23.39 42.96
CA ILE D 65 41.23 21.96 43.00
C ILE D 65 41.42 21.56 44.46
N ILE D 66 42.32 22.23 45.17
CA ILE D 66 42.60 21.85 46.55
C ILE D 66 41.32 21.63 47.33
N HIS D 67 40.33 22.48 47.08
CA HIS D 67 39.07 22.40 47.81
C HIS D 67 38.29 21.15 47.46
N VAL D 68 38.06 20.93 46.17
CA VAL D 68 37.30 19.77 45.72
C VAL D 68 37.90 18.44 46.25
N ASN D 69 39.21 18.28 46.12
CA ASN D 69 39.89 17.13 46.74
C ASN D 69 39.42 16.94 48.17
N SER D 70 39.57 18.00 48.95
CA SER D 70 39.24 17.97 50.38
C SER D 70 37.77 17.61 50.59
N TYR D 71 36.90 18.23 49.80
CA TYR D 71 35.48 17.90 49.84
C TYR D 71 35.22 16.43 49.60
N LEU D 72 35.78 15.92 48.50
CA LEU D 72 35.68 14.50 48.15
C LEU D 72 36.08 13.61 49.32
N TYR D 73 37.33 13.72 49.77
CA TYR D 73 37.75 12.96 50.94
C TYR D 73 36.67 13.04 52.03
N GLY D 74 36.07 14.23 52.14
CA GLY D 74 35.04 14.48 53.12
C GLY D 74 33.82 13.60 52.98
N ALA D 75 33.16 13.71 51.83
CA ALA D 75 31.92 12.98 51.57
C ALA D 75 32.10 11.48 51.25
N LEU D 76 33.34 11.04 51.05
CA LEU D 76 33.60 9.67 50.66
C LEU D 76 34.11 8.77 51.78
N LYS D 77 34.36 9.31 52.97
CA LYS D 77 34.92 8.49 54.02
C LYS D 77 33.94 7.47 54.59
N ASP D 78 32.80 7.30 53.94
CA ASP D 78 32.02 6.07 54.09
C ASP D 78 32.96 4.86 54.15
N ILE D 79 33.09 4.28 55.34
CA ILE D 79 33.91 3.10 55.51
C ILE D 79 33.08 1.85 55.13
N ARG D 80 32.38 1.92 54.00
CA ARG D 80 31.46 0.86 53.59
C ARG D 80 32.18 -0.37 53.03
N GLY D 81 31.46 -1.46 52.81
CA GLY D 81 32.04 -2.65 52.20
C GLY D 81 32.74 -3.63 53.12
N LYS D 82 32.23 -4.86 53.14
CA LYS D 82 32.77 -5.94 53.96
C LYS D 82 33.53 -6.97 53.09
N LEU D 83 34.82 -7.15 53.37
CA LEU D 83 35.67 -8.04 52.58
C LEU D 83 35.10 -9.44 52.40
N ASP D 84 34.70 -9.75 51.17
CA ASP D 84 34.26 -11.09 50.79
C ASP D 84 35.32 -12.16 51.15
N LYS D 85 36.45 -12.18 50.46
CA LYS D 85 37.55 -13.06 50.81
C LYS D 85 38.68 -12.24 51.41
N ASP D 86 39.92 -12.55 51.07
CA ASP D 86 41.03 -11.72 51.49
C ASP D 86 41.31 -10.66 50.42
N TRP D 87 42.31 -9.81 50.65
CA TRP D 87 42.69 -8.82 49.64
C TRP D 87 44.11 -8.27 49.83
N SER D 88 44.98 -8.54 48.87
CA SER D 88 46.32 -7.98 48.90
C SER D 88 46.92 -7.88 47.51
N SER D 89 47.82 -6.92 47.34
CA SER D 89 48.47 -6.69 46.07
C SER D 89 49.90 -6.21 46.29
N PHE D 90 50.84 -6.76 45.52
CA PHE D 90 52.22 -6.30 45.55
C PHE D 90 52.81 -6.29 46.96
N GLY D 91 52.37 -7.23 47.79
CA GLY D 91 52.88 -7.29 49.14
C GLY D 91 52.01 -6.54 50.13
N ILE D 92 51.51 -5.37 49.73
CA ILE D 92 50.62 -4.59 50.59
C ILE D 92 49.36 -5.37 50.96
N ASN D 93 49.12 -5.54 52.25
CA ASN D 93 47.91 -6.24 52.69
C ASN D 93 46.80 -5.24 52.99
N ILE D 94 45.93 -5.03 52.01
CA ILE D 94 44.90 -3.99 52.09
C ILE D 94 43.83 -4.26 53.15
N GLY D 95 43.36 -5.50 53.18
CA GLY D 95 42.34 -5.91 54.12
C GLY D 95 42.53 -7.38 54.45
N LYS D 96 41.65 -7.93 55.27
CA LYS D 96 41.67 -9.37 55.57
C LYS D 96 40.30 -9.86 56.00
N ALA D 97 40.03 -11.13 55.70
CA ALA D 97 39.18 -11.95 56.57
C ALA D 97 38.05 -11.12 57.18
N GLY D 98 36.98 -10.93 56.41
CA GLY D 98 35.74 -10.40 56.96
C GLY D 98 35.88 -8.96 57.41
N ASP D 99 37.09 -8.42 57.31
CA ASP D 99 37.35 -7.03 57.67
C ASP D 99 36.34 -6.08 57.04
N THR D 100 36.19 -4.92 57.64
CA THR D 100 35.41 -3.86 57.03
C THR D 100 36.37 -2.74 56.68
N ILE D 101 36.35 -2.32 55.41
CA ILE D 101 37.25 -1.27 54.95
C ILE D 101 36.54 -0.25 54.09
N GLY D 102 37.13 0.94 53.96
CA GLY D 102 36.60 1.98 53.10
C GLY D 102 37.59 2.45 52.05
N ILE D 103 37.08 3.15 51.04
CA ILE D 103 37.89 3.66 49.94
C ILE D 103 39.29 4.09 50.35
N PHE D 104 39.38 5.01 51.30
CA PHE D 104 40.68 5.62 51.59
C PHE D 104 41.58 4.76 52.45
N ASP D 105 41.31 3.47 52.43
CA ASP D 105 42.25 2.53 53.00
C ASP D 105 43.35 2.30 51.98
N LEU D 106 43.77 3.43 51.40
CA LEU D 106 44.93 3.51 50.51
C LEU D 106 45.72 4.86 50.72
N VAL D 107 46.01 5.12 52.01
CA VAL D 107 47.23 5.79 52.57
C VAL D 107 47.31 7.32 52.73
N SER D 108 46.55 7.89 53.68
CA SER D 108 46.38 9.35 53.74
C SER D 108 47.40 10.20 54.52
N LEU D 109 48.01 11.17 53.84
CA LEU D 109 48.85 12.15 54.52
C LEU D 109 48.24 13.54 54.29
N LYS D 110 48.58 14.51 55.14
CA LYS D 110 48.09 15.88 54.99
C LYS D 110 49.25 16.83 54.70
N ALA D 111 48.96 18.03 54.22
CA ALA D 111 50.05 18.97 53.92
C ALA D 111 49.67 20.43 53.68
N LEU D 112 50.69 21.22 53.35
CA LEU D 112 50.56 22.66 53.08
C LEU D 112 49.68 23.43 54.07
N ASP D 113 49.40 24.71 53.75
CA ASP D 113 48.73 25.62 54.68
C ASP D 113 47.77 26.62 54.00
N GLY D 114 48.15 27.09 52.81
CA GLY D 114 47.39 28.13 52.13
C GLY D 114 46.10 27.65 51.45
N VAL D 115 45.06 28.48 51.52
CA VAL D 115 43.75 28.18 50.92
C VAL D 115 43.15 29.38 50.18
N LEU D 116 41.82 29.50 50.21
CA LEU D 116 41.12 30.57 49.50
C LEU D 116 40.06 31.30 50.39
N PRO D 117 38.81 31.50 49.91
CA PRO D 117 37.85 32.14 50.83
C PRO D 117 37.94 31.70 52.31
N ASP D 118 37.51 32.59 53.23
CA ASP D 118 37.63 32.39 54.68
C ASP D 118 36.72 31.29 55.26
N GLY D 119 37.20 30.61 56.30
CA GLY D 119 36.43 29.67 57.11
C GLY D 119 35.08 29.06 56.69
N VAL D 120 34.09 29.89 56.36
CA VAL D 120 32.71 29.43 56.16
C VAL D 120 31.93 30.19 55.06
N SER D 121 31.68 29.52 53.92
CA SER D 121 30.97 30.14 52.79
C SER D 121 29.45 30.24 53.02
N ASP D 122 28.69 30.02 51.94
CA ASP D 122 27.23 30.15 51.95
C ASP D 122 26.53 28.89 52.44
N ALA D 123 25.98 28.97 53.65
CA ALA D 123 25.38 27.83 54.31
C ALA D 123 24.25 27.24 53.47
N SER D 124 23.78 28.01 52.49
CA SER D 124 22.62 27.65 51.65
C SER D 124 22.48 26.16 51.31
N ARG D 125 23.59 25.46 51.18
CA ARG D 125 23.56 24.06 50.72
C ARG D 125 23.62 23.00 51.82
N THR D 126 22.77 22.00 51.68
CA THR D 126 22.60 20.96 52.70
C THR D 126 23.15 19.60 52.24
N SER D 127 22.72 18.53 52.92
CA SER D 127 23.14 17.17 52.57
C SER D 127 22.43 16.60 51.33
N ALA D 128 22.11 17.46 50.37
CA ALA D 128 22.03 17.04 48.98
C ALA D 128 23.50 16.95 48.65
N ASP D 129 24.16 16.00 49.30
CA ASP D 129 25.60 16.04 49.49
C ASP D 129 26.19 14.79 48.89
N ASP D 130 26.64 13.90 49.78
CA ASP D 130 27.23 12.63 49.39
C ASP D 130 26.46 12.17 48.17
N LYS D 131 25.19 11.86 48.38
CA LYS D 131 24.29 11.41 47.32
C LYS D 131 24.90 11.59 45.93
N TRP D 132 25.06 12.83 45.50
CA TRP D 132 25.28 13.09 44.10
C TRP D 132 26.43 14.05 43.77
N LEU D 133 26.75 14.95 44.67
CA LEU D 133 27.78 15.95 44.38
C LEU D 133 29.12 15.29 44.04
N PRO D 134 29.57 14.31 44.86
CA PRO D 134 30.85 13.68 44.52
C PRO D 134 30.81 13.10 43.12
N LEU D 135 29.76 12.35 42.81
CA LEU D 135 29.63 11.73 41.49
C LEU D 135 29.93 12.73 40.39
N TYR D 136 29.41 13.94 40.56
CA TYR D 136 29.62 14.99 39.58
C TYR D 136 31.12 15.26 39.45
N LEU D 137 31.70 15.66 40.57
CA LEU D 137 33.13 15.92 40.63
C LEU D 137 33.93 14.85 39.92
N LEU D 138 33.68 13.58 40.26
CA LEU D 138 34.42 12.49 39.65
C LEU D 138 34.06 12.41 38.19
N GLY D 139 32.77 12.52 37.89
CA GLY D 139 32.30 12.47 36.51
C GLY D 139 33.18 13.31 35.60
N LEU D 140 33.52 14.49 36.06
CA LEU D 140 34.24 15.43 35.22
C LEU D 140 35.60 14.92 34.78
N TYR D 141 36.21 14.06 35.57
CA TYR D 141 37.51 13.51 35.19
C TYR D 141 37.48 12.86 33.81
N ARG D 142 36.44 12.07 33.56
CA ARG D 142 36.26 11.40 32.28
C ARG D 142 36.09 12.42 31.21
N VAL D 143 35.14 13.33 31.43
CA VAL D 143 34.82 14.39 30.48
C VAL D 143 36.06 15.22 30.15
N GLY D 144 36.93 15.38 31.14
CA GLY D 144 38.13 16.19 30.98
C GLY D 144 39.21 15.59 30.08
N ARG D 145 38.98 14.38 29.60
CA ARG D 145 39.99 13.69 28.81
C ARG D 145 39.78 13.82 27.29
N THR D 146 38.58 13.50 26.81
CA THR D 146 38.28 13.59 25.37
C THR D 146 38.44 15.01 24.81
N GLN D 147 39.25 15.12 23.77
CA GLN D 147 39.57 16.42 23.16
C GLN D 147 38.51 16.91 22.17
N MET D 148 37.45 16.12 21.99
CA MET D 148 36.50 16.33 20.89
C MET D 148 35.06 16.64 21.36
N PRO D 149 34.22 17.14 20.43
CA PRO D 149 32.81 17.42 20.69
C PRO D 149 32.08 16.26 21.34
N GLU D 150 32.69 15.08 21.31
CA GLU D 150 32.13 13.94 22.01
C GLU D 150 31.99 14.22 23.51
N TYR D 151 32.76 15.18 24.00
CA TYR D 151 32.71 15.50 25.41
C TYR D 151 31.28 15.82 25.83
N ARG D 152 30.59 16.67 25.05
CA ARG D 152 29.20 17.01 25.34
C ARG D 152 28.28 15.81 25.14
N LYS D 153 28.82 14.76 24.53
CA LYS D 153 28.10 13.50 24.41
C LYS D 153 28.14 12.81 25.76
N LYS D 154 29.30 12.89 26.42
CA LYS D 154 29.45 12.30 27.74
C LYS D 154 28.75 13.10 28.82
N LEU D 155 28.98 14.41 28.83
CA LEU D 155 28.36 15.29 29.83
C LEU D 155 26.85 15.12 29.80
N MET D 156 26.28 15.02 28.60
CA MET D 156 24.87 14.71 28.46
C MET D 156 24.50 13.53 29.39
N ASP D 157 25.05 12.36 29.10
CA ASP D 157 24.83 11.17 29.92
C ASP D 157 25.40 11.40 31.32
N GLY D 158 26.43 12.23 31.38
CA GLY D 158 27.11 12.56 32.63
C GLY D 158 26.19 13.18 33.64
N LEU D 159 25.08 13.72 33.17
CA LEU D 159 24.09 14.31 34.05
C LEU D 159 22.75 13.59 33.97
N THR D 160 22.39 13.12 32.78
CA THR D 160 21.17 12.31 32.66
C THR D 160 21.38 11.05 33.49
N ASN D 161 22.60 10.91 33.99
CA ASN D 161 22.86 10.07 35.14
C ASN D 161 22.36 10.88 36.31
N GLN D 162 23.27 11.64 36.91
CA GLN D 162 22.96 12.68 37.90
C GLN D 162 21.53 12.83 38.39
N CYS D 163 20.62 13.14 37.47
CA CYS D 163 19.23 13.43 37.78
C CYS D 163 18.64 12.57 38.89
N LYS D 164 19.18 11.37 39.04
CA LYS D 164 18.63 10.39 39.97
C LYS D 164 18.19 11.05 41.27
N MET D 165 16.97 11.56 41.28
CA MET D 165 16.30 11.93 42.53
C MET D 165 16.91 13.19 43.13
N ILE D 166 17.59 13.97 42.29
CA ILE D 166 18.33 15.13 42.76
C ILE D 166 18.30 16.26 41.74
N ASN D 167 17.23 16.30 40.95
CA ASN D 167 17.32 16.79 39.58
C ASN D 167 17.89 18.20 39.50
N GLU D 168 19.18 18.30 39.22
CA GLU D 168 19.80 19.60 38.96
C GLU D 168 20.18 19.72 37.48
N GLN D 169 21.20 20.52 37.18
CA GLN D 169 21.60 20.73 35.79
C GLN D 169 23.07 21.10 35.66
N PHE D 170 23.43 21.68 34.50
CA PHE D 170 24.78 22.19 34.21
C PHE D 170 25.37 22.94 35.40
N GLU D 171 26.69 23.18 35.35
CA GLU D 171 27.34 24.00 36.38
C GLU D 171 28.28 25.03 35.77
N PRO D 172 29.26 24.57 34.98
CA PRO D 172 30.02 25.58 34.24
C PRO D 172 29.18 26.06 33.06
N LEU D 173 29.80 26.83 32.16
CA LEU D 173 29.13 27.26 30.94
C LEU D 173 30.12 27.02 29.80
N VAL D 174 31.38 27.30 30.11
CA VAL D 174 32.47 27.23 29.15
C VAL D 174 32.73 25.80 28.71
N PRO D 175 32.60 25.55 27.39
CA PRO D 175 32.78 24.30 26.65
C PRO D 175 33.74 23.29 27.32
N GLU D 176 35.03 23.46 27.04
CA GLU D 176 36.12 22.64 27.62
C GLU D 176 37.16 22.73 26.50
N GLY D 177 38.00 21.71 26.38
CA GLY D 177 39.03 21.64 25.35
C GLY D 177 40.29 21.98 26.12
N ARG D 178 40.21 21.90 27.45
CA ARG D 178 41.31 22.20 28.35
C ARG D 178 41.39 23.67 28.78
N ASP D 179 40.97 23.91 30.02
CA ASP D 179 40.96 25.23 30.67
C ASP D 179 40.09 25.20 31.93
N ILE D 180 38.89 24.61 31.81
CA ILE D 180 37.85 24.66 32.86
C ILE D 180 38.14 23.79 34.10
N PHE D 181 37.71 22.53 34.05
CA PHE D 181 38.05 21.51 35.05
C PHE D 181 38.91 20.47 34.34
N ASP D 182 38.92 20.58 33.02
CA ASP D 182 39.67 19.71 32.12
C ASP D 182 41.12 19.56 32.53
N VAL D 183 41.54 20.30 33.55
CA VAL D 183 42.93 20.26 34.01
C VAL D 183 43.05 19.65 35.39
N TRP D 184 41.92 19.27 35.97
CA TRP D 184 41.92 18.58 37.26
C TRP D 184 42.81 17.33 37.16
N GLY D 185 42.75 16.68 36.00
CA GLY D 185 43.50 15.47 35.76
C GLY D 185 45.01 15.67 35.92
N ASN D 186 45.43 16.91 36.06
CA ASN D 186 46.85 17.19 36.19
C ASN D 186 47.28 17.20 37.65
N ASP D 187 46.30 17.08 38.55
CA ASP D 187 46.54 17.16 40.00
C ASP D 187 46.79 15.78 40.60
N SER D 188 48.05 15.47 40.85
CA SER D 188 48.44 14.13 41.26
C SER D 188 47.59 13.62 42.42
N ASN D 189 46.98 14.53 43.16
CA ASN D 189 46.16 14.13 44.30
C ASN D 189 44.72 13.82 43.88
N TYR D 190 44.23 14.53 42.87
CA TYR D 190 42.90 14.31 42.35
C TYR D 190 42.84 12.90 41.79
N THR D 191 43.65 12.64 40.78
CA THR D 191 43.71 11.31 40.18
C THR D 191 43.80 10.19 41.22
N LYS D 192 44.70 10.31 42.20
CA LYS D 192 44.82 9.29 43.23
C LYS D 192 43.48 8.96 43.86
N ILE D 193 42.60 9.94 43.94
CA ILE D 193 41.27 9.71 44.49
C ILE D 193 40.44 8.92 43.50
N VAL D 194 40.44 9.38 42.26
CA VAL D 194 39.70 8.73 41.21
C VAL D 194 40.08 7.26 41.14
N ALA D 195 41.37 6.97 41.17
CA ALA D 195 41.80 5.58 41.11
C ALA D 195 41.32 4.81 42.32
N ALA D 196 41.49 5.37 43.51
CA ALA D 196 41.11 4.70 44.74
C ALA D 196 39.62 4.38 44.70
N VAL D 197 38.81 5.31 44.23
CA VAL D 197 37.37 5.06 44.13
C VAL D 197 37.06 3.97 43.13
N ASP D 198 37.63 4.06 41.94
CA ASP D 198 37.39 3.01 40.98
C ASP D 198 37.84 1.65 41.50
N MET D 199 39.07 1.58 41.98
CA MET D 199 39.59 0.30 42.43
C MET D 199 38.70 -0.24 43.52
N PHE D 200 38.11 0.66 44.28
CA PHE D 200 37.31 0.24 45.42
C PHE D 200 36.01 -0.37 44.97
N PHE D 201 35.34 0.29 44.02
CA PHE D 201 34.03 -0.18 43.63
C PHE D 201 34.16 -1.28 42.61
N HIS D 202 35.33 -1.43 42.02
CA HIS D 202 35.54 -2.62 41.20
C HIS D 202 35.50 -3.89 42.05
N MET D 203 35.88 -3.75 43.32
CA MET D 203 35.87 -4.86 44.27
C MET D 203 34.48 -5.06 44.84
N PHE D 204 33.88 -3.98 45.31
CA PHE D 204 32.55 -4.09 45.87
C PHE D 204 31.55 -3.73 44.81
N LYS D 205 31.69 -4.40 43.67
CA LYS D 205 30.84 -4.18 42.51
C LYS D 205 29.40 -3.87 42.87
N LYS D 206 28.89 -4.57 43.87
CA LYS D 206 27.52 -4.40 44.34
C LYS D 206 27.51 -3.51 45.58
N HIS D 207 27.12 -2.25 45.40
CA HIS D 207 27.10 -1.32 46.52
C HIS D 207 26.32 -0.08 46.11
N GLU D 208 25.40 0.37 46.96
CA GLU D 208 24.49 1.46 46.60
C GLU D 208 25.26 2.60 45.91
N CYS D 209 26.45 2.88 46.41
CA CYS D 209 27.24 3.99 45.90
C CYS D 209 28.18 3.62 44.75
N ALA D 210 28.23 2.34 44.40
CA ALA D 210 29.10 1.92 43.30
C ALA D 210 28.75 2.59 41.98
N SER D 211 27.68 3.38 41.94
CA SER D 211 27.35 4.13 40.74
C SER D 211 28.46 5.15 40.41
N PHE D 212 29.22 5.54 41.43
CA PHE D 212 30.29 6.54 41.28
C PHE D 212 31.28 6.09 40.23
N ARG D 213 31.27 4.81 39.90
CA ARG D 213 32.21 4.29 38.91
C ARG D 213 32.10 5.03 37.60
N TYR D 214 30.90 5.51 37.27
CA TYR D 214 30.74 6.31 36.06
C TYR D 214 31.88 7.31 36.06
N GLY D 215 32.48 7.55 34.91
CA GLY D 215 33.51 8.56 34.87
C GLY D 215 34.78 8.30 35.66
N THR D 216 34.72 7.46 36.69
CA THR D 216 35.93 7.08 37.40
C THR D 216 36.57 5.85 36.72
N ILE D 217 35.85 5.28 35.76
CA ILE D 217 36.29 4.04 35.15
C ILE D 217 37.37 4.23 34.09
N VAL D 218 37.42 5.37 33.45
CA VAL D 218 38.41 5.50 32.40
C VAL D 218 39.78 5.72 32.98
N SER D 219 39.94 5.45 34.27
CA SER D 219 41.27 5.48 34.87
C SER D 219 41.85 4.08 34.95
N ARG D 220 40.97 3.07 34.88
CA ARG D 220 41.38 1.67 34.92
C ARG D 220 41.97 1.24 33.59
N PHE D 221 43.26 0.90 33.62
CA PHE D 221 44.02 0.54 32.43
C PHE D 221 44.37 1.74 31.57
N LYS D 222 44.23 2.92 32.15
CA LYS D 222 44.68 4.13 31.49
C LYS D 222 46.11 3.95 31.04
N ASP D 223 46.36 4.25 29.78
CA ASP D 223 47.69 4.10 29.20
C ASP D 223 48.15 2.64 29.18
N CYS D 224 47.22 1.71 28.98
CA CYS D 224 47.56 0.29 28.80
C CYS D 224 46.89 -0.29 27.55
N ALA D 225 46.92 0.44 26.45
CA ALA D 225 46.17 0.03 25.27
C ALA D 225 46.66 -1.28 24.68
N ALA D 226 47.98 -1.49 24.67
CA ALA D 226 48.53 -2.68 24.05
C ALA D 226 47.90 -3.93 24.67
N LEU D 227 47.94 -4.04 25.99
CA LEU D 227 47.27 -5.12 26.65
C LEU D 227 45.89 -5.31 26.08
N ALA D 228 45.14 -4.23 25.92
CA ALA D 228 43.78 -4.37 25.43
C ALA D 228 43.78 -4.89 24.01
N THR D 229 44.68 -4.40 23.18
CA THR D 229 44.57 -4.80 21.80
C THR D 229 44.89 -6.28 21.71
N PHE D 230 45.74 -6.76 22.60
CA PHE D 230 46.11 -8.18 22.62
C PHE D 230 44.90 -9.03 23.01
N GLY D 231 44.18 -8.57 24.03
CA GLY D 231 42.92 -9.18 24.41
C GLY D 231 41.94 -9.22 23.25
N HIS D 232 41.77 -8.13 22.53
CA HIS D 232 40.84 -8.13 21.41
C HIS D 232 41.27 -9.09 20.33
N LEU D 233 42.58 -9.16 20.11
CA LEU D 233 43.11 -10.02 19.08
C LEU D 233 42.71 -11.48 19.32
N CYS D 234 42.82 -11.92 20.56
CA CYS D 234 42.44 -13.29 20.89
C CYS D 234 40.96 -13.47 20.67
N LYS D 235 40.16 -12.58 21.23
CA LYS D 235 38.72 -12.70 21.13
C LYS D 235 38.29 -12.72 19.69
N ILE D 236 39.06 -12.04 18.84
CA ILE D 236 38.58 -11.75 17.50
C ILE D 236 39.02 -12.79 16.49
N THR D 237 40.04 -13.57 16.86
CA THR D 237 40.51 -14.68 16.02
C THR D 237 40.00 -16.02 16.55
N GLY D 238 39.63 -16.04 17.81
CA GLY D 238 39.17 -17.27 18.41
C GLY D 238 40.34 -18.03 19.01
N MET D 239 41.54 -17.58 18.74
CA MET D 239 42.71 -18.30 19.25
C MET D 239 43.00 -18.09 20.75
N SER D 240 43.67 -19.07 21.33
CA SER D 240 44.14 -19.01 22.70
C SER D 240 45.25 -18.00 22.77
N THR D 241 45.57 -17.58 23.99
CA THR D 241 46.58 -16.56 24.16
C THR D 241 47.97 -17.09 23.74
N GLU D 242 48.22 -18.37 23.97
CA GLU D 242 49.54 -18.88 23.64
C GLU D 242 49.65 -19.13 22.16
N ASP D 243 48.55 -19.49 21.51
CA ASP D 243 48.59 -19.70 20.06
C ASP D 243 48.75 -18.34 19.30
N VAL D 244 48.00 -17.33 19.74
CA VAL D 244 48.16 -16.00 19.16
C VAL D 244 49.61 -15.57 19.25
N THR D 245 50.24 -15.81 20.39
CA THR D 245 51.63 -15.41 20.56
C THR D 245 52.51 -15.97 19.48
N THR D 246 52.30 -17.22 19.10
CA THR D 246 53.21 -17.88 18.16
C THR D 246 53.10 -17.27 16.78
N TRP D 247 51.95 -16.65 16.50
CA TRP D 247 51.76 -16.00 15.21
C TRP D 247 52.49 -14.64 15.09
N ILE D 248 53.12 -14.22 16.18
CA ILE D 248 54.01 -13.05 16.10
C ILE D 248 55.17 -13.37 15.17
N LEU D 249 55.41 -12.51 14.18
CA LEU D 249 56.31 -12.88 13.08
C LEU D 249 57.41 -11.86 12.73
N ASN D 250 57.68 -10.89 13.62
CA ASN D 250 58.81 -9.99 13.42
C ASN D 250 59.42 -9.66 14.76
N ARG D 251 60.75 -9.55 14.82
CA ARG D 251 61.40 -9.26 16.09
C ARG D 251 60.73 -8.16 16.96
N GLU D 252 60.73 -6.92 16.51
CA GLU D 252 60.31 -5.85 17.39
C GLU D 252 58.88 -6.01 17.90
N VAL D 253 58.09 -6.89 17.30
CA VAL D 253 56.82 -7.20 17.94
C VAL D 253 57.05 -8.16 19.09
N ALA D 254 57.83 -9.21 18.85
CA ALA D 254 58.22 -10.10 19.94
C ALA D 254 58.90 -9.34 21.07
N ASP D 255 59.88 -8.51 20.74
CA ASP D 255 60.45 -7.64 21.76
C ASP D 255 59.35 -7.00 22.57
N GLU D 256 58.47 -6.28 21.88
CA GLU D 256 57.38 -5.56 22.54
C GLU D 256 56.61 -6.51 23.41
N MET D 257 56.23 -7.65 22.84
CA MET D 257 55.44 -8.61 23.56
C MET D 257 56.14 -9.04 24.83
N VAL D 258 57.39 -9.47 24.71
CA VAL D 258 58.16 -9.90 25.88
C VAL D 258 58.11 -8.84 26.96
N GLN D 259 58.25 -7.58 26.55
CA GLN D 259 58.20 -6.48 27.49
C GLN D 259 56.86 -6.45 28.24
N MET D 260 55.77 -6.79 27.56
CA MET D 260 54.45 -6.64 28.15
C MET D 260 54.13 -7.77 29.12
N MET D 261 54.73 -8.93 28.89
CA MET D 261 54.36 -10.10 29.67
C MET D 261 55.37 -10.37 30.78
N LEU D 262 56.21 -9.38 31.07
CA LEU D 262 57.09 -9.48 32.22
C LEU D 262 56.31 -9.96 33.43
N PRO D 263 56.88 -10.90 34.19
CA PRO D 263 56.17 -11.58 35.27
C PRO D 263 56.12 -10.82 36.58
N GLY D 264 55.21 -11.26 37.44
CA GLY D 264 55.03 -10.66 38.74
C GLY D 264 54.60 -9.22 38.70
N GLN D 265 53.75 -8.88 37.73
CA GLN D 265 53.20 -7.54 37.64
C GLN D 265 51.70 -7.54 37.87
N GLU D 266 51.14 -8.71 38.12
CA GLU D 266 49.75 -8.83 38.53
C GLU D 266 48.73 -8.44 37.46
N ILE D 267 49.09 -8.49 36.18
CA ILE D 267 48.14 -8.09 35.15
C ILE D 267 46.94 -9.01 34.99
N ASP D 268 47.12 -10.29 35.26
CA ASP D 268 46.02 -11.25 35.16
C ASP D 268 45.25 -11.38 36.48
N LYS D 269 45.65 -10.57 37.48
CA LYS D 269 45.02 -10.60 38.79
C LYS D 269 43.68 -9.89 38.77
N ALA D 270 42.77 -10.34 39.63
CA ALA D 270 41.44 -9.78 39.66
C ALA D 270 41.44 -8.29 40.00
N ASP D 271 41.66 -7.96 41.28
CA ASP D 271 41.69 -6.57 41.73
C ASP D 271 43.04 -6.22 42.34
N SER D 272 43.95 -5.74 41.50
CA SER D 272 45.29 -5.37 41.94
C SER D 272 45.44 -3.88 41.67
N TYR D 273 46.56 -3.29 42.11
CA TYR D 273 46.86 -1.90 41.82
C TYR D 273 47.28 -1.74 40.37
N MET D 274 47.80 -2.79 39.76
CA MET D 274 48.42 -2.68 38.43
C MET D 274 47.64 -1.88 37.39
N PRO D 275 46.33 -2.06 37.30
CA PRO D 275 45.51 -1.35 36.31
C PRO D 275 45.50 0.16 36.51
N TYR D 276 45.83 0.63 37.71
CA TYR D 276 45.82 2.06 37.97
C TYR D 276 47.23 2.59 38.12
N LEU D 277 48.19 1.90 37.54
CA LEU D 277 49.60 2.26 37.71
C LEU D 277 49.88 3.75 37.40
N ILE D 278 49.17 4.31 36.43
CA ILE D 278 49.38 5.72 36.08
C ILE D 278 48.76 6.71 37.09
N ASP D 279 47.46 6.58 37.37
CA ASP D 279 46.79 7.54 38.26
C ASP D 279 47.18 7.49 39.76
N PHE D 280 47.70 6.36 40.25
CA PHE D 280 48.30 6.36 41.58
C PHE D 280 49.75 6.80 41.46
N GLY D 281 50.18 7.16 40.26
CA GLY D 281 51.58 7.48 40.05
C GLY D 281 52.55 6.38 40.46
N LEU D 282 52.17 5.11 40.28
CA LEU D 282 53.10 4.01 40.49
C LEU D 282 54.14 3.99 39.40
N SER D 283 53.80 4.53 38.22
CA SER D 283 54.68 4.50 37.06
C SER D 283 54.42 5.71 36.22
N SER D 284 55.47 6.24 35.60
CA SER D 284 55.36 7.49 34.85
C SER D 284 55.57 7.25 33.36
N LYS D 285 55.92 6.01 33.04
CA LYS D 285 55.95 5.58 31.65
C LYS D 285 55.47 4.14 31.63
N SER D 286 54.22 3.96 31.25
CA SER D 286 53.62 2.64 31.25
C SER D 286 54.31 1.73 30.24
N PRO D 287 54.62 0.49 30.65
CA PRO D 287 55.17 -0.53 29.77
C PRO D 287 54.13 -1.08 28.80
N TYR D 288 52.86 -0.86 29.08
CA TYR D 288 51.79 -1.44 28.30
C TYR D 288 51.15 -0.45 27.33
N SER D 289 51.71 0.75 27.28
CA SER D 289 51.13 1.83 26.51
C SER D 289 51.20 1.49 25.05
N SER D 290 50.33 2.09 24.27
CA SER D 290 50.33 1.84 22.85
C SER D 290 51.53 2.47 22.21
N VAL D 291 52.07 3.52 22.81
CA VAL D 291 53.20 4.22 22.18
C VAL D 291 54.53 3.54 22.49
N LYS D 292 54.58 2.77 23.55
CA LYS D 292 55.79 2.03 23.85
C LYS D 292 55.68 0.59 23.28
N ASN D 293 54.55 0.31 22.62
CA ASN D 293 54.36 -0.97 21.95
C ASN D 293 53.87 -0.80 20.52
N PRO D 294 54.48 0.13 19.77
CA PRO D 294 53.97 0.59 18.47
C PRO D 294 53.85 -0.55 17.47
N ALA D 295 54.95 -1.25 17.22
CA ALA D 295 54.89 -2.42 16.36
C ALA D 295 53.75 -3.38 16.74
N PHE D 296 53.67 -3.74 18.01
CA PHE D 296 52.61 -4.63 18.39
C PHE D 296 51.29 -4.00 18.07
N HIS D 297 51.08 -2.83 18.63
CA HIS D 297 49.87 -2.08 18.39
C HIS D 297 49.42 -2.05 16.91
N PHE D 298 50.33 -1.70 16.00
CA PHE D 298 50.01 -1.72 14.57
C PHE D 298 49.58 -3.11 14.13
N TRP D 299 50.47 -4.08 14.29
CA TRP D 299 50.23 -5.43 13.80
C TRP D 299 48.90 -5.97 14.33
N GLY D 300 48.69 -5.78 15.62
CA GLY D 300 47.50 -6.31 16.27
C GLY D 300 46.22 -5.69 15.74
N GLN D 301 46.25 -4.38 15.55
CA GLN D 301 45.08 -3.71 15.09
C GLN D 301 44.86 -3.93 13.59
N LEU D 302 45.93 -3.93 12.80
CA LEU D 302 45.78 -4.11 11.36
C LEU D 302 45.13 -5.47 11.19
N THR D 303 45.69 -6.47 11.88
CA THR D 303 45.16 -7.82 11.72
C THR D 303 43.70 -7.83 12.10
N ALA D 304 43.36 -7.24 13.24
CA ALA D 304 41.99 -7.33 13.66
C ALA D 304 41.09 -6.65 12.62
N LEU D 305 41.61 -5.65 11.93
CA LEU D 305 40.77 -4.92 11.00
C LEU D 305 40.44 -5.77 9.78
N LEU D 306 41.44 -6.49 9.29
CA LEU D 306 41.25 -7.44 8.20
C LEU D 306 40.23 -8.49 8.61
N LEU D 307 40.13 -8.75 9.92
CA LEU D 307 39.23 -9.79 10.43
C LEU D 307 37.87 -9.24 10.81
N ARG D 308 37.65 -7.95 10.53
CA ARG D 308 36.34 -7.32 10.63
C ARG D 308 36.06 -6.59 11.92
N SER D 309 37.09 -6.29 12.70
CA SER D 309 36.89 -5.47 13.87
C SER D 309 36.30 -4.13 13.48
N THR D 310 35.43 -3.59 14.32
CA THR D 310 34.96 -2.22 14.13
C THR D 310 35.85 -1.31 14.95
N ARG D 311 36.12 -1.69 16.18
CA ARG D 311 37.06 -0.97 17.03
C ARG D 311 38.30 -0.52 16.26
N ALA D 312 38.82 -1.40 15.41
CA ALA D 312 40.16 -1.20 14.90
C ALA D 312 40.28 -0.24 13.74
N ARG D 313 39.16 0.13 13.11
CA ARG D 313 39.24 1.03 11.96
C ARG D 313 39.63 2.45 12.38
N ASN D 314 39.67 2.68 13.67
CA ASN D 314 39.99 4.01 14.16
C ASN D 314 41.20 4.10 15.08
N ALA D 315 41.92 3.00 15.21
CA ALA D 315 43.13 3.01 16.01
C ALA D 315 44.15 3.94 15.38
N ARG D 316 45.10 4.41 16.16
CA ARG D 316 46.08 5.32 15.59
C ARG D 316 47.24 4.57 14.94
N GLN D 317 47.79 5.15 13.87
CA GLN D 317 48.86 4.53 13.15
C GLN D 317 50.16 5.09 13.68
N PRO D 318 50.85 4.33 14.54
CA PRO D 318 52.11 4.77 15.11
C PRO D 318 53.10 5.23 14.04
N ASP D 319 54.09 6.03 14.44
CA ASP D 319 55.19 6.42 13.56
C ASP D 319 56.44 5.57 13.83
N ASP D 320 57.41 5.62 12.93
CA ASP D 320 58.70 4.96 13.15
C ASP D 320 58.60 3.47 13.48
N ILE D 321 57.75 2.76 12.75
CA ILE D 321 57.73 1.32 12.78
C ILE D 321 57.91 0.81 11.38
N GLU D 322 58.17 -0.48 11.25
CA GLU D 322 58.49 -1.05 9.96
C GLU D 322 57.23 -1.49 9.25
N TYR D 323 56.51 -0.53 8.65
CA TYR D 323 55.19 -0.80 8.10
C TYR D 323 55.14 -2.00 7.16
N THR D 324 55.87 -1.98 6.05
CA THR D 324 55.66 -2.98 5.00
C THR D 324 55.68 -4.38 5.57
N SER D 325 56.71 -4.70 6.33
CA SER D 325 56.85 -6.04 6.87
C SER D 325 55.79 -6.32 7.92
N LEU D 326 55.52 -5.33 8.78
CA LEU D 326 54.49 -5.47 9.80
C LEU D 326 53.14 -5.84 9.20
N THR D 327 52.78 -5.19 8.11
CA THR D 327 51.52 -5.50 7.44
C THR D 327 51.54 -6.80 6.60
N THR D 328 52.66 -7.16 5.96
CA THR D 328 52.71 -8.46 5.30
C THR D 328 52.38 -9.53 6.34
N ALA D 329 53.03 -9.44 7.50
CA ALA D 329 52.80 -10.39 8.58
C ALA D 329 51.34 -10.42 9.03
N GLY D 330 50.74 -9.24 9.16
CA GLY D 330 49.34 -9.12 9.55
C GLY D 330 48.43 -9.78 8.54
N LEU D 331 48.60 -9.44 7.26
CA LEU D 331 47.82 -10.03 6.19
C LEU D 331 47.80 -11.55 6.29
N LEU D 332 48.97 -12.16 6.38
CA LEU D 332 49.10 -13.62 6.47
C LEU D 332 48.25 -14.21 7.61
N TYR D 333 48.44 -13.66 8.80
CA TYR D 333 47.68 -14.09 9.97
C TYR D 333 46.18 -13.96 9.69
N ALA D 334 45.79 -12.83 9.13
CA ALA D 334 44.39 -12.59 8.87
C ALA D 334 43.89 -13.55 7.83
N TYR D 335 44.73 -13.86 6.85
CA TYR D 335 44.32 -14.73 5.74
C TYR D 335 44.14 -16.14 6.28
N ALA D 336 45.07 -16.57 7.11
CA ALA D 336 44.99 -17.91 7.70
C ALA D 336 43.66 -18.09 8.44
N VAL D 337 43.47 -17.28 9.46
CA VAL D 337 42.24 -17.30 10.23
C VAL D 337 41.01 -17.06 9.35
N GLY D 338 41.20 -16.29 8.29
CA GLY D 338 40.08 -15.77 7.54
C GLY D 338 39.47 -16.79 6.62
N SER D 339 40.27 -17.76 6.23
CA SER D 339 39.81 -18.76 5.30
C SER D 339 39.54 -20.11 5.97
N SER D 340 40.24 -20.40 7.08
CA SER D 340 40.01 -21.63 7.82
C SER D 340 39.01 -21.46 8.97
N ALA D 341 37.72 -21.64 8.71
CA ALA D 341 36.73 -21.55 9.77
C ALA D 341 36.93 -22.62 10.87
N ASP D 342 36.73 -22.27 12.13
CA ASP D 342 36.80 -23.30 13.19
C ASP D 342 35.94 -24.43 12.74
N LEU D 343 34.66 -24.12 12.53
CA LEU D 343 33.69 -25.05 11.98
C LEU D 343 33.85 -26.50 12.45
N ALA D 344 33.06 -26.89 13.44
CA ALA D 344 33.06 -28.28 13.93
C ALA D 344 31.74 -28.64 14.60
N GLN D 345 31.13 -29.74 14.18
CA GLN D 345 29.84 -30.08 14.74
C GLN D 345 29.97 -30.07 16.24
N GLN D 346 28.95 -29.55 16.94
CA GLN D 346 29.03 -29.36 18.39
C GLN D 346 28.01 -30.17 19.19
N PHE D 347 26.78 -30.28 18.71
CA PHE D 347 25.77 -31.12 19.38
C PHE D 347 25.32 -32.24 18.41
N CYS D 348 24.70 -33.30 18.94
CA CYS D 348 24.24 -34.37 18.05
C CYS D 348 23.11 -35.23 18.59
N VAL D 349 22.60 -36.12 17.76
CA VAL D 349 21.59 -37.09 18.18
C VAL D 349 21.97 -38.55 17.87
N GLY D 350 23.16 -38.99 18.28
CA GLY D 350 23.64 -40.33 17.97
C GLY D 350 24.47 -40.46 16.68
N ASP D 351 24.55 -39.41 15.87
CA ASP D 351 25.35 -39.43 14.63
C ASP D 351 26.27 -38.21 14.40
N ASN D 352 27.52 -38.30 14.85
CA ASN D 352 28.47 -37.22 14.68
C ASN D 352 28.97 -37.20 13.24
N LYS D 353 29.69 -36.16 12.85
CA LYS D 353 30.48 -36.22 11.61
C LYS D 353 31.93 -36.37 12.02
N TYR D 354 32.54 -37.49 11.67
CA TYR D 354 33.97 -37.61 11.87
C TYR D 354 34.65 -37.00 10.67
N THR D 355 35.36 -35.90 10.91
CA THR D 355 36.01 -35.16 9.84
C THR D 355 36.77 -36.05 8.85
N PRO D 356 37.38 -37.16 9.33
CA PRO D 356 38.05 -38.09 8.42
C PRO D 356 37.42 -38.05 7.03
N ASP D 357 38.19 -37.53 6.08
CA ASP D 357 37.69 -37.07 4.79
C ASP D 357 36.52 -37.90 4.24
N LEU D 363 43.51 -29.58 -3.21
CA LEU D 363 44.73 -29.32 -3.97
C LEU D 363 45.97 -29.52 -3.09
N THR D 364 46.99 -30.14 -3.67
CA THR D 364 48.04 -30.77 -2.87
C THR D 364 49.25 -29.85 -2.72
N THR D 365 49.45 -28.98 -3.71
CA THR D 365 50.61 -28.10 -3.72
C THR D 365 50.27 -26.67 -3.24
N ASN D 366 49.90 -25.81 -4.18
CA ASN D 366 49.64 -24.39 -3.87
C ASN D 366 48.30 -24.12 -3.21
N ALA D 367 47.56 -25.19 -2.87
CA ALA D 367 46.43 -25.05 -1.96
C ALA D 367 47.01 -24.88 -0.55
N PRO D 368 46.58 -23.81 0.14
CA PRO D 368 47.18 -23.37 1.40
C PRO D 368 46.72 -24.22 2.55
N PRO D 369 47.51 -24.30 3.62
CA PRO D 369 47.33 -25.19 4.78
C PRO D 369 45.88 -25.30 5.25
N GLN D 370 45.61 -26.40 5.91
CA GLN D 370 44.26 -26.74 6.35
C GLN D 370 43.85 -25.87 7.54
N GLY D 371 44.59 -25.95 8.64
CA GLY D 371 44.19 -25.28 9.85
C GLY D 371 44.85 -23.93 10.07
N ARG D 372 45.17 -23.63 11.32
CA ARG D 372 45.74 -22.34 11.68
C ARG D 372 47.08 -22.52 12.35
N ASP D 373 47.99 -23.19 11.68
CA ASP D 373 49.26 -23.40 12.31
C ASP D 373 50.38 -22.61 11.66
N VAL D 374 51.14 -21.94 12.52
CA VAL D 374 52.18 -21.03 12.07
C VAL D 374 53.16 -21.76 11.18
N VAL D 375 53.56 -22.95 11.60
CA VAL D 375 54.59 -23.65 10.87
C VAL D 375 54.08 -24.05 9.52
N GLU D 376 52.86 -24.59 9.47
CA GLU D 376 52.31 -25.00 8.17
C GLU D 376 52.28 -23.79 7.24
N TRP D 377 51.90 -22.65 7.78
CA TRP D 377 51.71 -21.47 6.95
C TRP D 377 53.02 -20.83 6.54
N LEU D 378 53.89 -20.60 7.50
CA LEU D 378 55.22 -20.08 7.18
C LEU D 378 55.80 -20.84 5.98
N GLY D 379 55.79 -22.17 6.08
CA GLY D 379 56.24 -23.05 5.01
C GLY D 379 55.48 -22.84 3.71
N TRP D 380 54.15 -22.88 3.76
CA TRP D 380 53.38 -22.58 2.58
C TRP D 380 53.79 -21.23 2.00
N PHE D 381 54.08 -20.28 2.88
CA PHE D 381 54.46 -18.95 2.45
C PHE D 381 55.81 -18.94 1.74
N GLU D 382 56.81 -19.57 2.35
CA GLU D 382 58.04 -19.86 1.61
C GLU D 382 57.71 -20.33 0.19
N ASP D 383 57.06 -21.47 0.06
CA ASP D 383 56.61 -21.99 -1.23
C ASP D 383 56.11 -20.87 -2.15
N GLN D 384 55.44 -19.88 -1.60
CA GLN D 384 54.87 -18.82 -2.43
C GLN D 384 55.84 -17.70 -2.76
N ASN D 385 57.13 -17.95 -2.56
CA ASN D 385 58.16 -16.91 -2.74
C ASN D 385 57.95 -15.74 -1.79
N ARG D 386 57.53 -16.04 -0.56
CA ARG D 386 57.37 -15.04 0.47
C ARG D 386 56.76 -13.74 -0.05
N LYS D 387 55.94 -13.83 -1.09
CA LYS D 387 55.19 -12.68 -1.60
C LYS D 387 53.71 -13.01 -1.65
N PRO D 388 52.89 -12.17 -1.01
CA PRO D 388 51.43 -12.39 -0.92
C PRO D 388 50.83 -12.84 -2.24
N THR D 389 50.05 -13.93 -2.23
CA THR D 389 49.41 -14.40 -3.46
C THR D 389 48.21 -13.53 -3.82
N PRO D 390 47.69 -13.68 -5.04
CA PRO D 390 46.56 -12.84 -5.48
C PRO D 390 45.34 -13.05 -4.62
N ASP D 391 45.13 -14.26 -4.12
CA ASP D 391 43.96 -14.49 -3.28
C ASP D 391 44.05 -13.65 -2.00
N MET D 392 45.16 -13.79 -1.26
CA MET D 392 45.35 -12.95 -0.08
C MET D 392 45.04 -11.52 -0.44
N MET D 393 45.68 -11.01 -1.47
CA MET D 393 45.44 -9.64 -1.89
C MET D 393 43.94 -9.40 -2.10
N GLN D 394 43.26 -10.37 -2.69
CA GLN D 394 41.82 -10.25 -2.92
C GLN D 394 41.10 -10.19 -1.59
N TYR D 395 41.50 -11.06 -0.67
CA TYR D 395 40.92 -11.08 0.66
C TYR D 395 40.98 -9.71 1.28
N ALA D 396 42.16 -9.10 1.23
CA ALA D 396 42.38 -7.83 1.89
C ALA D 396 41.48 -6.79 1.28
N LYS D 397 41.38 -6.80 -0.05
CA LYS D 397 40.56 -5.81 -0.74
C LYS D 397 39.11 -5.90 -0.24
N ARG D 398 38.55 -7.12 -0.21
CA ARG D 398 37.15 -7.31 0.18
C ARG D 398 36.95 -7.03 1.67
N ALA D 399 38.06 -6.84 2.39
CA ALA D 399 37.97 -6.49 3.79
C ALA D 399 38.03 -4.98 4.03
N VAL D 400 38.63 -4.24 3.11
CA VAL D 400 38.84 -2.81 3.32
C VAL D 400 37.99 -1.93 2.43
N MET D 401 37.78 -2.33 1.18
CA MET D 401 36.85 -1.57 0.34
C MET D 401 35.56 -1.57 1.13
N SER D 402 34.64 -0.68 0.79
CA SER D 402 33.36 -0.61 1.51
C SER D 402 33.49 -0.15 2.98
N LEU D 403 34.69 0.19 3.43
CA LEU D 403 34.84 1.01 4.65
C LEU D 403 34.71 2.46 4.26
N GLN D 404 33.88 3.19 4.98
CA GLN D 404 33.76 4.61 4.67
C GLN D 404 33.83 5.46 5.95
N GLY D 405 34.19 6.73 5.79
CA GLY D 405 34.27 7.65 6.90
C GLY D 405 35.57 7.63 7.71
N LEU D 406 36.70 7.36 7.04
CA LEU D 406 37.95 7.09 7.73
C LEU D 406 38.72 8.34 8.08
N ARG D 407 39.05 8.50 9.36
CA ARG D 407 39.88 9.62 9.79
C ARG D 407 41.33 9.40 9.35
N GLU D 408 42.08 10.45 9.07
CA GLU D 408 43.46 10.23 8.62
C GLU D 408 44.37 9.92 9.79
N LYS D 409 45.49 9.26 9.51
CA LYS D 409 46.39 8.71 10.54
C LYS D 409 45.78 7.57 11.34
N THR D 410 44.63 7.05 10.90
CA THR D 410 44.11 5.83 11.51
C THR D 410 44.62 4.64 10.70
N ILE D 411 44.60 3.46 11.30
CA ILE D 411 45.08 2.30 10.59
C ILE D 411 43.97 1.75 9.74
N GLY D 412 42.78 2.26 9.96
CA GLY D 412 41.72 2.09 8.99
C GLY D 412 42.12 2.69 7.64
N LYS D 413 42.45 3.98 7.64
CA LYS D 413 42.77 4.63 6.38
C LYS D 413 44.02 4.03 5.81
N TYR D 414 44.96 3.65 6.66
CA TYR D 414 46.15 3.04 6.13
C TYR D 414 45.78 1.78 5.36
N ALA D 415 45.03 0.91 6.02
CA ALA D 415 44.61 -0.34 5.43
C ALA D 415 43.85 -0.15 4.11
N LYS D 416 42.98 0.84 4.04
CA LYS D 416 42.24 1.01 2.80
C LYS D 416 43.12 1.49 1.62
N SER D 417 44.09 2.35 1.90
CA SER D 417 45.03 2.79 0.87
C SER D 417 45.88 1.63 0.37
N GLU D 418 46.29 0.75 1.28
CA GLU D 418 47.20 -0.31 0.94
C GLU D 418 46.53 -1.36 0.05
N PHE D 419 45.25 -1.63 0.30
CA PHE D 419 44.61 -2.82 -0.28
C PHE D 419 43.50 -2.57 -1.30
N ASP D 420 42.67 -1.56 -1.08
CA ASP D 420 41.66 -1.21 -2.07
C ASP D 420 42.13 -0.03 -2.90
N LYS D 421 42.84 -0.32 -3.97
CA LYS D 421 43.40 0.74 -4.81
C LYS D 421 42.35 1.61 -5.52
N SER E 1 -25.72 -19.28 -37.78
CA SER E 1 -25.74 -20.09 -36.56
C SER E 1 -26.96 -19.74 -35.72
N VAL E 2 -28.15 -19.87 -36.31
CA VAL E 2 -29.37 -19.46 -35.61
C VAL E 2 -29.46 -20.21 -34.26
N THR E 3 -28.65 -21.27 -34.10
CA THR E 3 -28.73 -22.12 -32.90
C THR E 3 -27.41 -22.41 -32.16
N VAL E 4 -27.37 -22.08 -30.87
CA VAL E 4 -26.19 -22.24 -30.04
C VAL E 4 -26.45 -23.09 -28.83
N LYS E 5 -25.72 -24.19 -28.64
CA LYS E 5 -25.92 -25.01 -27.44
C LYS E 5 -24.73 -24.91 -26.52
N ARG E 6 -24.96 -25.07 -25.22
CA ARG E 6 -23.90 -25.10 -24.24
C ARG E 6 -23.41 -26.53 -23.99
N ILE E 7 -22.15 -26.81 -24.27
CA ILE E 7 -21.73 -28.22 -24.33
C ILE E 7 -21.92 -28.96 -23.02
N ILE E 8 -21.51 -28.39 -21.91
CA ILE E 8 -21.58 -29.12 -20.66
C ILE E 8 -22.93 -29.79 -20.41
N ASP E 9 -24.03 -29.24 -20.91
CA ASP E 9 -25.35 -29.78 -20.56
C ASP E 9 -26.40 -29.75 -21.68
N ASN E 10 -25.94 -29.54 -22.91
CA ASN E 10 -26.80 -29.51 -24.10
C ASN E 10 -28.05 -28.64 -24.04
N THR E 11 -28.00 -27.53 -23.30
CA THR E 11 -29.13 -26.59 -23.25
C THR E 11 -28.92 -25.45 -24.24
N VAL E 12 -29.99 -24.97 -24.84
CA VAL E 12 -29.89 -23.87 -25.78
C VAL E 12 -29.78 -22.53 -25.06
N ILE E 13 -28.87 -21.69 -25.53
CA ILE E 13 -28.77 -20.30 -25.10
C ILE E 13 -29.07 -19.43 -26.32
N VAL E 14 -29.78 -18.34 -26.14
CA VAL E 14 -30.13 -17.54 -27.31
C VAL E 14 -29.55 -16.14 -27.24
N PRO E 15 -28.31 -15.98 -27.70
CA PRO E 15 -27.60 -14.71 -27.61
C PRO E 15 -28.42 -13.61 -28.27
N LYS E 16 -28.71 -12.59 -27.50
CA LYS E 16 -29.38 -11.42 -28.04
C LYS E 16 -28.79 -10.20 -27.36
N LEU E 17 -28.93 -9.04 -27.98
CA LEU E 17 -28.49 -7.81 -27.34
C LEU E 17 -29.33 -6.58 -27.74
N PRO E 18 -29.39 -5.59 -26.84
CA PRO E 18 -30.25 -4.40 -26.95
C PRO E 18 -30.45 -3.86 -28.37
N ALA E 19 -31.66 -3.41 -28.65
CA ALA E 19 -32.01 -2.91 -29.97
C ALA E 19 -31.51 -1.50 -30.13
N ASN E 20 -30.91 -1.20 -31.27
CA ASN E 20 -30.53 0.15 -31.63
C ASN E 20 -31.33 0.56 -32.84
N GLU E 21 -31.59 1.85 -33.00
CA GLU E 21 -32.47 2.27 -34.09
C GLU E 21 -31.89 3.33 -35.00
N ASP E 22 -32.07 4.60 -34.65
CA ASP E 22 -31.71 5.72 -35.53
C ASP E 22 -31.52 5.29 -37.00
N PRO E 23 -32.63 4.99 -37.68
CA PRO E 23 -32.62 4.73 -39.13
C PRO E 23 -32.50 6.09 -39.79
N VAL E 24 -31.75 6.17 -40.89
CA VAL E 24 -31.52 7.45 -41.53
C VAL E 24 -32.73 7.88 -42.32
N GLU E 25 -32.79 9.17 -42.64
CA GLU E 25 -33.85 9.67 -43.48
C GLU E 25 -33.27 10.42 -44.67
N TYR E 26 -33.59 9.93 -45.87
CA TYR E 26 -33.06 10.54 -47.08
C TYR E 26 -33.88 11.74 -47.48
N PRO E 27 -33.32 12.60 -48.34
CA PRO E 27 -34.07 13.81 -48.71
C PRO E 27 -35.25 13.47 -49.61
N ALA E 28 -35.00 12.76 -50.70
CA ALA E 28 -36.08 12.44 -51.61
C ALA E 28 -37.29 11.94 -50.83
N ASP E 29 -37.09 10.80 -50.15
CA ASP E 29 -38.13 10.17 -49.35
C ASP E 29 -38.60 11.20 -48.28
N TYR E 30 -39.02 12.37 -48.73
CA TYR E 30 -39.55 13.44 -47.88
C TYR E 30 -40.42 14.36 -48.74
N PHE E 31 -39.90 14.71 -49.90
CA PHE E 31 -40.73 15.37 -50.90
C PHE E 31 -41.73 14.36 -51.46
N ARG E 32 -41.81 13.19 -50.84
CA ARG E 32 -43.01 12.38 -50.96
C ARG E 32 -44.09 13.09 -50.13
N LYS E 33 -43.89 13.15 -48.81
CA LYS E 33 -44.81 13.83 -47.89
C LYS E 33 -45.22 15.21 -48.37
N SER E 34 -44.54 16.23 -47.85
CA SER E 34 -44.78 17.61 -48.26
C SER E 34 -44.28 17.88 -49.68
N LYS E 35 -44.60 19.05 -50.20
CA LYS E 35 -44.07 19.48 -51.46
C LYS E 35 -43.66 20.96 -51.35
N GLU E 36 -43.35 21.37 -50.12
CA GLU E 36 -42.90 22.73 -49.86
C GLU E 36 -42.12 22.77 -48.55
N ILE E 37 -41.17 23.69 -48.43
CA ILE E 37 -40.47 23.79 -47.16
C ILE E 37 -40.94 25.06 -46.44
N PRO E 38 -41.78 24.88 -45.41
CA PRO E 38 -42.44 25.96 -44.67
C PRO E 38 -41.43 26.77 -43.91
N LEU E 39 -41.53 28.09 -44.03
CA LEU E 39 -40.67 29.01 -43.31
C LEU E 39 -41.53 29.94 -42.47
N TYR E 40 -41.70 29.61 -41.20
CA TYR E 40 -42.53 30.45 -40.33
C TYR E 40 -41.81 31.71 -39.88
N ILE E 41 -41.63 32.64 -40.81
CA ILE E 41 -41.28 34.00 -40.43
C ILE E 41 -42.53 34.63 -39.84
N ASN E 42 -42.49 34.90 -38.55
CA ASN E 42 -43.72 35.26 -37.85
C ASN E 42 -44.07 36.72 -38.03
N THR E 43 -44.24 37.41 -36.91
CA THR E 43 -44.67 38.78 -36.93
C THR E 43 -44.24 39.46 -38.22
N THR E 44 -45.11 40.35 -38.69
CA THR E 44 -44.83 41.18 -39.86
C THR E 44 -45.10 42.65 -39.51
N LYS E 45 -44.14 43.22 -38.78
CA LYS E 45 -44.13 44.63 -38.39
C LYS E 45 -43.13 45.38 -39.28
N SER E 46 -43.02 46.68 -39.06
CA SER E 46 -42.15 47.53 -39.87
C SER E 46 -40.70 47.07 -39.84
N LEU E 47 -40.01 47.22 -40.97
CA LEU E 47 -38.60 46.87 -41.08
C LEU E 47 -37.82 47.90 -40.29
N SER E 48 -38.19 49.16 -40.47
CA SER E 48 -37.56 50.27 -39.75
C SER E 48 -37.54 50.01 -38.25
N ASP E 49 -38.64 49.45 -37.75
CA ASP E 49 -38.74 49.09 -36.34
C ASP E 49 -37.75 47.99 -36.04
N LEU E 50 -37.86 46.90 -36.80
CA LEU E 50 -37.06 45.70 -36.61
C LEU E 50 -35.59 46.04 -36.59
N ARG E 51 -35.16 46.82 -37.59
CA ARG E 51 -33.77 47.29 -37.68
C ARG E 51 -33.34 47.80 -36.31
N GLY E 52 -34.29 48.44 -35.64
CA GLY E 52 -34.08 48.92 -34.29
C GLY E 52 -33.94 47.81 -33.27
N TYR E 53 -34.99 47.01 -33.10
CA TYR E 53 -34.98 45.98 -32.06
C TYR E 53 -33.67 45.20 -32.03
N VAL E 54 -33.11 44.96 -33.21
CA VAL E 54 -31.86 44.21 -33.29
C VAL E 54 -30.70 45.12 -32.94
N TYR E 55 -30.49 46.18 -33.73
CA TYR E 55 -29.31 46.99 -33.50
C TYR E 55 -29.17 47.28 -32.01
N GLN E 56 -30.31 47.37 -31.32
CA GLN E 56 -30.36 47.50 -29.87
C GLN E 56 -30.01 46.14 -29.24
N GLY E 57 -30.93 45.19 -29.33
CA GLY E 57 -30.73 43.87 -28.73
C GLY E 57 -29.31 43.32 -28.86
N LEU E 58 -28.67 43.63 -29.98
CA LEU E 58 -27.29 43.21 -30.23
C LEU E 58 -26.34 43.92 -29.28
N LYS E 59 -26.26 45.25 -29.41
CA LYS E 59 -25.38 46.04 -28.54
C LYS E 59 -25.67 45.74 -27.09
N SER E 60 -26.95 45.46 -26.80
CA SER E 60 -27.37 45.06 -25.46
C SER E 60 -26.67 43.79 -24.99
N GLY E 61 -26.99 42.66 -25.63
CA GLY E 61 -26.50 41.38 -25.15
C GLY E 61 -27.65 40.40 -25.08
N ASN E 62 -28.76 40.82 -25.67
CA ASN E 62 -29.90 39.92 -25.84
C ASN E 62 -30.89 40.53 -26.81
N VAL E 63 -31.48 39.68 -27.62
CA VAL E 63 -32.41 40.10 -28.64
C VAL E 63 -33.14 38.85 -29.08
N SER E 64 -34.44 38.96 -29.26
CA SER E 64 -35.22 37.79 -29.58
C SER E 64 -34.82 37.21 -30.91
N ILE E 65 -34.67 35.90 -30.95
CA ILE E 65 -34.44 35.26 -32.23
C ILE E 65 -35.61 35.65 -33.14
N ILE E 66 -36.83 35.51 -32.64
CA ILE E 66 -38.00 35.83 -33.43
C ILE E 66 -37.82 37.13 -34.19
N HIS E 67 -37.22 38.12 -33.53
CA HIS E 67 -37.06 39.43 -34.16
C HIS E 67 -36.07 39.38 -35.32
N VAL E 68 -34.88 38.86 -35.05
CA VAL E 68 -33.84 38.79 -36.09
C VAL E 68 -34.31 38.04 -37.35
N ASN E 69 -34.95 36.88 -37.16
CA ASN E 69 -35.57 36.19 -38.29
C ASN E 69 -36.39 37.16 -39.11
N SER E 70 -37.32 37.84 -38.45
CA SER E 70 -38.22 38.77 -39.10
C SER E 70 -37.45 39.87 -39.82
N TYR E 71 -36.47 40.47 -39.14
CA TYR E 71 -35.64 41.50 -39.76
C TYR E 71 -34.95 41.00 -41.02
N LEU E 72 -34.35 39.80 -40.92
CA LEU E 72 -33.68 39.20 -42.06
C LEU E 72 -34.66 39.14 -43.20
N TYR E 73 -35.76 38.41 -43.01
CA TYR E 73 -36.75 38.30 -44.08
C TYR E 73 -37.01 39.69 -44.66
N GLY E 74 -37.01 40.68 -43.78
CA GLY E 74 -37.22 42.03 -44.20
C GLY E 74 -36.20 42.53 -45.20
N ALA E 75 -34.93 42.59 -44.78
CA ALA E 75 -33.86 43.17 -45.58
C ALA E 75 -33.43 42.29 -46.76
N LEU E 76 -33.90 41.05 -46.79
CA LEU E 76 -33.45 40.09 -47.79
C LEU E 76 -34.42 39.85 -48.93
N LYS E 77 -35.59 40.46 -48.89
CA LYS E 77 -36.55 40.19 -49.93
C LYS E 77 -36.21 40.82 -51.28
N ASP E 78 -35.01 41.36 -51.41
CA ASP E 78 -34.40 41.57 -52.73
C ASP E 78 -34.73 40.36 -53.62
N ILE E 79 -35.61 40.60 -54.60
CA ILE E 79 -35.98 39.57 -55.55
C ILE E 79 -34.96 39.55 -56.71
N ARG E 80 -33.67 39.63 -56.36
CA ARG E 80 -32.59 39.75 -57.34
C ARG E 80 -32.30 38.42 -58.04
N GLY E 81 -31.50 38.46 -59.10
CA GLY E 81 -31.10 37.23 -59.78
C GLY E 81 -32.02 36.71 -60.87
N LYS E 82 -31.49 36.65 -62.09
CA LYS E 82 -32.21 36.18 -63.27
C LYS E 82 -31.77 34.78 -63.70
N LEU E 83 -32.72 33.84 -63.72
CA LEU E 83 -32.38 32.44 -64.02
C LEU E 83 -31.60 32.23 -65.32
N ASP E 84 -30.35 31.84 -65.16
CA ASP E 84 -29.50 31.47 -66.30
C ASP E 84 -30.19 30.42 -67.19
N LYS E 85 -30.28 29.19 -66.71
CA LYS E 85 -31.00 28.12 -67.42
C LYS E 85 -32.31 27.86 -66.69
N ASP E 86 -32.71 26.60 -66.59
CA ASP E 86 -33.88 26.25 -65.76
C ASP E 86 -33.43 25.92 -64.34
N TRP E 87 -34.37 25.58 -63.47
CA TRP E 87 -34.02 25.19 -62.09
C TRP E 87 -35.11 24.40 -61.38
N SER E 88 -34.79 23.17 -61.03
CA SER E 88 -35.73 22.33 -60.29
C SER E 88 -35.02 21.20 -59.51
N SER E 89 -35.61 20.80 -58.40
CA SER E 89 -35.01 19.77 -57.56
C SER E 89 -36.11 18.95 -56.95
N PHE E 90 -35.92 17.63 -56.93
CA PHE E 90 -36.87 16.74 -56.25
C PHE E 90 -38.32 16.95 -56.69
N GLY E 91 -38.53 17.31 -57.95
CA GLY E 91 -39.87 17.56 -58.43
C GLY E 91 -40.32 19.01 -58.31
N ILE E 92 -39.94 19.67 -57.21
CA ILE E 92 -40.26 21.10 -57.04
C ILE E 92 -39.64 21.94 -58.15
N ASN E 93 -40.48 22.69 -58.87
CA ASN E 93 -39.98 23.59 -59.92
C ASN E 93 -39.80 25.00 -59.37
N ILE E 94 -38.57 25.29 -58.96
CA ILE E 94 -38.24 26.53 -58.27
C ILE E 94 -38.41 27.75 -59.16
N GLY E 95 -37.87 27.66 -60.38
CA GLY E 95 -37.92 28.76 -61.33
C GLY E 95 -37.99 28.19 -62.73
N LYS E 96 -37.96 29.06 -63.73
CA LYS E 96 -37.88 28.62 -65.12
C LYS E 96 -37.47 29.77 -66.04
N ALA E 97 -36.52 29.50 -66.93
CA ALA E 97 -36.59 29.98 -68.30
C ALA E 97 -36.45 31.49 -68.36
N GLY E 98 -35.42 32.01 -67.69
CA GLY E 98 -35.17 33.44 -67.67
C GLY E 98 -35.95 34.16 -66.59
N ASP E 99 -36.83 33.42 -65.92
CA ASP E 99 -37.55 33.95 -64.76
C ASP E 99 -36.66 34.83 -63.88
N THR E 100 -37.30 35.69 -63.11
CA THR E 100 -36.61 36.42 -62.07
C THR E 100 -37.11 35.91 -60.72
N ILE E 101 -36.21 35.49 -59.85
CA ILE E 101 -36.60 34.98 -58.54
C ILE E 101 -35.72 35.54 -57.44
N GLY E 102 -36.19 35.43 -56.20
CA GLY E 102 -35.44 35.88 -55.04
C GLY E 102 -35.31 34.81 -53.97
N ILE E 103 -34.39 35.02 -53.05
CA ILE E 103 -34.08 34.04 -52.01
C ILE E 103 -35.30 33.29 -51.49
N PHE E 104 -36.29 34.03 -51.01
CA PHE E 104 -37.40 33.37 -50.32
C PHE E 104 -38.40 32.70 -51.23
N ASP E 105 -37.97 32.41 -52.46
CA ASP E 105 -38.78 31.59 -53.34
C ASP E 105 -38.59 30.15 -52.92
N LEU E 106 -38.61 29.97 -51.59
CA LEU E 106 -38.60 28.66 -50.94
C LEU E 106 -39.53 28.64 -49.67
N VAL E 107 -40.77 29.15 -49.88
CA VAL E 107 -42.04 28.73 -49.23
C VAL E 107 -42.55 29.36 -47.90
N SER E 108 -42.96 30.63 -47.92
CA SER E 108 -43.21 31.39 -46.67
C SER E 108 -44.61 31.29 -46.02
N LEU E 109 -44.64 30.88 -44.76
CA LEU E 109 -45.85 30.92 -43.96
C LEU E 109 -45.60 31.84 -42.75
N LYS E 110 -46.68 32.35 -42.14
CA LYS E 110 -46.56 33.23 -40.98
C LYS E 110 -47.21 32.55 -39.78
N ALA E 111 -46.91 33.02 -38.57
CA ALA E 111 -47.51 32.38 -37.39
C ALA E 111 -47.40 33.14 -36.07
N LEU E 112 -47.92 32.51 -35.01
CA LEU E 112 -47.95 33.05 -33.65
C LEU E 112 -48.36 34.52 -33.52
N ASP E 113 -48.20 35.08 -32.31
CA ASP E 113 -48.74 36.40 -32.01
C ASP E 113 -47.89 37.23 -31.04
N GLY E 114 -47.26 36.56 -30.07
CA GLY E 114 -46.50 37.23 -29.03
C GLY E 114 -45.11 37.73 -29.45
N VAL E 115 -44.74 38.91 -28.95
CA VAL E 115 -43.43 39.51 -29.25
C VAL E 115 -42.77 40.12 -28.00
N LEU E 116 -42.02 41.21 -28.19
CA LEU E 116 -41.28 41.84 -27.09
C LEU E 116 -41.52 43.36 -27.02
N PRO E 117 -40.47 44.20 -26.90
CA PRO E 117 -40.75 45.66 -26.90
C PRO E 117 -41.89 46.12 -27.85
N ASP E 118 -42.54 47.25 -27.51
CA ASP E 118 -43.71 47.77 -28.24
C ASP E 118 -43.39 48.36 -29.62
N GLY E 119 -44.32 48.18 -30.55
CA GLY E 119 -44.32 48.82 -31.87
C GLY E 119 -43.07 49.43 -32.51
N VAL E 120 -42.43 50.37 -31.82
CA VAL E 120 -41.36 51.18 -32.44
C VAL E 120 -40.19 51.56 -31.50
N SER E 121 -39.02 50.94 -31.70
CA SER E 121 -37.84 51.21 -30.87
C SER E 121 -37.15 52.57 -31.16
N ASP E 122 -35.83 52.55 -31.09
CA ASP E 122 -35.01 53.76 -31.29
C ASP E 122 -34.73 54.04 -32.77
N ALA E 123 -35.37 55.08 -33.28
CA ALA E 123 -35.27 55.43 -34.70
C ALA E 123 -33.81 55.68 -35.14
N SER E 124 -32.95 55.89 -34.15
CA SER E 124 -31.55 56.27 -34.38
C SER E 124 -30.90 55.64 -35.62
N ARG E 125 -31.29 54.41 -35.96
CA ARG E 125 -30.63 53.66 -37.02
C ARG E 125 -31.31 53.75 -38.37
N THR E 126 -30.50 53.97 -39.41
CA THR E 126 -30.98 54.16 -40.79
C THR E 126 -30.65 52.97 -41.72
N SER E 127 -30.69 53.21 -43.02
CA SER E 127 -30.36 52.19 -44.00
C SER E 127 -28.86 51.94 -44.18
N ALA E 128 -28.10 52.04 -43.09
CA ALA E 128 -26.88 51.26 -42.92
C ALA E 128 -27.46 49.91 -42.57
N ASP E 129 -28.18 49.35 -43.54
CA ASP E 129 -29.16 48.32 -43.30
C ASP E 129 -28.77 47.08 -44.07
N ASP E 130 -29.55 46.77 -45.10
CA ASP E 130 -29.30 45.64 -45.96
C ASP E 130 -27.79 45.47 -46.09
N LYS E 131 -27.16 46.45 -46.71
CA LYS E 131 -25.71 46.48 -46.88
C LYS E 131 -25.02 45.40 -46.02
N TRP E 132 -25.06 45.56 -44.71
CA TRP E 132 -24.13 44.83 -43.86
C TRP E 132 -24.74 44.14 -42.66
N LEU E 133 -25.83 44.69 -42.13
CA LEU E 133 -26.41 44.12 -40.92
C LEU E 133 -26.81 42.65 -41.10
N PRO E 134 -27.49 42.32 -42.20
CA PRO E 134 -27.83 40.91 -42.37
C PRO E 134 -26.58 40.03 -42.35
N LEU E 135 -25.57 40.40 -43.13
CA LEU E 135 -24.34 39.64 -43.17
C LEU E 135 -23.86 39.29 -41.77
N TYR E 136 -23.93 40.26 -40.88
CA TYR E 136 -23.50 40.02 -39.52
C TYR E 136 -24.32 38.89 -38.92
N LEU E 137 -25.64 39.11 -38.88
CA LEU E 137 -26.58 38.13 -38.39
C LEU E 137 -26.29 36.72 -38.91
N LEU E 138 -26.11 36.60 -40.23
CA LEU E 138 -25.83 35.30 -40.82
C LEU E 138 -24.46 34.83 -40.41
N GLY E 139 -23.48 35.75 -40.42
CA GLY E 139 -22.12 35.42 -40.00
C GLY E 139 -22.09 34.65 -38.69
N LEU E 140 -22.91 35.07 -37.75
CA LEU E 140 -22.89 34.48 -36.43
C LEU E 140 -23.23 32.99 -36.42
N TYR E 141 -24.02 32.54 -37.39
CA TYR E 141 -24.35 31.12 -37.50
C TYR E 141 -23.11 30.24 -37.54
N ARG E 142 -22.15 30.65 -38.35
CA ARG E 142 -20.90 29.94 -38.48
C ARG E 142 -20.17 29.94 -37.15
N VAL E 143 -19.98 31.13 -36.62
CA VAL E 143 -19.30 31.34 -35.35
C VAL E 143 -19.95 30.56 -34.21
N GLY E 144 -21.27 30.38 -34.29
CA GLY E 144 -22.02 29.68 -33.26
C GLY E 144 -21.80 28.17 -33.22
N ARG E 145 -21.03 27.63 -34.16
CA ARG E 145 -20.83 26.19 -34.27
C ARG E 145 -19.55 25.67 -33.59
N THR E 146 -18.41 26.27 -33.94
CA THR E 146 -17.13 25.85 -33.35
C THR E 146 -17.10 26.01 -31.82
N GLN E 147 -16.79 24.90 -31.14
CA GLN E 147 -16.76 24.87 -29.68
C GLN E 147 -15.47 25.42 -29.06
N MET E 148 -14.54 25.88 -29.92
CA MET E 148 -13.18 26.16 -29.48
C MET E 148 -12.77 27.62 -29.69
N PRO E 149 -11.66 28.05 -29.04
CA PRO E 149 -11.08 29.40 -29.19
C PRO E 149 -10.93 29.83 -30.64
N GLU E 150 -11.00 28.88 -31.56
CA GLU E 150 -10.98 29.20 -32.98
C GLU E 150 -12.12 30.14 -33.35
N TYR E 151 -13.15 30.17 -32.52
CA TYR E 151 -14.31 31.00 -32.82
C TYR E 151 -13.87 32.45 -32.98
N ARG E 152 -13.05 32.94 -32.06
CA ARG E 152 -12.56 34.30 -32.15
C ARG E 152 -11.59 34.46 -33.32
N LYS E 153 -11.19 33.33 -33.89
CA LYS E 153 -10.42 33.34 -35.13
C LYS E 153 -11.37 33.71 -36.27
N LYS E 154 -12.56 33.13 -36.25
CA LYS E 154 -13.57 33.39 -37.28
C LYS E 154 -14.19 34.78 -37.13
N LEU E 155 -14.59 35.12 -35.91
CA LEU E 155 -15.19 36.42 -35.65
C LEU E 155 -14.26 37.55 -36.10
N MET E 156 -12.96 37.36 -35.84
CA MET E 156 -11.96 38.30 -36.33
C MET E 156 -12.21 38.58 -37.82
N ASP E 157 -12.06 37.55 -38.64
CA ASP E 157 -12.33 37.64 -40.08
C ASP E 157 -13.80 37.96 -40.33
N GLY E 158 -14.65 37.47 -39.42
CA GLY E 158 -16.09 37.68 -39.49
C GLY E 158 -16.48 39.14 -39.53
N LEU E 159 -15.58 40.00 -39.06
CA LEU E 159 -15.81 41.44 -39.07
C LEU E 159 -14.80 42.17 -39.95
N THR E 160 -13.55 41.69 -39.99
CA THR E 160 -12.57 42.29 -40.89
C THR E 160 -13.08 42.04 -42.30
N ASN E 161 -14.16 41.25 -42.38
CA ASN E 161 -15.02 41.25 -43.54
C ASN E 161 -15.84 42.51 -43.41
N GLN E 162 -17.01 42.41 -42.80
CA GLN E 162 -17.63 43.54 -42.11
C GLN E 162 -17.12 44.86 -42.66
N CYS E 163 -15.89 45.20 -42.32
CA CYS E 163 -15.46 46.59 -42.27
C CYS E 163 -15.77 47.31 -43.58
N LYS E 164 -16.15 46.54 -44.59
CA LYS E 164 -16.53 47.11 -45.88
C LYS E 164 -16.84 48.60 -45.75
N MET E 165 -18.10 48.92 -45.49
CA MET E 165 -18.72 50.11 -46.07
C MET E 165 -19.06 51.15 -45.01
N ILE E 166 -18.94 50.76 -43.75
CA ILE E 166 -19.21 51.67 -42.64
C ILE E 166 -18.17 51.62 -41.53
N ASN E 167 -17.56 50.46 -41.35
CA ASN E 167 -16.51 50.29 -40.35
C ASN E 167 -17.04 50.31 -38.91
N GLU E 168 -17.83 49.31 -38.54
CA GLU E 168 -18.27 49.19 -37.15
C GLU E 168 -17.37 48.26 -36.38
N GLN E 169 -17.89 47.61 -35.34
CA GLN E 169 -17.07 46.72 -34.50
C GLN E 169 -17.91 45.64 -33.82
N PHE E 170 -17.33 45.04 -32.79
CA PHE E 170 -17.99 44.06 -31.92
C PHE E 170 -19.43 44.47 -31.57
N GLU E 171 -20.23 43.52 -31.06
CA GLU E 171 -21.58 43.82 -30.61
C GLU E 171 -21.87 43.19 -29.25
N PRO E 172 -21.75 41.85 -29.16
CA PRO E 172 -21.79 41.29 -27.81
C PRO E 172 -20.48 41.58 -27.08
N LEU E 173 -20.29 40.96 -25.93
CA LEU E 173 -19.04 41.06 -25.19
C LEU E 173 -18.68 39.64 -24.75
N VAL E 174 -19.72 38.92 -24.35
CA VAL E 174 -19.59 37.56 -23.82
C VAL E 174 -19.09 36.58 -24.87
N PRO E 175 -17.96 35.95 -24.59
CA PRO E 175 -17.40 34.94 -25.50
C PRO E 175 -18.48 34.03 -26.08
N GLU E 176 -18.30 32.72 -25.94
CA GLU E 176 -19.33 31.77 -26.33
C GLU E 176 -19.31 30.54 -25.42
N GLY E 177 -19.34 29.36 -26.03
CA GLY E 177 -19.56 28.12 -25.30
C GLY E 177 -21.02 27.77 -25.17
N ARG E 178 -21.85 28.41 -26.00
CA ARG E 178 -23.27 28.07 -26.08
C ARG E 178 -24.07 28.83 -25.02
N ASP E 179 -24.53 30.02 -25.39
CA ASP E 179 -25.31 30.85 -24.47
C ASP E 179 -25.78 32.13 -25.18
N ILE E 180 -24.87 32.77 -25.90
CA ILE E 180 -25.08 34.10 -26.49
C ILE E 180 -26.05 34.13 -27.69
N PHE E 181 -25.49 33.97 -28.89
CA PHE E 181 -26.25 33.76 -30.13
C PHE E 181 -25.97 32.34 -30.61
N ASP E 182 -24.98 31.73 -29.98
CA ASP E 182 -24.53 30.37 -30.25
C ASP E 182 -25.67 29.37 -30.27
N VAL E 183 -26.86 29.84 -29.92
CA VAL E 183 -28.04 28.97 -29.85
C VAL E 183 -29.07 29.31 -30.90
N TRP E 184 -28.79 30.34 -31.70
CA TRP E 184 -29.65 30.66 -32.81
C TRP E 184 -29.82 29.42 -33.69
N GLY E 185 -28.73 28.66 -33.85
CA GLY E 185 -28.77 27.48 -34.68
C GLY E 185 -29.82 26.46 -34.24
N ASN E 186 -30.40 26.66 -33.08
CA ASN E 186 -31.39 25.72 -32.60
C ASN E 186 -32.78 26.09 -33.11
N ASP E 187 -32.88 27.24 -33.75
CA ASP E 187 -34.17 27.77 -34.22
C ASP E 187 -34.48 27.32 -35.63
N SER E 188 -35.36 26.34 -35.75
CA SER E 188 -35.65 25.71 -37.03
C SER E 188 -35.96 26.72 -38.13
N ASN E 189 -36.40 27.90 -37.73
CA ASN E 189 -36.70 28.94 -38.72
C ASN E 189 -35.48 29.76 -39.14
N TYR E 190 -34.56 29.99 -38.20
CA TYR E 190 -33.29 30.66 -38.48
C TYR E 190 -32.55 29.85 -39.53
N THR E 191 -32.21 28.60 -39.20
CA THR E 191 -31.46 27.76 -40.12
C THR E 191 -32.06 27.76 -41.51
N LYS E 192 -33.39 27.62 -41.59
CA LYS E 192 -34.04 27.59 -42.89
C LYS E 192 -33.69 28.82 -43.74
N ILE E 193 -33.48 29.95 -43.07
CA ILE E 193 -33.08 31.13 -43.79
C ILE E 193 -31.63 31.00 -44.25
N VAL E 194 -30.75 30.62 -43.34
CA VAL E 194 -29.35 30.43 -43.68
C VAL E 194 -29.23 29.50 -44.88
N ALA E 195 -29.95 28.40 -44.86
CA ALA E 195 -29.87 27.50 -45.98
C ALA E 195 -30.38 28.17 -47.25
N ALA E 196 -31.51 28.86 -47.16
CA ALA E 196 -32.11 29.46 -48.35
C ALA E 196 -31.15 30.47 -48.96
N VAL E 197 -30.55 31.29 -48.12
CA VAL E 197 -29.54 32.21 -48.62
C VAL E 197 -28.35 31.50 -49.29
N ASP E 198 -27.75 30.53 -48.61
CA ASP E 198 -26.60 29.87 -49.20
C ASP E 198 -26.97 29.19 -50.51
N MET E 199 -28.05 28.43 -50.49
CA MET E 199 -28.47 27.76 -51.71
C MET E 199 -28.71 28.77 -52.80
N PHE E 200 -29.16 29.95 -52.43
CA PHE E 200 -29.47 30.96 -53.42
C PHE E 200 -28.20 31.51 -54.06
N PHE E 201 -27.27 31.94 -53.25
CA PHE E 201 -26.08 32.55 -53.80
C PHE E 201 -25.14 31.50 -54.38
N HIS E 202 -25.33 30.25 -54.02
CA HIS E 202 -24.54 29.23 -54.68
C HIS E 202 -24.93 29.15 -56.15
N MET E 203 -26.15 29.56 -56.44
CA MET E 203 -26.66 29.56 -57.81
C MET E 203 -26.25 30.84 -58.54
N PHE E 204 -26.50 31.97 -57.90
CA PHE E 204 -26.12 33.24 -58.49
C PHE E 204 -24.76 33.66 -57.95
N LYS E 205 -23.80 32.75 -58.09
CA LYS E 205 -22.45 32.93 -57.59
C LYS E 205 -21.98 34.37 -57.75
N LYS E 206 -22.33 34.96 -58.89
CA LYS E 206 -21.94 36.33 -59.19
C LYS E 206 -23.08 37.29 -58.90
N HIS E 207 -22.97 38.03 -57.79
CA HIS E 207 -24.03 38.93 -57.38
C HIS E 207 -23.53 39.81 -56.24
N GLU E 208 -23.77 41.12 -56.36
CA GLU E 208 -23.18 42.08 -55.43
C GLU E 208 -23.32 41.61 -53.98
N CYS E 209 -24.46 40.98 -53.71
CA CYS E 209 -24.78 40.57 -52.35
C CYS E 209 -24.33 39.14 -52.03
N ALA E 210 -23.80 38.43 -53.03
CA ALA E 210 -23.37 37.06 -52.79
C ALA E 210 -22.27 36.96 -51.73
N SER E 211 -21.77 38.09 -51.25
CA SER E 211 -20.80 38.06 -50.15
C SER E 211 -21.42 37.49 -48.87
N PHE E 212 -22.75 37.53 -48.78
CA PHE E 212 -23.47 36.96 -47.63
C PHE E 212 -23.15 35.51 -47.38
N ARG E 213 -22.62 34.84 -48.40
CA ARG E 213 -22.25 33.45 -48.29
C ARG E 213 -21.29 33.22 -47.12
N TYR E 214 -20.46 34.20 -46.81
CA TYR E 214 -19.58 34.05 -45.66
C TYR E 214 -20.45 33.56 -44.53
N GLY E 215 -19.96 32.63 -43.71
CA GLY E 215 -20.75 32.17 -42.58
C GLY E 215 -22.06 31.45 -42.87
N THR E 216 -22.66 31.69 -44.02
CA THR E 216 -23.83 30.93 -44.44
C THR E 216 -23.41 29.61 -45.12
N ILE E 217 -22.13 29.47 -45.39
CA ILE E 217 -21.65 28.37 -46.19
C ILE E 217 -21.50 27.10 -45.38
N VAL E 218 -21.27 27.21 -44.08
CA VAL E 218 -21.03 25.99 -43.33
C VAL E 218 -22.33 25.27 -43.08
N SER E 219 -23.37 25.65 -43.82
CA SER E 219 -24.61 24.88 -43.76
C SER E 219 -24.72 23.91 -44.94
N ARG E 220 -23.93 24.16 -45.97
CA ARG E 220 -23.92 23.31 -47.16
C ARG E 220 -23.14 22.02 -46.92
N PHE E 221 -23.85 20.90 -46.98
CA PHE E 221 -23.27 19.61 -46.64
C PHE E 221 -23.01 19.42 -45.16
N LYS E 222 -23.67 20.24 -44.35
CA LYS E 222 -23.66 20.07 -42.90
C LYS E 222 -24.09 18.64 -42.59
N ASP E 223 -23.31 17.96 -41.76
CA ASP E 223 -23.56 16.57 -41.40
C ASP E 223 -23.51 15.60 -42.61
N CYS E 224 -22.64 15.90 -43.58
CA CYS E 224 -22.40 15.01 -44.71
C CYS E 224 -20.92 14.75 -44.88
N ALA E 225 -20.23 14.48 -43.79
CA ALA E 225 -18.77 14.30 -43.83
C ALA E 225 -18.33 13.08 -44.68
N ALA E 226 -19.07 11.98 -44.60
CA ALA E 226 -18.63 10.79 -45.25
C ALA E 226 -18.50 11.07 -46.75
N LEU E 227 -19.50 11.72 -47.32
CA LEU E 227 -19.42 12.11 -48.73
C LEU E 227 -18.13 12.83 -49.00
N ALA E 228 -17.79 13.73 -48.09
CA ALA E 228 -16.60 14.53 -48.29
C ALA E 228 -15.35 13.65 -48.19
N THR E 229 -15.34 12.71 -47.25
CA THR E 229 -14.11 11.97 -47.08
C THR E 229 -13.89 11.10 -48.30
N PHE E 230 -14.98 10.65 -48.92
CA PHE E 230 -14.91 9.82 -50.14
C PHE E 230 -14.34 10.62 -51.29
N GLY E 231 -14.81 11.84 -51.42
CA GLY E 231 -14.24 12.74 -52.41
C GLY E 231 -12.75 12.97 -52.23
N HIS E 232 -12.31 13.19 -50.99
CA HIS E 232 -10.91 13.41 -50.72
C HIS E 232 -10.11 12.17 -51.03
N LEU E 233 -10.66 11.00 -50.69
CA LEU E 233 -9.99 9.75 -50.95
C LEU E 233 -9.66 9.62 -52.42
N CYS E 234 -10.60 9.94 -53.30
CA CYS E 234 -10.34 9.87 -54.73
C CYS E 234 -9.27 10.85 -55.13
N LYS E 235 -9.42 12.09 -54.68
CA LYS E 235 -8.50 13.15 -55.07
C LYS E 235 -7.10 12.78 -54.63
N ILE E 236 -7.03 12.01 -53.55
CA ILE E 236 -5.77 11.85 -52.84
C ILE E 236 -5.03 10.60 -53.22
N THR E 237 -5.71 9.68 -53.90
CA THR E 237 -5.09 8.48 -54.48
C THR E 237 -4.93 8.60 -55.98
N GLY E 238 -5.70 9.49 -56.60
CA GLY E 238 -5.64 9.63 -58.03
C GLY E 238 -6.61 8.70 -58.72
N MET E 239 -7.23 7.82 -57.96
CA MET E 239 -8.17 6.88 -58.55
C MET E 239 -9.57 7.44 -58.86
N SER E 240 -10.21 6.79 -59.82
CA SER E 240 -11.58 7.13 -60.22
C SER E 240 -12.49 6.74 -59.09
N THR E 241 -13.73 7.20 -59.16
CA THR E 241 -14.65 6.90 -58.09
C THR E 241 -15.01 5.42 -58.13
N GLU E 242 -15.09 4.85 -59.33
CA GLU E 242 -15.47 3.44 -59.41
C GLU E 242 -14.32 2.52 -59.03
N ASP E 243 -13.09 2.94 -59.32
CA ASP E 243 -11.93 2.15 -58.93
C ASP E 243 -11.70 2.17 -57.40
N VAL E 244 -11.83 3.36 -56.80
CA VAL E 244 -11.75 3.48 -55.34
C VAL E 244 -12.76 2.58 -54.67
N THR E 245 -13.98 2.53 -55.20
CA THR E 245 -15.01 1.68 -54.63
C THR E 245 -14.55 0.23 -54.55
N THR E 246 -13.87 -0.25 -55.57
CA THR E 246 -13.53 -1.69 -55.59
C THR E 246 -12.50 -2.02 -54.53
N TRP E 247 -11.78 -1.01 -54.07
CA TRP E 247 -10.79 -1.22 -53.02
C TRP E 247 -11.39 -1.34 -51.60
N ILE E 248 -12.70 -1.13 -51.50
CA ILE E 248 -13.42 -1.44 -50.27
C ILE E 248 -13.28 -2.92 -49.96
N LEU E 249 -12.84 -3.24 -48.74
CA LEU E 249 -12.44 -4.61 -48.44
C LEU E 249 -13.02 -5.23 -47.17
N ASN E 250 -14.08 -4.65 -46.63
CA ASN E 250 -14.77 -5.26 -45.48
C ASN E 250 -16.24 -4.98 -45.60
N ARG E 251 -17.09 -5.93 -45.21
CA ARG E 251 -18.53 -5.72 -45.36
C ARG E 251 -19.05 -4.32 -44.85
N GLU E 252 -18.92 -4.04 -43.57
CA GLU E 252 -19.62 -2.90 -43.04
C GLU E 252 -19.16 -1.61 -43.69
N VAL E 253 -18.05 -1.64 -44.42
CA VAL E 253 -17.74 -0.46 -45.20
C VAL E 253 -18.56 -0.46 -46.47
N ALA E 254 -18.63 -1.59 -47.12
CA ALA E 254 -19.50 -1.72 -48.28
C ALA E 254 -20.94 -1.40 -47.92
N ASP E 255 -21.44 -1.99 -46.83
CA ASP E 255 -22.77 -1.61 -46.31
C ASP E 255 -22.90 -0.09 -46.31
N GLU E 256 -22.02 0.54 -45.55
CA GLU E 256 -22.02 1.99 -45.41
C GLU E 256 -22.03 2.66 -46.77
N MET E 257 -21.12 2.22 -47.63
CA MET E 257 -21.03 2.80 -48.96
C MET E 257 -22.36 2.71 -49.69
N VAL E 258 -22.90 1.49 -49.78
CA VAL E 258 -24.18 1.25 -50.45
C VAL E 258 -25.20 2.25 -49.95
N GLN E 259 -25.25 2.41 -48.63
CA GLN E 259 -26.18 3.34 -48.01
C GLN E 259 -25.98 4.77 -48.52
N MET E 260 -24.74 5.16 -48.82
CA MET E 260 -24.48 6.55 -49.20
C MET E 260 -24.82 6.83 -50.65
N MET E 261 -24.71 5.81 -51.50
CA MET E 261 -24.88 6.00 -52.93
C MET E 261 -26.28 5.63 -53.39
N LEU E 262 -27.23 5.60 -52.45
CA LEU E 262 -28.60 5.31 -52.78
C LEU E 262 -29.01 6.31 -53.83
N PRO E 263 -29.69 5.84 -54.89
CA PRO E 263 -29.99 6.65 -56.09
C PRO E 263 -31.13 7.65 -55.90
N GLY E 264 -31.18 8.60 -56.83
CA GLY E 264 -32.25 9.58 -56.87
C GLY E 264 -32.28 10.46 -55.64
N GLN E 265 -31.09 10.78 -55.13
CA GLN E 265 -30.96 11.71 -54.02
C GLN E 265 -30.27 13.01 -54.43
N GLU E 266 -29.90 13.10 -55.71
CA GLU E 266 -29.39 14.35 -56.25
C GLU E 266 -28.05 14.82 -55.66
N ILE E 267 -27.23 13.89 -55.14
CA ILE E 267 -25.96 14.30 -54.56
C ILE E 267 -24.94 14.80 -55.59
N ASP E 268 -25.01 14.27 -56.81
CA ASP E 268 -24.08 14.72 -57.85
C ASP E 268 -24.60 15.94 -58.60
N LYS E 269 -25.80 16.39 -58.23
CA LYS E 269 -26.46 17.48 -58.91
C LYS E 269 -25.80 18.80 -58.54
N ALA E 270 -25.88 19.76 -59.45
CA ALA E 270 -25.23 21.05 -59.25
C ALA E 270 -25.81 21.79 -58.05
N ASP E 271 -27.02 22.34 -58.22
CA ASP E 271 -27.67 23.07 -57.13
C ASP E 271 -29.02 22.44 -56.79
N SER E 272 -28.99 21.53 -55.82
CA SER E 272 -30.20 20.83 -55.41
C SER E 272 -30.43 21.20 -53.97
N TYR E 273 -31.53 20.72 -53.40
CA TYR E 273 -31.77 20.88 -51.97
C TYR E 273 -30.92 19.93 -51.13
N MET E 274 -30.53 18.79 -51.73
CA MET E 274 -29.87 17.72 -50.98
C MET E 274 -28.77 18.18 -50.01
N PRO E 275 -27.90 19.11 -50.43
CA PRO E 275 -26.79 19.56 -49.57
C PRO E 275 -27.25 20.20 -48.29
N TYR E 276 -28.46 20.74 -48.27
CA TYR E 276 -28.95 21.43 -47.07
C TYR E 276 -30.00 20.60 -46.34
N LEU E 277 -29.97 19.30 -46.56
CA LEU E 277 -31.00 18.42 -46.01
C LEU E 277 -31.24 18.65 -44.51
N ILE E 278 -30.19 18.94 -43.76
CA ILE E 278 -30.33 19.16 -42.34
C ILE E 278 -30.97 20.52 -41.99
N ASP E 279 -30.43 21.62 -42.51
CA ASP E 279 -30.90 22.94 -42.13
C ASP E 279 -32.29 23.31 -42.67
N PHE E 280 -32.74 22.69 -43.75
CA PHE E 280 -34.12 22.88 -44.17
C PHE E 280 -34.98 21.85 -43.46
N GLY E 281 -34.35 21.08 -42.58
CA GLY E 281 -35.06 20.02 -41.89
C GLY E 281 -35.70 19.00 -42.82
N LEU E 282 -35.10 18.78 -43.98
CA LEU E 282 -35.57 17.69 -44.84
C LEU E 282 -35.34 16.34 -44.18
N SER E 283 -34.34 16.27 -43.32
CA SER E 283 -33.94 15.01 -42.71
C SER E 283 -33.42 15.30 -41.32
N SER E 284 -33.62 14.36 -40.41
CA SER E 284 -33.23 14.59 -39.02
C SER E 284 -32.13 13.62 -38.60
N LYS E 285 -31.83 12.69 -39.50
CA LYS E 285 -30.68 11.81 -39.33
C LYS E 285 -30.10 11.62 -40.71
N SER E 286 -29.02 12.36 -41.00
CA SER E 286 -28.38 12.30 -42.30
C SER E 286 -27.77 10.93 -42.61
N PRO E 287 -28.00 10.43 -43.82
CA PRO E 287 -27.44 9.16 -44.26
C PRO E 287 -25.95 9.29 -44.54
N TYR E 288 -25.49 10.52 -44.73
CA TYR E 288 -24.14 10.78 -45.18
C TYR E 288 -23.23 11.18 -44.04
N SER E 289 -23.77 11.21 -42.84
CA SER E 289 -23.03 11.69 -41.68
C SER E 289 -21.84 10.81 -41.40
N SER E 290 -20.85 11.36 -40.75
CA SER E 290 -19.70 10.58 -40.39
C SER E 290 -20.04 9.54 -39.31
N VAL E 291 -21.01 9.84 -38.47
CA VAL E 291 -21.35 8.92 -37.38
C VAL E 291 -22.23 7.75 -37.85
N LYS E 292 -22.94 7.94 -38.95
CA LYS E 292 -23.72 6.84 -39.47
C LYS E 292 -22.93 6.11 -40.55
N ASN E 293 -21.67 6.54 -40.75
CA ASN E 293 -20.75 5.88 -41.68
C ASN E 293 -19.37 5.61 -41.08
N PRO E 294 -19.33 5.16 -39.81
CA PRO E 294 -18.11 5.10 -38.98
C PRO E 294 -17.03 4.28 -39.66
N ALA E 295 -17.32 3.03 -39.96
CA ALA E 295 -16.37 2.19 -40.65
C ALA E 295 -15.78 2.89 -41.88
N PHE E 296 -16.63 3.35 -42.77
CA PHE E 296 -16.11 4.02 -43.94
C PHE E 296 -15.22 5.15 -43.47
N HIS E 297 -15.81 6.06 -42.70
CA HIS E 297 -15.09 7.21 -42.18
C HIS E 297 -13.68 6.87 -41.68
N PHE E 298 -13.56 5.84 -40.85
CA PHE E 298 -12.26 5.44 -40.36
C PHE E 298 -11.37 4.99 -41.51
N TRP E 299 -11.79 3.96 -42.21
CA TRP E 299 -10.99 3.41 -43.32
C TRP E 299 -10.53 4.51 -44.27
N GLY E 300 -11.45 5.40 -44.63
CA GLY E 300 -11.15 6.39 -45.62
C GLY E 300 -10.10 7.34 -45.10
N GLN E 301 -10.23 7.71 -43.85
CA GLN E 301 -9.36 8.73 -43.32
C GLN E 301 -8.01 8.13 -42.96
N LEU E 302 -8.02 6.93 -42.40
CA LEU E 302 -6.76 6.28 -42.09
C LEU E 302 -5.96 6.14 -43.38
N THR E 303 -6.58 5.58 -44.42
CA THR E 303 -5.90 5.44 -45.69
C THR E 303 -5.32 6.76 -46.16
N ALA E 304 -6.12 7.82 -46.09
CA ALA E 304 -5.66 9.09 -46.64
C ALA E 304 -4.46 9.56 -45.83
N LEU E 305 -4.44 9.23 -44.55
CA LEU E 305 -3.37 9.71 -43.70
C LEU E 305 -2.07 9.03 -44.04
N LEU E 306 -2.11 7.72 -44.25
CA LEU E 306 -0.95 6.98 -44.77
C LEU E 306 -0.47 7.54 -46.10
N LEU E 307 -1.36 8.13 -46.88
CA LEU E 307 -0.99 8.68 -48.16
C LEU E 307 -0.61 10.16 -48.09
N ARG E 308 -0.50 10.67 -46.86
CA ARG E 308 0.02 12.01 -46.57
C ARG E 308 -0.98 13.15 -46.46
N SER E 309 -2.26 12.84 -46.28
CA SER E 309 -3.26 13.89 -46.08
C SER E 309 -2.90 14.69 -44.84
N THR E 310 -3.14 16.00 -44.89
CA THR E 310 -3.00 16.81 -43.69
C THR E 310 -4.37 16.85 -43.03
N ARG E 311 -5.40 17.08 -43.83
CA ARG E 311 -6.77 17.02 -43.34
C ARG E 311 -6.99 15.87 -42.37
N ALA E 312 -6.44 14.72 -42.70
CA ALA E 312 -6.86 13.50 -42.04
C ALA E 312 -6.20 13.23 -40.71
N ARG E 313 -5.16 13.98 -40.35
CA ARG E 313 -4.49 13.68 -39.08
C ARG E 313 -5.37 14.07 -37.89
N ASN E 314 -6.45 14.79 -38.15
CA ASN E 314 -7.29 15.30 -37.08
C ASN E 314 -8.72 14.82 -37.12
N ALA E 315 -9.01 13.89 -38.00
CA ALA E 315 -10.35 13.32 -38.09
C ALA E 315 -10.64 12.55 -36.83
N ARG E 316 -11.92 12.43 -36.50
CA ARG E 316 -12.26 11.74 -35.26
C ARG E 316 -12.26 10.25 -35.44
N GLN E 317 -11.87 9.55 -34.40
CA GLN E 317 -11.82 8.10 -34.44
C GLN E 317 -13.10 7.53 -33.87
N PRO E 318 -13.98 7.06 -34.74
CA PRO E 318 -15.29 6.54 -34.33
C PRO E 318 -15.13 5.47 -33.29
N ASP E 319 -16.20 5.19 -32.53
CA ASP E 319 -16.23 4.06 -31.60
C ASP E 319 -16.98 2.87 -32.22
N ASP E 320 -16.87 1.71 -31.59
CA ASP E 320 -17.67 0.56 -32.02
C ASP E 320 -17.55 0.22 -33.49
N ILE E 321 -16.33 0.28 -34.03
CA ILE E 321 -16.04 -0.28 -35.34
C ILE E 321 -14.93 -1.29 -35.21
N GLU E 322 -14.71 -2.06 -36.27
CA GLU E 322 -13.76 -3.16 -36.22
C GLU E 322 -12.35 -2.68 -36.59
N TYR E 323 -11.64 -2.11 -35.62
CA TYR E 323 -10.39 -1.41 -35.90
C TYR E 323 -9.39 -2.28 -36.60
N THR E 324 -8.92 -3.33 -35.94
CA THR E 324 -7.80 -4.10 -36.52
C THR E 324 -7.97 -4.38 -38.01
N SER E 325 -9.09 -4.97 -38.37
CA SER E 325 -9.34 -5.34 -39.76
C SER E 325 -9.50 -4.09 -40.65
N LEU E 326 -10.22 -3.09 -40.16
CA LEU E 326 -10.38 -1.84 -40.90
C LEU E 326 -9.01 -1.26 -41.27
N THR E 327 -8.08 -1.29 -40.34
CA THR E 327 -6.77 -0.69 -40.60
C THR E 327 -5.85 -1.60 -41.44
N THR E 328 -5.91 -2.91 -41.25
CA THR E 328 -5.17 -3.78 -42.16
C THR E 328 -5.57 -3.48 -43.61
N ALA E 329 -6.87 -3.37 -43.87
CA ALA E 329 -7.39 -3.06 -45.21
C ALA E 329 -6.89 -1.70 -45.68
N GLY E 330 -6.82 -0.73 -44.78
CA GLY E 330 -6.38 0.60 -45.15
C GLY E 330 -4.92 0.59 -45.50
N LEU E 331 -4.11 -0.07 -44.68
CA LEU E 331 -2.69 -0.16 -44.94
C LEU E 331 -2.45 -0.62 -46.35
N LEU E 332 -3.11 -1.73 -46.71
CA LEU E 332 -2.90 -2.39 -47.99
C LEU E 332 -3.19 -1.42 -49.13
N TYR E 333 -4.34 -0.78 -49.06
CA TYR E 333 -4.72 0.21 -50.06
C TYR E 333 -3.63 1.26 -50.17
N ALA E 334 -3.21 1.76 -49.02
CA ALA E 334 -2.23 2.83 -48.97
C ALA E 334 -0.89 2.37 -49.50
N TYR E 335 -0.54 1.12 -49.23
CA TYR E 335 0.73 0.56 -49.68
C TYR E 335 0.71 0.41 -51.19
N ALA E 336 -0.38 -0.13 -51.72
CA ALA E 336 -0.51 -0.31 -53.15
C ALA E 336 -0.31 1.02 -53.86
N VAL E 337 -1.15 1.99 -53.57
CA VAL E 337 -1.04 3.30 -54.19
C VAL E 337 0.32 3.91 -53.92
N GLY E 338 0.88 3.55 -52.76
CA GLY E 338 1.99 4.28 -52.21
C GLY E 338 3.28 3.95 -52.86
N SER E 339 3.33 2.76 -53.44
CA SER E 339 4.54 2.27 -54.06
C SER E 339 4.46 2.28 -55.60
N SER E 340 3.26 2.13 -56.14
CA SER E 340 3.06 2.21 -57.60
C SER E 340 2.71 3.61 -58.11
N ALA E 341 3.73 4.42 -58.44
CA ALA E 341 3.43 5.74 -58.96
C ALA E 341 2.70 5.70 -60.32
N ASP E 342 1.71 6.57 -60.52
CA ASP E 342 1.07 6.67 -61.83
C ASP E 342 2.18 6.67 -62.84
N LEU E 343 3.01 7.72 -62.76
CA LEU E 343 4.22 7.85 -63.56
C LEU E 343 4.09 7.41 -65.01
N ALA E 344 3.84 8.35 -65.90
CA ALA E 344 3.73 8.05 -67.32
C ALA E 344 4.08 9.28 -68.15
N GLN E 345 4.99 9.12 -69.12
CA GLN E 345 5.38 10.25 -69.93
C GLN E 345 4.13 10.90 -70.51
N GLN E 346 4.09 12.23 -70.51
CA GLN E 346 2.87 12.94 -70.89
C GLN E 346 2.98 13.84 -72.12
N PHE E 347 4.12 14.53 -72.27
CA PHE E 347 4.40 15.27 -73.50
C PHE E 347 5.66 14.72 -74.21
N CYS E 348 5.86 15.05 -75.50
CA CYS E 348 7.02 14.53 -76.21
C CYS E 348 7.42 15.35 -77.42
N VAL E 349 8.53 14.98 -78.04
CA VAL E 349 8.99 15.59 -79.29
C VAL E 349 9.32 14.58 -80.40
N GLY E 350 8.40 13.66 -80.69
CA GLY E 350 8.64 12.62 -81.67
C GLY E 350 8.89 11.30 -80.98
N ASP E 351 9.52 11.30 -79.81
CA ASP E 351 10.03 10.05 -79.21
C ASP E 351 9.42 9.72 -77.83
N ASN E 352 8.36 8.91 -77.82
CA ASN E 352 7.72 8.51 -76.56
C ASN E 352 8.54 7.43 -75.88
N LYS E 353 8.21 7.07 -74.65
CA LYS E 353 8.73 5.83 -74.08
C LYS E 353 7.59 4.84 -74.06
N TYR E 354 7.73 3.76 -74.83
CA TYR E 354 6.77 2.66 -74.71
C TYR E 354 7.19 1.79 -73.54
N THR E 355 6.37 1.81 -72.49
CA THR E 355 6.67 1.05 -71.29
C THR E 355 7.19 -0.38 -71.54
N PRO E 356 6.71 -1.05 -72.61
CA PRO E 356 7.20 -2.38 -72.95
C PRO E 356 8.63 -2.71 -72.58
N ASP E 357 8.67 -3.81 -71.82
CA ASP E 357 9.80 -4.62 -71.49
C ASP E 357 9.29 -6.04 -71.74
N ASP E 358 8.40 -6.48 -70.85
CA ASP E 358 7.56 -7.67 -71.00
C ASP E 358 6.57 -7.74 -69.82
N SER E 359 6.31 -6.57 -69.23
CA SER E 359 5.39 -6.37 -68.10
C SER E 359 4.99 -7.61 -67.28
N THR E 360 5.96 -8.44 -66.92
CA THR E 360 5.71 -9.57 -66.01
C THR E 360 6.40 -9.28 -64.66
N GLY E 361 5.84 -9.84 -63.58
CA GLY E 361 6.27 -9.60 -62.21
C GLY E 361 7.71 -9.19 -61.92
N GLY E 362 7.91 -8.53 -60.77
CA GLY E 362 9.21 -7.98 -60.40
C GLY E 362 10.31 -8.98 -60.04
N LEU E 363 10.85 -8.86 -58.83
CA LEU E 363 11.90 -9.75 -58.37
C LEU E 363 11.33 -11.11 -57.96
N THR E 364 11.84 -12.17 -58.57
CA THR E 364 11.27 -13.50 -58.40
C THR E 364 9.78 -13.64 -58.16
N THR E 365 9.42 -14.33 -57.09
CA THR E 365 8.15 -14.20 -56.38
C THR E 365 8.24 -13.18 -55.25
N ASN E 366 7.09 -12.82 -54.68
CA ASN E 366 7.06 -12.00 -53.47
C ASN E 366 7.55 -10.58 -53.72
N ALA E 367 7.78 -10.25 -54.99
CA ALA E 367 7.70 -8.87 -55.45
C ALA E 367 6.23 -8.59 -55.71
N PRO E 368 5.71 -7.48 -55.15
CA PRO E 368 4.28 -7.18 -55.13
C PRO E 368 3.85 -6.59 -56.45
N PRO E 369 2.55 -6.72 -56.76
CA PRO E 369 1.94 -6.40 -58.06
C PRO E 369 2.44 -5.10 -58.65
N GLN E 370 2.27 -4.98 -59.96
CA GLN E 370 2.79 -3.85 -60.69
C GLN E 370 1.95 -2.59 -60.49
N GLY E 371 0.66 -2.67 -60.84
CA GLY E 371 -0.22 -1.52 -60.75
C GLY E 371 -1.06 -1.42 -59.48
N ARG E 372 -2.30 -0.96 -59.66
CA ARG E 372 -3.15 -0.71 -58.52
C ARG E 372 -4.40 -1.51 -58.74
N ASP E 373 -4.26 -2.81 -58.86
CA ASP E 373 -5.46 -3.59 -59.03
C ASP E 373 -5.80 -4.47 -57.83
N VAL E 374 -7.05 -4.34 -57.38
CA VAL E 374 -7.51 -5.05 -56.19
C VAL E 374 -7.24 -6.54 -56.31
N VAL E 375 -7.54 -7.10 -57.47
CA VAL E 375 -7.42 -8.53 -57.60
C VAL E 375 -5.98 -8.98 -57.55
N GLU E 376 -5.10 -8.26 -58.24
CA GLU E 376 -3.69 -8.61 -58.19
C GLU E 376 -3.21 -8.55 -56.75
N TRP E 377 -3.64 -7.53 -56.02
CA TRP E 377 -3.11 -7.33 -54.70
C TRP E 377 -3.68 -8.31 -53.70
N LEU E 378 -5.00 -8.46 -53.73
CA LEU E 378 -5.64 -9.42 -52.84
C LEU E 378 -4.89 -10.75 -52.91
N GLY E 379 -4.65 -11.20 -54.14
CA GLY E 379 -3.91 -12.41 -54.40
C GLY E 379 -2.49 -12.35 -53.86
N TRP E 380 -1.76 -11.30 -54.20
CA TRP E 380 -0.43 -11.14 -53.62
C TRP E 380 -0.49 -11.22 -52.09
N PHE E 381 -1.55 -10.64 -51.51
CA PHE E 381 -1.73 -10.62 -50.05
C PHE E 381 -1.98 -12.02 -49.50
N GLU E 382 -2.90 -12.76 -50.10
CA GLU E 382 -2.98 -14.21 -49.82
C GLU E 382 -1.57 -14.82 -49.75
N ASP E 383 -0.85 -14.78 -50.86
CA ASP E 383 0.53 -15.26 -50.90
C ASP E 383 1.31 -14.88 -49.65
N GLN E 384 1.04 -13.70 -49.09
CA GLN E 384 1.80 -13.23 -47.94
C GLN E 384 1.24 -13.71 -46.61
N ASN E 385 0.41 -14.75 -46.65
CA ASN E 385 -0.28 -15.23 -45.46
C ASN E 385 -1.14 -14.15 -44.85
N ARG E 386 -1.80 -13.36 -45.68
CA ARG E 386 -2.71 -12.32 -45.21
C ARG E 386 -2.22 -11.61 -43.94
N LYS E 387 -0.91 -11.48 -43.80
CA LYS E 387 -0.32 -10.70 -42.69
C LYS E 387 0.66 -9.68 -43.28
N PRO E 388 0.44 -8.41 -42.95
CA PRO E 388 1.27 -7.33 -43.49
C PRO E 388 2.76 -7.69 -43.50
N THR E 389 3.44 -7.47 -44.63
CA THR E 389 4.88 -7.75 -44.70
C THR E 389 5.66 -6.64 -44.01
N PRO E 390 6.96 -6.87 -43.74
CA PRO E 390 7.81 -5.86 -43.09
C PRO E 390 7.90 -4.55 -43.87
N ASP E 391 7.90 -4.61 -45.20
CA ASP E 391 7.94 -3.38 -45.99
C ASP E 391 6.70 -2.52 -45.73
N MET E 392 5.51 -3.09 -45.89
CA MET E 392 4.29 -2.37 -45.57
C MET E 392 4.44 -1.71 -44.20
N MET E 393 4.75 -2.53 -43.21
CA MET E 393 4.97 -2.02 -41.88
C MET E 393 5.96 -0.86 -41.89
N GLN E 394 7.04 -0.99 -42.67
CA GLN E 394 8.00 0.10 -42.77
C GLN E 394 7.36 1.32 -43.41
N TYR E 395 6.58 1.09 -44.45
CA TYR E 395 5.89 2.16 -45.13
C TYR E 395 5.05 2.96 -44.15
N ALA E 396 4.32 2.24 -43.30
CA ALA E 396 3.43 2.87 -42.36
C ALA E 396 4.21 3.71 -41.37
N LYS E 397 5.30 3.15 -40.86
CA LYS E 397 6.12 3.87 -39.89
C LYS E 397 6.59 5.21 -40.46
N ARG E 398 7.17 5.18 -41.67
CA ARG E 398 7.67 6.39 -42.31
C ARG E 398 6.55 7.36 -42.70
N ALA E 399 5.30 6.94 -42.59
CA ALA E 399 4.20 7.85 -42.85
C ALA E 399 3.67 8.51 -41.57
N VAL E 400 3.91 7.89 -40.41
CA VAL E 400 3.31 8.35 -39.17
C VAL E 400 4.31 8.91 -38.17
N MET E 401 5.50 8.34 -38.11
CA MET E 401 6.54 8.99 -37.30
C MET E 401 6.70 10.38 -37.89
N SER E 402 7.27 11.30 -37.14
CA SER E 402 7.44 12.66 -37.64
C SER E 402 6.12 13.44 -37.74
N LEU E 403 5.02 12.80 -37.36
CA LEU E 403 3.79 13.55 -37.08
C LEU E 403 3.86 14.06 -35.66
N GLN E 404 3.61 15.34 -35.45
CA GLN E 404 3.63 15.86 -34.09
C GLN E 404 2.41 16.74 -33.84
N GLY E 405 2.06 16.90 -32.56
CA GLY E 405 0.96 17.75 -32.13
C GLY E 405 -0.42 17.12 -32.20
N LEU E 406 -0.49 15.82 -31.95
CA LEU E 406 -1.70 15.04 -32.21
C LEU E 406 -2.72 15.07 -31.09
N ARG E 407 -3.93 15.52 -31.40
CA ARG E 407 -5.01 15.51 -30.41
C ARG E 407 -5.44 14.06 -30.14
N GLU E 408 -5.88 13.76 -28.92
CA GLU E 408 -6.33 12.39 -28.64
C GLU E 408 -7.73 12.12 -29.17
N LYS E 409 -7.99 10.85 -29.46
CA LYS E 409 -9.20 10.43 -30.15
C LYS E 409 -9.21 10.79 -31.63
N THR E 410 -8.11 11.31 -32.15
CA THR E 410 -8.03 11.53 -33.59
C THR E 410 -7.42 10.31 -34.23
N ILE E 411 -7.69 10.11 -35.52
CA ILE E 411 -7.15 8.92 -36.17
C ILE E 411 -5.71 9.18 -36.57
N GLY E 412 -5.27 10.41 -36.44
CA GLY E 412 -3.86 10.69 -36.46
C GLY E 412 -3.19 9.99 -35.30
N LYS E 413 -3.65 10.24 -34.07
CA LYS E 413 -2.98 9.67 -32.91
C LYS E 413 -3.10 8.18 -32.96
N TYR E 414 -4.23 7.69 -33.44
CA TYR E 414 -4.40 6.25 -33.54
C TYR E 414 -3.31 5.69 -34.43
N ALA E 415 -3.21 6.25 -35.63
CA ALA E 415 -2.25 5.79 -36.59
C ALA E 415 -0.84 5.80 -36.05
N LYS E 416 -0.45 6.86 -35.34
CA LYS E 416 0.92 6.90 -34.87
C LYS E 416 1.20 5.87 -33.80
N SER E 417 0.22 5.55 -32.97
CA SER E 417 0.40 4.53 -31.95
C SER E 417 0.53 3.15 -32.57
N GLU E 418 -0.20 2.92 -33.64
CA GLU E 418 -0.22 1.60 -34.27
C GLU E 418 1.06 1.31 -35.01
N PHE E 419 1.66 2.32 -35.63
CA PHE E 419 2.75 2.07 -36.57
C PHE E 419 4.12 2.56 -36.14
N ASP E 420 4.21 3.73 -35.53
CA ASP E 420 5.50 4.21 -35.03
C ASP E 420 5.63 3.90 -33.55
N LYS E 421 6.09 2.69 -33.24
CA LYS E 421 6.21 2.27 -31.84
C LYS E 421 7.20 3.09 -31.01
U IUM G . -38.78 36.93 -2.91
U IUM H . -11.85 -21.14 -14.43
U IUM I . -1.68 -18.18 -54.17
U IUM J . -2.06 -31.89 -31.41
U IUM K . -28.45 24.39 24.71
U IUM L . 8.00 -26.16 7.74
U IUM M . 12.11 -38.49 -10.00
U IUM N . -3.98 23.31 43.59
U IUM O . 35.94 -20.56 17.52
U IUM P . 35.35 -35.94 1.61
U IUM Q . 25.40 32.52 48.72
U IUM R . 61.90 -6.25 11.65
U IUM S . -30.76 54.47 -27.21
U IUM T . -15.96 -7.06 -40.86
U IUM U . 13.10 -3.04 -69.26
U IUM V . 40.81 8.02 23.83
U IUM W . 16.08 -2.32 23.68
U IUM X . -7.47 -2.82 9.00
U IUM Y . -19.77 5.66 -14.59
U IUM Z . -15.92 21.19 -37.72
#